data_2UY7
#
_entry.id   2UY7
#
_cell.length_a   166.960
_cell.length_b   166.960
_cell.length_c   178.010
_cell.angle_alpha   90.00
_cell.angle_beta   90.00
_cell.angle_gamma   120.00
#
_symmetry.space_group_name_H-M   'P 32 2 1'
#
loop_
_entity.id
_entity.type
_entity.pdbx_description
1 polymer 'PERIPLASMID CHAPERONE PAPD PROTEIN'
2 polymer 'PAP FIMBRIAL MAJOR PILIN PROTEIN'
3 non-polymer 'SULFATE ION'
4 water water
#
loop_
_entity_poly.entity_id
_entity_poly.type
_entity_poly.pdbx_seq_one_letter_code
_entity_poly.pdbx_strand_id
1 'polypeptide(L)'
;AVSLDRTRAVFDGSEKSMTLDISNDNKQLPYLAQAWIENENQEKIITGPVIATPPVQRLEPGAKSMVRLSTTPDISKLPQ
DRESLFYFNLREIPPRSEKANVLQIALQTKIKLFYRPAAIKTRPNEVWQDQLILNKVSGGYRIENPTPYYVTVIGLGGSE
KQAEEGEFETVMLSPRSEQTVKSANYNTPYLSYINDYGGRPVLSFICNGSRCSVKKEK
;
A,C,E,G
2 'polypeptide(L)'
;APTIPQGQGKVTFNNTVVDAPCSISQKSADQSIDFGQLSKSFLEAGGVSKPMDLDIELVNCDITAFKGGNGAKKGTVKLA
FTGPIVNGHSDELDTNGGTGTAIVVQGAGKNVVFDGSEGDANTLKDGENVLHYTAVVKKSSAVGAAVTEGAFSAVANFNL
TYQ
;
B,D,F,H
#
loop_
_chem_comp.id
_chem_comp.type
_chem_comp.name
_chem_comp.formula
SO4 non-polymer 'SULFATE ION' 'O4 S -2'
#
# COMPACT_ATOMS: atom_id res chain seq x y z
N ALA A 1 81.90 8.29 14.88
CA ALA A 1 81.03 9.21 15.67
C ALA A 1 80.97 8.77 17.14
N VAL A 2 80.73 7.48 17.38
CA VAL A 2 80.66 6.97 18.74
C VAL A 2 82.05 6.76 19.31
N SER A 3 82.26 7.13 20.58
CA SER A 3 83.56 6.95 21.19
C SER A 3 83.47 6.54 22.66
N LEU A 4 84.58 5.98 23.13
CA LEU A 4 84.75 5.47 24.49
C LEU A 4 85.54 6.48 25.32
N ASP A 5 85.54 6.33 26.63
CA ASP A 5 86.26 7.24 27.51
C ASP A 5 87.66 6.80 27.97
N ARG A 6 88.03 5.56 27.72
CA ARG A 6 89.37 5.12 28.12
C ARG A 6 89.97 4.09 27.17
N THR A 7 91.30 3.95 27.21
CA THR A 7 91.99 3.00 26.35
C THR A 7 92.14 1.62 26.99
N ARG A 8 91.79 1.52 28.28
CA ARG A 8 91.83 0.25 28.99
C ARG A 8 90.91 0.37 30.22
N ALA A 9 90.35 -0.76 30.62
CA ALA A 9 89.46 -0.75 31.74
C ALA A 9 89.86 -1.77 32.79
N VAL A 10 89.80 -1.34 34.05
CA VAL A 10 90.12 -2.22 35.15
C VAL A 10 88.83 -2.48 35.92
N PHE A 11 88.44 -3.74 36.02
CA PHE A 11 87.23 -4.09 36.73
C PHE A 11 87.60 -4.57 38.14
N ASP A 12 87.29 -3.75 39.13
CA ASP A 12 87.57 -4.08 40.52
C ASP A 12 86.68 -5.21 40.96
N GLY A 13 87.28 -6.35 41.25
CA GLY A 13 86.55 -7.53 41.66
C GLY A 13 85.83 -7.43 42.99
N SER A 14 86.14 -6.40 43.77
CA SER A 14 85.45 -6.25 45.05
C SER A 14 84.06 -5.63 44.81
N GLU A 15 83.81 -5.21 43.57
CA GLU A 15 82.52 -4.64 43.17
C GLU A 15 81.78 -5.62 42.26
N LYS A 16 80.49 -5.38 42.05
CA LYS A 16 79.63 -6.23 41.23
C LYS A 16 79.41 -5.65 39.83
N SER A 17 79.75 -4.38 39.64
CA SER A 17 79.58 -3.75 38.34
C SER A 17 80.25 -2.40 38.30
N MET A 18 80.35 -1.83 37.11
CA MET A 18 80.96 -0.52 36.89
C MET A 18 80.43 -0.01 35.56
N THR A 19 80.58 1.28 35.30
CA THR A 19 80.11 1.83 34.03
C THR A 19 81.23 2.49 33.23
N LEU A 20 81.03 2.55 31.92
CA LEU A 20 81.97 3.15 31.00
C LEU A 20 81.18 4.22 30.25
N ASP A 21 81.73 5.42 30.14
CA ASP A 21 81.02 6.48 29.46
C ASP A 21 81.27 6.45 27.96
N ILE A 22 80.20 6.56 27.18
CA ILE A 22 80.33 6.59 25.72
C ILE A 22 79.72 7.88 25.20
N SER A 23 80.07 8.25 23.97
CA SER A 23 79.58 9.49 23.42
C SER A 23 79.35 9.49 21.91
N ASN A 24 78.37 10.28 21.46
CA ASN A 24 78.12 10.42 20.03
C ASN A 24 78.69 11.80 19.73
N ASP A 25 79.87 11.84 19.14
CA ASP A 25 80.50 13.12 18.84
C ASP A 25 79.99 13.76 17.58
N ASN A 26 78.99 13.14 16.97
CA ASN A 26 78.40 13.68 15.77
C ASN A 26 77.26 14.59 16.23
N LYS A 27 77.19 15.81 15.68
CA LYS A 27 76.14 16.74 16.07
C LYS A 27 74.98 16.82 15.10
N GLN A 28 75.00 16.00 14.06
CA GLN A 28 73.93 16.02 13.06
C GLN A 28 73.05 14.78 13.01
N LEU A 29 73.63 13.61 13.22
CA LEU A 29 72.84 12.37 13.09
C LEU A 29 72.96 11.38 14.23
N PRO A 30 71.93 10.57 14.44
CA PRO A 30 71.95 9.57 15.49
C PRO A 30 72.79 8.37 15.05
N TYR A 31 73.43 7.71 15.99
CA TYR A 31 74.23 6.54 15.68
C TYR A 31 73.90 5.47 16.71
N LEU A 32 73.93 4.21 16.29
CA LEU A 32 73.68 3.09 17.20
C LEU A 32 75.03 2.68 17.76
N ALA A 33 75.05 2.13 18.96
CA ALA A 33 76.29 1.69 19.58
C ALA A 33 76.13 0.30 20.17
N GLN A 34 76.97 -0.64 19.71
CA GLN A 34 76.92 -2.01 20.20
C GLN A 34 78.09 -2.20 21.13
N ALA A 35 77.86 -2.97 22.19
CA ALA A 35 78.90 -3.24 23.15
C ALA A 35 78.87 -4.71 23.51
N TRP A 36 80.04 -5.33 23.67
CA TRP A 36 80.08 -6.73 24.03
C TRP A 36 81.46 -7.10 24.57
N ILE A 37 81.54 -8.25 25.21
CA ILE A 37 82.78 -8.71 25.82
C ILE A 37 83.41 -9.89 25.05
N GLU A 38 84.74 -9.99 25.14
CA GLU A 38 85.46 -11.09 24.51
C GLU A 38 86.40 -11.65 25.57
N ASN A 39 86.70 -12.95 25.48
CA ASN A 39 87.60 -13.60 26.42
C ASN A 39 89.04 -13.26 26.06
N GLU A 40 89.99 -13.84 26.78
CA GLU A 40 91.40 -13.56 26.50
C GLU A 40 91.87 -13.89 25.08
N ASN A 41 91.12 -14.72 24.34
CA ASN A 41 91.50 -15.03 22.97
C ASN A 41 90.67 -14.25 21.97
N GLN A 42 90.06 -13.17 22.44
CA GLN A 42 89.22 -12.32 21.61
C GLN A 42 88.02 -13.01 21.00
N GLU A 43 87.46 -13.96 21.74
CA GLU A 43 86.28 -14.69 21.31
C GLU A 43 85.08 -14.09 22.04
N LYS A 44 84.03 -13.75 21.31
CA LYS A 44 82.82 -13.17 21.89
C LYS A 44 82.28 -14.03 23.02
N ILE A 45 81.88 -13.39 24.11
CA ILE A 45 81.34 -14.08 25.28
C ILE A 45 79.95 -13.49 25.57
N ILE A 46 78.93 -14.33 25.48
CA ILE A 46 77.55 -13.89 25.67
C ILE A 46 76.90 -14.17 27.04
N THR A 47 77.29 -15.27 27.67
CA THR A 47 76.68 -15.61 28.94
C THR A 47 77.55 -15.51 30.17
N GLY A 48 78.48 -14.57 30.20
CA GLY A 48 79.32 -14.40 31.36
C GLY A 48 80.73 -14.90 31.18
N PRO A 49 81.59 -14.80 32.21
CA PRO A 49 81.29 -14.24 33.53
C PRO A 49 81.20 -12.70 33.60
N VAL A 50 81.48 -12.03 32.49
CA VAL A 50 81.41 -10.58 32.45
C VAL A 50 80.40 -10.22 31.36
N ILE A 51 79.48 -9.32 31.69
CA ILE A 51 78.42 -8.90 30.75
C ILE A 51 78.41 -7.40 30.48
N ALA A 52 78.12 -7.03 29.25
CA ALA A 52 78.05 -5.65 28.87
C ALA A 52 76.58 -5.39 28.54
N THR A 53 76.02 -4.37 29.14
CA THR A 53 74.61 -4.03 28.96
C THR A 53 74.48 -2.51 28.81
N PRO A 54 73.70 -2.03 27.83
CA PRO A 54 72.94 -2.81 26.86
C PRO A 54 73.78 -3.24 25.66
N PRO A 55 73.45 -4.39 25.04
CA PRO A 55 74.23 -4.81 23.88
C PRO A 55 74.17 -3.78 22.76
N VAL A 56 73.02 -3.14 22.59
CA VAL A 56 72.86 -2.12 21.55
C VAL A 56 72.01 -0.95 22.07
N GLN A 57 72.32 0.27 21.64
CA GLN A 57 71.54 1.43 22.06
C GLN A 57 71.68 2.56 21.05
N ARG A 58 70.69 3.44 21.02
CA ARG A 58 70.71 4.55 20.08
C ARG A 58 71.22 5.83 20.77
N LEU A 59 72.08 6.57 20.09
CA LEU A 59 72.60 7.80 20.65
C LEU A 59 72.24 8.98 19.74
N GLU A 60 71.36 9.85 20.22
CA GLU A 60 70.97 11.02 19.43
C GLU A 60 72.19 11.91 19.23
N PRO A 61 72.12 12.87 18.30
CA PRO A 61 73.27 13.74 18.08
C PRO A 61 73.80 14.38 19.37
N GLY A 62 75.12 14.28 19.56
CA GLY A 62 75.75 14.85 20.73
C GLY A 62 75.48 14.15 22.04
N ALA A 63 74.60 13.17 22.06
CA ALA A 63 74.27 12.48 23.31
C ALA A 63 75.42 11.77 24.00
N LYS A 64 75.37 11.77 25.33
CA LYS A 64 76.37 11.06 26.13
C LYS A 64 75.56 9.92 26.69
N SER A 65 76.21 8.80 26.98
CA SER A 65 75.49 7.67 27.55
C SER A 65 76.48 6.76 28.24
N MET A 66 76.05 5.55 28.58
CA MET A 66 76.94 4.64 29.26
C MET A 66 76.65 3.18 28.96
N VAL A 67 77.64 2.34 29.21
CA VAL A 67 77.48 0.90 29.06
C VAL A 67 77.87 0.34 30.40
N ARG A 68 77.05 -0.56 30.94
CA ARG A 68 77.40 -1.14 32.23
C ARG A 68 78.08 -2.50 32.08
N LEU A 69 79.11 -2.68 32.89
CA LEU A 69 79.89 -3.89 32.95
C LEU A 69 79.52 -4.59 34.27
N SER A 70 79.00 -5.81 34.20
CA SER A 70 78.65 -6.52 35.43
C SER A 70 79.09 -7.97 35.34
N THR A 71 79.02 -8.69 36.46
CA THR A 71 79.44 -10.09 36.49
C THR A 71 78.33 -11.02 36.93
N THR A 72 78.43 -12.29 36.56
CA THR A 72 77.46 -13.29 36.98
C THR A 72 78.12 -13.97 38.17
N PRO A 73 77.38 -14.83 38.88
CA PRO A 73 77.99 -15.51 40.04
C PRO A 73 79.27 -16.30 39.70
N ASP A 74 79.32 -16.85 38.49
CA ASP A 74 80.48 -17.64 38.08
C ASP A 74 81.80 -16.89 37.98
N ILE A 75 81.76 -15.57 38.11
CA ILE A 75 82.97 -14.77 38.06
C ILE A 75 83.90 -15.25 39.16
N SER A 76 83.34 -15.95 40.15
CA SER A 76 84.12 -16.46 41.27
C SER A 76 85.00 -17.64 40.88
N LYS A 77 84.73 -18.25 39.73
CA LYS A 77 85.52 -19.38 39.26
C LYS A 77 86.89 -18.91 38.82
N LEU A 78 86.99 -17.67 38.33
CA LEU A 78 88.27 -17.15 37.88
C LEU A 78 89.23 -17.16 39.06
N PRO A 79 90.54 -17.32 38.80
CA PRO A 79 91.50 -17.31 39.92
C PRO A 79 91.38 -16.00 40.68
N GLN A 80 91.64 -16.03 41.98
CA GLN A 80 91.50 -14.84 42.79
C GLN A 80 92.81 -14.21 43.24
N ASP A 81 93.93 -14.72 42.71
CA ASP A 81 95.25 -14.23 43.10
C ASP A 81 96.02 -13.63 41.91
N ARG A 82 95.29 -13.36 40.83
CA ARG A 82 95.89 -12.78 39.63
C ARG A 82 94.80 -12.26 38.72
N GLU A 83 95.19 -11.37 37.82
CA GLU A 83 94.25 -10.79 36.89
C GLU A 83 93.85 -11.77 35.80
N SER A 84 92.68 -11.53 35.22
CA SER A 84 92.18 -12.34 34.13
C SER A 84 91.96 -11.34 33.02
N LEU A 85 92.17 -11.78 31.78
CA LEU A 85 92.03 -10.87 30.66
C LEU A 85 90.75 -10.96 29.86
N PHE A 86 90.20 -9.80 29.55
CA PHE A 86 88.99 -9.71 28.73
C PHE A 86 89.18 -8.53 27.79
N TYR A 87 88.26 -8.40 26.85
CA TYR A 87 88.31 -7.27 25.94
C TYR A 87 86.92 -6.67 25.85
N PHE A 88 86.87 -5.35 25.85
CA PHE A 88 85.62 -4.63 25.75
C PHE A 88 85.49 -4.08 24.33
N ASN A 89 84.33 -4.25 23.74
CA ASN A 89 84.13 -3.77 22.39
C ASN A 89 83.00 -2.76 22.23
N LEU A 90 83.26 -1.74 21.42
CA LEU A 90 82.28 -0.70 21.16
C LEU A 90 82.25 -0.43 19.66
N ARG A 91 81.21 -0.89 18.98
CA ARG A 91 81.10 -0.67 17.55
C ARG A 91 79.86 0.15 17.21
N GLU A 92 80.06 1.16 16.37
CA GLU A 92 78.97 2.03 15.96
C GLU A 92 78.30 1.51 14.69
N ILE A 93 77.03 1.86 14.53
CA ILE A 93 76.29 1.49 13.33
C ILE A 93 75.77 2.81 12.80
N PRO A 94 76.42 3.33 11.75
CA PRO A 94 75.99 4.61 11.17
C PRO A 94 74.61 4.54 10.52
N PRO A 95 73.92 5.67 10.45
CA PRO A 95 72.60 5.70 9.84
C PRO A 95 72.71 5.41 8.33
N ARG A 96 71.64 4.87 7.76
CA ARG A 96 71.61 4.57 6.32
C ARG A 96 71.87 5.86 5.55
N SER A 97 72.69 5.79 4.52
CA SER A 97 73.01 6.98 3.73
C SER A 97 71.88 7.44 2.82
N GLU A 98 71.75 8.76 2.70
CA GLU A 98 70.74 9.36 1.85
C GLU A 98 71.16 9.18 0.38
N LYS A 99 72.47 9.32 0.12
CA LYS A 99 73.03 9.18 -1.22
C LYS A 99 72.95 7.76 -1.80
N ALA A 100 73.02 7.66 -3.12
CA ALA A 100 72.91 6.37 -3.83
C ALA A 100 74.15 5.46 -3.79
N ASN A 101 75.15 5.76 -4.62
CA ASN A 101 76.37 4.96 -4.69
C ASN A 101 77.33 5.44 -3.64
N VAL A 102 77.44 4.71 -2.54
CA VAL A 102 78.28 5.18 -1.46
C VAL A 102 78.99 4.11 -0.62
N LEU A 103 80.04 4.55 0.07
CA LEU A 103 80.85 3.71 0.94
C LEU A 103 80.82 4.35 2.34
N GLN A 104 80.43 3.61 3.37
CA GLN A 104 80.40 4.17 4.72
C GLN A 104 81.41 3.48 5.62
N ILE A 105 81.97 4.26 6.54
CA ILE A 105 82.95 3.77 7.50
C ILE A 105 82.28 3.69 8.87
N ALA A 106 82.54 2.60 9.60
CA ALA A 106 81.97 2.42 10.93
C ALA A 106 83.10 2.10 11.88
N LEU A 107 83.31 2.95 12.89
CA LEU A 107 84.39 2.71 13.84
C LEU A 107 84.05 1.66 14.89
N GLN A 108 85.08 0.91 15.29
CA GLN A 108 84.96 -0.10 16.32
C GLN A 108 86.18 0.05 17.22
N THR A 109 85.93 0.28 18.51
CA THR A 109 87.00 0.43 19.47
C THR A 109 87.09 -0.83 20.32
N LYS A 110 88.30 -1.35 20.50
CA LYS A 110 88.50 -2.54 21.30
C LYS A 110 89.60 -2.27 22.33
N ILE A 111 89.29 -2.39 23.60
CA ILE A 111 90.30 -2.14 24.62
C ILE A 111 90.42 -3.33 25.54
N LYS A 112 91.46 -3.32 26.35
CA LYS A 112 91.66 -4.40 27.29
C LYS A 112 90.82 -4.17 28.54
N LEU A 113 90.22 -5.24 29.03
CA LEU A 113 89.42 -5.17 30.25
C LEU A 113 90.06 -6.11 31.27
N PHE A 114 90.72 -5.55 32.26
CA PHE A 114 91.39 -6.37 33.27
C PHE A 114 90.49 -6.66 34.47
N TYR A 115 90.25 -7.94 34.75
CA TYR A 115 89.45 -8.30 35.91
C TYR A 115 90.47 -8.44 37.05
N ARG A 116 90.45 -7.49 37.99
CA ARG A 116 91.38 -7.48 39.13
C ARG A 116 90.67 -7.98 40.40
N PRO A 117 90.89 -9.25 40.80
CA PRO A 117 90.27 -9.83 41.99
C PRO A 117 90.45 -8.97 43.24
N ALA A 118 89.46 -9.03 44.13
CA ALA A 118 89.50 -8.28 45.38
C ALA A 118 90.81 -8.49 46.14
N ALA A 119 91.27 -9.74 46.21
CA ALA A 119 92.49 -10.07 46.92
C ALA A 119 93.72 -9.30 46.46
N ILE A 120 93.67 -8.75 45.25
CA ILE A 120 94.82 -7.99 44.76
C ILE A 120 94.44 -6.56 44.41
N LYS A 121 93.40 -6.06 45.08
CA LYS A 121 92.91 -4.70 44.87
C LYS A 121 94.11 -3.76 45.00
N THR A 122 94.09 -2.69 44.22
CA THR A 122 95.22 -1.78 44.21
C THR A 122 94.89 -0.34 44.67
N ARG A 123 95.88 0.35 45.20
CA ARG A 123 95.72 1.74 45.66
C ARG A 123 95.75 2.70 44.48
N PRO A 124 95.06 3.85 44.61
CA PRO A 124 94.97 4.89 43.57
C PRO A 124 96.20 5.15 42.71
N ASN A 125 97.39 5.23 43.30
CA ASN A 125 98.55 5.45 42.45
C ASN A 125 99.67 4.46 42.71
N GLU A 126 99.27 3.27 43.14
CA GLU A 126 100.19 2.17 43.42
C GLU A 126 100.94 1.75 42.14
N VAL A 127 102.23 1.48 42.30
CA VAL A 127 103.06 1.07 41.18
C VAL A 127 103.65 -0.30 41.47
N TRP A 128 103.32 -1.29 40.64
CA TRP A 128 103.83 -2.64 40.82
C TRP A 128 104.83 -2.99 39.71
N GLN A 129 104.81 -2.20 38.64
CA GLN A 129 105.69 -2.42 37.49
C GLN A 129 107.17 -2.26 37.82
N ASP A 130 107.48 -1.57 38.92
CA ASP A 130 108.87 -1.39 39.30
C ASP A 130 109.38 -2.71 39.87
N GLN A 131 108.56 -3.75 39.77
CA GLN A 131 108.95 -5.06 40.26
C GLN A 131 109.48 -5.90 39.10
N LEU A 132 109.36 -5.38 37.89
CA LEU A 132 109.84 -6.09 36.71
C LEU A 132 111.34 -6.38 36.83
N ILE A 133 111.76 -7.49 36.24
CA ILE A 133 113.15 -7.84 36.28
C ILE A 133 113.67 -8.15 34.88
N LEU A 134 114.89 -7.72 34.61
CA LEU A 134 115.50 -7.95 33.31
C LEU A 134 116.62 -8.97 33.40
N ASN A 135 116.58 -9.95 32.51
CA ASN A 135 117.61 -10.97 32.45
C ASN A 135 118.27 -10.96 31.09
N LYS A 136 119.58 -10.74 31.08
CA LYS A 136 120.31 -10.72 29.83
C LYS A 136 120.32 -12.10 29.23
N VAL A 137 120.04 -12.18 27.95
CA VAL A 137 120.03 -13.44 27.22
C VAL A 137 120.68 -13.13 25.89
N SER A 138 121.13 -14.16 25.22
CA SER A 138 121.78 -13.98 23.92
C SER A 138 120.85 -13.22 22.98
N GLY A 139 121.31 -12.08 22.48
CA GLY A 139 120.49 -11.31 21.56
C GLY A 139 119.44 -10.38 22.17
N GLY A 140 119.38 -10.30 23.51
CA GLY A 140 118.40 -9.42 24.10
C GLY A 140 118.14 -9.58 25.58
N TYR A 141 116.88 -9.46 25.96
CA TYR A 141 116.49 -9.57 27.35
C TYR A 141 115.27 -10.43 27.54
N ARG A 142 115.18 -11.03 28.71
CA ARG A 142 114.01 -11.81 29.05
C ARG A 142 113.40 -10.91 30.11
N ILE A 143 112.22 -10.36 29.82
CA ILE A 143 111.54 -9.49 30.76
C ILE A 143 110.64 -10.32 31.67
N GLU A 144 110.93 -10.28 32.97
CA GLU A 144 110.17 -11.03 33.98
C GLU A 144 109.15 -10.14 34.68
N ASN A 145 107.92 -10.64 34.79
CA ASN A 145 106.86 -9.93 35.49
C ASN A 145 106.43 -10.83 36.63
N PRO A 146 107.02 -10.64 37.81
CA PRO A 146 106.66 -11.46 38.97
C PRO A 146 105.39 -10.98 39.70
N THR A 147 104.66 -10.03 39.15
CA THR A 147 103.46 -9.54 39.82
C THR A 147 102.20 -10.28 39.37
N PRO A 148 101.08 -10.05 40.08
CA PRO A 148 99.79 -10.68 39.76
C PRO A 148 98.99 -9.95 38.69
N TYR A 149 99.57 -8.89 38.11
CA TYR A 149 98.87 -8.12 37.08
C TYR A 149 99.49 -8.24 35.70
N TYR A 150 98.74 -7.82 34.69
CA TYR A 150 99.19 -7.83 33.31
C TYR A 150 100.01 -6.55 33.13
N VAL A 151 101.19 -6.66 32.49
CA VAL A 151 102.04 -5.49 32.28
C VAL A 151 102.31 -5.32 30.78
N THR A 152 102.01 -4.14 30.25
CA THR A 152 102.21 -3.87 28.85
C THR A 152 103.48 -3.05 28.65
N VAL A 153 104.50 -3.68 28.07
CA VAL A 153 105.78 -3.02 27.84
C VAL A 153 105.81 -2.42 26.44
N ILE A 154 106.11 -1.13 26.37
CA ILE A 154 106.14 -0.42 25.09
C ILE A 154 107.50 0.15 24.71
N GLY A 155 108.51 -0.07 25.55
CA GLY A 155 109.82 0.45 25.25
C GLY A 155 110.92 -0.09 26.13
N LEU A 156 112.10 -0.26 25.54
CA LEU A 156 113.29 -0.75 26.24
C LEU A 156 114.49 -0.13 25.54
N GLY A 157 115.28 0.64 26.28
CA GLY A 157 116.43 1.29 25.67
C GLY A 157 117.54 1.61 26.65
N GLY A 158 118.60 2.23 26.14
CA GLY A 158 119.75 2.58 26.97
C GLY A 158 119.57 3.88 27.71
N SER A 159 118.61 4.68 27.25
CA SER A 159 118.32 5.97 27.87
C SER A 159 116.81 6.15 27.94
N GLU A 160 116.39 6.97 28.89
CA GLU A 160 114.97 7.27 29.07
C GLU A 160 114.34 7.70 27.75
N LYS A 161 115.03 8.55 27.00
CA LYS A 161 114.51 9.02 25.74
C LYS A 161 114.29 7.88 24.74
N GLN A 162 115.25 6.95 24.67
CA GLN A 162 115.18 5.82 23.75
C GLN A 162 114.03 4.87 24.12
N ALA A 163 113.81 4.69 25.41
CA ALA A 163 112.73 3.82 25.88
C ALA A 163 111.41 4.41 25.38
N GLU A 164 111.31 5.74 25.46
CA GLU A 164 110.11 6.47 25.05
C GLU A 164 109.86 6.55 23.55
N GLU A 165 110.88 6.90 22.76
CA GLU A 165 110.68 7.04 21.32
C GLU A 165 111.32 5.99 20.41
N GLY A 166 112.07 5.05 20.97
CA GLY A 166 112.73 4.05 20.14
C GLY A 166 111.84 2.94 19.60
N GLU A 167 112.16 2.44 18.42
CA GLU A 167 111.41 1.36 17.80
C GLU A 167 111.31 0.22 18.81
N PHE A 168 110.12 -0.32 18.97
CA PHE A 168 109.92 -1.42 19.91
C PHE A 168 108.59 -2.07 19.65
N GLU A 169 108.56 -3.39 19.63
CA GLU A 169 107.30 -4.10 19.42
C GLU A 169 106.64 -4.33 20.77
N THR A 170 105.55 -3.61 21.01
CA THR A 170 104.80 -3.70 22.25
C THR A 170 104.47 -5.15 22.58
N VAL A 171 104.73 -5.53 23.82
CA VAL A 171 104.44 -6.89 24.27
C VAL A 171 103.79 -6.83 25.66
N MET A 172 102.80 -7.67 25.89
CA MET A 172 102.13 -7.68 27.18
C MET A 172 102.44 -8.95 27.95
N LEU A 173 102.95 -8.80 29.15
CA LEU A 173 103.28 -9.97 29.92
C LEU A 173 102.14 -10.34 30.88
N SER A 174 101.74 -11.60 30.82
CA SER A 174 100.70 -12.09 31.70
C SER A 174 101.26 -12.12 33.12
N PRO A 175 100.38 -12.21 34.12
CA PRO A 175 100.86 -12.25 35.50
C PRO A 175 101.82 -13.42 35.69
N ARG A 176 102.85 -13.21 36.51
CA ARG A 176 103.83 -14.24 36.81
C ARG A 176 104.33 -14.95 35.55
N SER A 177 104.76 -14.18 34.56
CA SER A 177 105.26 -14.76 33.33
C SER A 177 106.41 -13.92 32.81
N GLU A 178 106.92 -14.31 31.65
CA GLU A 178 108.05 -13.60 31.07
C GLU A 178 108.04 -13.69 29.56
N GLN A 179 108.79 -12.81 28.93
CA GLN A 179 108.88 -12.80 27.47
C GLN A 179 110.24 -12.28 27.03
N THR A 180 110.75 -12.87 25.96
CA THR A 180 112.04 -12.48 25.44
C THR A 180 111.91 -11.44 24.33
N VAL A 181 112.80 -10.47 24.32
CA VAL A 181 112.78 -9.44 23.29
C VAL A 181 114.18 -9.23 22.75
N LYS A 182 114.26 -9.01 21.43
CA LYS A 182 115.52 -8.75 20.76
C LYS A 182 115.93 -7.35 21.17
N SER A 183 117.18 -7.15 21.53
CA SER A 183 117.64 -5.83 21.97
C SER A 183 119.15 -5.79 22.11
N ALA A 184 119.69 -4.58 22.14
CA ALA A 184 121.13 -4.40 22.29
C ALA A 184 121.44 -4.41 23.78
N ASN A 185 122.70 -4.61 24.12
CA ASN A 185 123.12 -4.63 25.52
C ASN A 185 123.18 -3.19 26.00
N TYR A 186 122.52 -2.88 27.12
CA TYR A 186 122.55 -1.53 27.67
C TYR A 186 123.06 -1.64 29.09
N ASN A 187 124.06 -0.86 29.46
CA ASN A 187 124.56 -0.97 30.82
C ASN A 187 123.56 -0.35 31.80
N THR A 188 122.72 0.55 31.30
CA THR A 188 121.69 1.20 32.10
C THR A 188 120.35 1.09 31.35
N PRO A 189 119.63 -0.03 31.53
CA PRO A 189 118.35 -0.20 30.83
C PRO A 189 117.20 0.66 31.35
N TYR A 190 116.40 1.17 30.41
CA TYR A 190 115.23 1.96 30.72
C TYR A 190 114.06 1.27 30.02
N LEU A 191 112.98 1.07 30.77
CA LEU A 191 111.80 0.40 30.24
C LEU A 191 110.55 1.26 30.40
N SER A 192 109.67 1.20 29.41
CA SER A 192 108.45 1.97 29.49
C SER A 192 107.23 1.06 29.34
N TYR A 193 106.22 1.31 30.16
CA TYR A 193 104.98 0.51 30.15
C TYR A 193 103.76 1.42 30.18
N ILE A 194 102.58 0.83 29.97
CA ILE A 194 101.33 1.57 30.00
C ILE A 194 100.62 1.25 31.33
N ASN A 195 100.29 2.28 32.11
CA ASN A 195 99.61 2.05 33.40
C ASN A 195 98.09 2.06 33.23
N ASP A 196 97.37 1.87 34.33
CA ASP A 196 95.91 1.81 34.33
C ASP A 196 95.22 3.01 33.68
N TYR A 197 95.87 4.17 33.75
CA TYR A 197 95.30 5.40 33.24
C TYR A 197 95.68 5.71 31.80
N GLY A 198 96.52 4.88 31.20
CA GLY A 198 96.94 5.11 29.83
C GLY A 198 98.22 5.92 29.80
N GLY A 199 98.77 6.16 30.98
CA GLY A 199 100.02 6.89 31.09
C GLY A 199 101.16 5.98 30.71
N ARG A 200 102.31 6.57 30.37
CA ARG A 200 103.47 5.80 29.95
C ARG A 200 104.73 6.13 30.72
N PRO A 201 104.82 5.69 31.98
CA PRO A 201 105.99 5.95 32.81
C PRO A 201 107.23 5.23 32.28
N VAL A 202 108.37 5.52 32.89
CA VAL A 202 109.62 4.90 32.51
C VAL A 202 110.39 4.47 33.74
N LEU A 203 110.83 3.20 33.75
CA LEU A 203 111.60 2.66 34.86
C LEU A 203 113.09 2.66 34.50
N SER A 204 113.92 2.83 35.51
CA SER A 204 115.36 2.86 35.33
C SER A 204 115.98 1.67 36.05
N PHE A 205 116.69 0.82 35.30
CA PHE A 205 117.30 -0.36 35.89
C PHE A 205 118.79 -0.23 36.18
N ILE A 206 119.24 -1.08 37.08
CA ILE A 206 120.63 -1.14 37.48
C ILE A 206 120.96 -2.63 37.38
N CYS A 207 121.86 -2.99 36.47
CA CYS A 207 122.23 -4.39 36.31
C CYS A 207 123.40 -4.84 37.18
N ASN A 208 123.30 -6.07 37.67
CA ASN A 208 124.35 -6.67 38.48
C ASN A 208 124.50 -8.08 37.91
N GLY A 209 125.50 -8.27 37.06
CA GLY A 209 125.70 -9.56 36.45
C GLY A 209 124.82 -9.60 35.22
N SER A 210 123.96 -10.60 35.10
CA SER A 210 123.06 -10.65 33.94
C SER A 210 121.63 -10.35 34.42
N ARG A 211 121.50 -10.00 35.70
CA ARG A 211 120.21 -9.69 36.30
C ARG A 211 120.08 -8.17 36.47
N CYS A 212 118.92 -7.63 36.13
CA CYS A 212 118.70 -6.19 36.27
C CYS A 212 117.38 -5.96 36.99
N SER A 213 117.37 -4.99 37.90
CA SER A 213 116.16 -4.63 38.63
C SER A 213 116.03 -3.11 38.67
N VAL A 214 114.85 -2.61 38.99
CA VAL A 214 114.65 -1.16 39.03
C VAL A 214 115.40 -0.57 40.22
N LYS A 215 116.02 0.59 40.02
CA LYS A 215 116.76 1.21 41.11
C LYS A 215 115.87 1.92 42.13
N LYS A 216 116.16 1.65 43.40
CA LYS A 216 115.42 2.23 44.53
C LYS A 216 115.55 3.75 44.56
N GLU A 217 116.70 4.25 44.50
N GLN B 8 84.96 5.88 38.62
CA GLN B 8 85.87 4.95 37.91
C GLN B 8 86.09 5.44 36.50
N GLY B 9 87.30 5.92 36.24
CA GLY B 9 87.69 6.38 34.91
C GLY B 9 87.16 7.69 34.34
N LYS B 10 85.84 7.77 34.17
CA LYS B 10 85.17 8.97 33.64
C LYS B 10 84.21 9.54 34.70
N VAL B 11 83.92 8.76 35.74
CA VAL B 11 83.06 9.26 36.80
C VAL B 11 83.96 9.67 37.96
N THR B 12 85.23 9.31 37.86
CA THR B 12 86.23 9.65 38.87
C THR B 12 86.93 10.92 38.41
N PHE B 13 87.21 11.81 39.37
CA PHE B 13 87.86 13.08 39.04
C PHE B 13 89.01 13.47 39.96
N ASN B 14 90.16 13.76 39.34
CA ASN B 14 91.36 14.16 40.04
C ASN B 14 92.41 14.56 39.02
N ASN B 15 93.61 14.92 39.49
CA ASN B 15 94.69 15.36 38.61
C ASN B 15 95.17 14.35 37.56
N THR B 16 95.04 13.06 37.84
CA THR B 16 95.51 12.05 36.91
C THR B 16 94.78 12.02 35.59
N VAL B 17 95.49 12.37 34.53
CA VAL B 17 94.94 12.37 33.19
C VAL B 17 94.82 10.93 32.69
N VAL B 18 93.70 10.61 32.05
CA VAL B 18 93.48 9.28 31.48
C VAL B 18 93.28 9.48 29.98
N ASP B 19 94.23 9.04 29.18
CA ASP B 19 94.08 9.24 27.74
C ASP B 19 92.97 8.40 27.15
N ALA B 20 92.35 8.97 26.13
CA ALA B 20 91.19 8.37 25.49
C ALA B 20 91.44 7.73 24.14
N PRO B 21 90.54 6.84 23.71
CA PRO B 21 90.64 6.16 22.42
C PRO B 21 90.25 7.19 21.36
N CYS B 22 90.55 6.93 20.09
CA CYS B 22 90.18 7.90 19.08
C CYS B 22 88.70 7.87 18.74
N SER B 23 88.24 8.99 18.19
CA SER B 23 86.87 9.14 17.73
C SER B 23 87.10 9.58 16.28
N ILE B 24 86.38 8.99 15.33
CA ILE B 24 86.59 9.35 13.93
C ILE B 24 85.44 10.17 13.38
N SER B 25 85.72 10.92 12.32
CA SER B 25 84.70 11.70 11.65
C SER B 25 85.20 12.01 10.26
N GLN B 26 84.29 12.32 9.36
CA GLN B 26 84.62 12.64 7.97
C GLN B 26 83.97 13.95 7.51
N LYS B 27 84.23 14.35 6.28
CA LYS B 27 83.63 15.57 5.76
C LYS B 27 82.10 15.44 5.79
N SER B 28 81.59 14.21 5.65
CA SER B 28 80.14 13.99 5.67
C SER B 28 79.64 13.52 7.03
N ALA B 29 78.39 13.86 7.34
CA ALA B 29 77.81 13.50 8.62
C ALA B 29 77.53 12.02 8.77
N ASP B 30 77.24 11.35 7.67
CA ASP B 30 76.95 9.92 7.74
C ASP B 30 78.18 9.06 7.47
N GLN B 31 79.36 9.67 7.59
CA GLN B 31 80.60 8.97 7.39
C GLN B 31 80.62 8.15 6.10
N SER B 32 80.33 8.84 5.00
CA SER B 32 80.29 8.19 3.70
C SER B 32 81.02 9.01 2.65
N ILE B 33 81.29 8.40 1.52
CA ILE B 33 81.90 9.09 0.38
C ILE B 33 81.01 8.73 -0.80
N ASP B 34 80.63 9.73 -1.57
CA ASP B 34 79.76 9.56 -2.72
C ASP B 34 80.55 9.38 -4.01
N PHE B 35 80.31 8.27 -4.70
CA PHE B 35 81.02 8.01 -5.95
C PHE B 35 80.32 8.63 -7.14
N GLY B 36 79.08 9.07 -6.94
CA GLY B 36 78.32 9.66 -8.03
C GLY B 36 77.91 8.58 -9.00
N GLN B 37 77.16 8.95 -10.03
CA GLN B 37 76.71 7.99 -11.03
C GLN B 37 77.92 7.51 -11.82
N LEU B 38 77.95 6.20 -12.09
CA LEU B 38 79.05 5.63 -12.84
C LEU B 38 78.53 4.98 -14.12
N SER B 39 79.38 4.90 -15.13
CA SER B 39 78.99 4.29 -16.39
C SER B 39 79.12 2.77 -16.36
N LYS B 40 78.01 2.08 -16.61
CA LYS B 40 78.03 0.62 -16.61
C LYS B 40 78.99 0.12 -17.71
N SER B 41 78.93 0.75 -18.88
CA SER B 41 79.76 0.39 -20.03
C SER B 41 81.23 0.49 -19.69
N PHE B 42 81.61 1.60 -19.06
CA PHE B 42 82.99 1.82 -18.67
C PHE B 42 83.44 0.76 -17.65
N LEU B 43 82.62 0.54 -16.63
CA LEU B 43 82.91 -0.45 -15.60
C LEU B 43 82.96 -1.87 -16.19
N GLU B 44 82.02 -2.14 -17.09
CA GLU B 44 81.93 -3.45 -17.72
C GLU B 44 83.15 -3.78 -18.58
N ALA B 45 83.85 -2.75 -19.05
CA ALA B 45 85.04 -2.92 -19.89
C ALA B 45 86.35 -2.98 -19.10
N GLY B 46 86.24 -2.97 -17.77
CA GLY B 46 87.44 -3.01 -16.94
C GLY B 46 87.78 -1.65 -16.40
N GLY B 47 86.92 -0.67 -16.67
CA GLY B 47 87.18 0.69 -16.19
C GLY B 47 87.13 0.82 -14.68
N VAL B 48 87.91 1.76 -14.14
CA VAL B 48 87.94 2.00 -12.70
C VAL B 48 87.57 3.46 -12.46
N SER B 49 86.69 3.71 -11.51
CA SER B 49 86.26 5.08 -11.23
C SER B 49 87.40 5.96 -10.74
N LYS B 50 87.22 7.28 -10.83
CA LYS B 50 88.23 8.23 -10.38
C LYS B 50 88.32 8.11 -8.85
N PRO B 51 89.54 7.98 -8.31
CA PRO B 51 89.73 7.84 -6.86
C PRO B 51 89.14 8.94 -6.01
N MET B 52 88.30 8.54 -5.05
CA MET B 52 87.65 9.44 -4.12
C MET B 52 88.50 9.47 -2.86
N ASP B 53 88.67 10.66 -2.29
CA ASP B 53 89.44 10.77 -1.07
C ASP B 53 88.62 10.20 0.07
N LEU B 54 89.24 9.38 0.89
CA LEU B 54 88.59 8.79 2.06
C LEU B 54 89.43 9.25 3.25
N ASP B 55 89.14 10.44 3.76
CA ASP B 55 89.90 10.97 4.88
C ASP B 55 89.21 10.70 6.20
N ILE B 56 89.96 10.22 7.17
CA ILE B 56 89.40 9.91 8.47
C ILE B 56 90.11 10.76 9.51
N GLU B 57 89.35 11.65 10.13
CA GLU B 57 89.90 12.53 11.16
C GLU B 57 89.88 11.81 12.51
N LEU B 58 91.00 11.85 13.21
CA LEU B 58 91.11 11.22 14.52
C LEU B 58 91.09 12.30 15.58
N VAL B 59 90.03 12.32 16.40
CA VAL B 59 89.92 13.29 17.48
C VAL B 59 89.92 12.61 18.86
N ASN B 60 90.11 13.43 19.89
CA ASN B 60 90.13 12.97 21.29
C ASN B 60 91.36 12.19 21.69
N CYS B 61 92.15 11.75 20.72
CA CYS B 61 93.31 10.95 21.04
C CYS B 61 94.64 11.56 20.66
N ASP B 62 95.70 11.00 21.23
CA ASP B 62 97.05 11.44 20.94
C ASP B 62 97.40 10.68 19.65
N ILE B 63 97.59 11.42 18.55
CA ILE B 63 97.91 10.77 17.29
C ILE B 63 99.34 10.26 17.24
N THR B 64 100.12 10.57 18.27
CA THR B 64 101.50 10.12 18.35
C THR B 64 101.54 8.60 18.52
N ALA B 65 100.78 7.90 17.68
CA ALA B 65 100.69 6.44 17.70
C ALA B 65 100.27 5.91 16.33
N PHE B 66 99.74 6.79 15.49
CA PHE B 66 99.33 6.41 14.14
C PHE B 66 100.38 6.97 13.19
N LYS B 67 101.49 6.25 13.05
CA LYS B 67 102.60 6.70 12.21
C LYS B 67 103.17 7.89 12.95
N GLY B 68 102.69 8.06 14.18
CA GLY B 68 103.12 9.13 15.06
C GLY B 68 103.07 10.55 14.53
N GLY B 69 102.89 11.49 15.45
CA GLY B 69 102.86 12.89 15.09
C GLY B 69 104.23 13.44 15.42
N ASN B 70 104.93 13.96 14.42
CA ASN B 70 106.27 14.50 14.59
C ASN B 70 107.24 13.36 14.94
N GLY B 71 106.93 12.17 14.42
CA GLY B 71 107.77 11.00 14.66
C GLY B 71 107.03 9.77 15.16
N ALA B 72 107.47 9.25 16.30
CA ALA B 72 106.87 8.06 16.91
C ALA B 72 106.99 6.83 16.01
N LYS B 73 107.86 5.91 16.39
CA LYS B 73 108.07 4.68 15.62
C LYS B 73 107.34 3.48 16.23
N LYS B 74 107.04 3.56 17.53
CA LYS B 74 106.34 2.47 18.23
C LYS B 74 104.89 2.33 17.72
N GLY B 75 104.24 1.25 18.13
CA GLY B 75 102.86 1.00 17.73
C GLY B 75 102.03 0.58 18.93
N THR B 76 101.28 1.53 19.48
CA THR B 76 100.45 1.26 20.64
C THR B 76 98.97 0.99 20.28
N VAL B 77 98.63 1.21 19.01
CA VAL B 77 97.27 1.01 18.50
C VAL B 77 97.32 0.28 17.17
N LYS B 78 96.56 -0.81 17.06
CA LYS B 78 96.52 -1.57 15.83
C LYS B 78 95.30 -1.14 15.02
N LEU B 79 95.51 -0.90 13.73
CA LEU B 79 94.46 -0.45 12.82
C LEU B 79 94.08 -1.61 11.88
N ALA B 80 92.82 -1.70 11.47
CA ALA B 80 92.42 -2.79 10.58
C ALA B 80 91.02 -2.62 10.00
N PHE B 81 90.87 -2.93 8.72
CA PHE B 81 89.57 -2.83 8.06
C PHE B 81 88.93 -4.19 7.93
N THR B 82 87.61 -4.24 8.07
CA THR B 82 86.86 -5.48 7.94
C THR B 82 85.62 -5.19 7.13
N GLY B 83 85.18 -6.19 6.37
CA GLY B 83 83.98 -6.01 5.58
C GLY B 83 83.79 -7.21 4.68
N PRO B 84 82.57 -7.40 4.14
CA PRO B 84 82.31 -8.55 3.25
C PRO B 84 83.14 -8.45 1.97
N ILE B 85 84.00 -9.43 1.74
CA ILE B 85 84.86 -9.41 0.56
C ILE B 85 84.27 -10.15 -0.63
N VAL B 86 84.95 -10.04 -1.76
CA VAL B 86 84.54 -10.72 -2.98
C VAL B 86 85.19 -12.10 -2.88
N ASN B 87 84.44 -13.13 -3.24
CA ASN B 87 84.94 -14.49 -3.15
C ASN B 87 86.33 -14.64 -3.78
N GLY B 88 87.33 -14.88 -2.93
CA GLY B 88 88.68 -15.06 -3.40
C GLY B 88 89.50 -13.79 -3.50
N HIS B 89 88.93 -12.64 -3.16
CA HIS B 89 89.67 -11.38 -3.26
C HIS B 89 89.46 -10.51 -2.02
N SER B 90 90.28 -10.74 -1.00
CA SER B 90 90.18 -10.01 0.25
C SER B 90 90.39 -8.50 0.14
N ASP B 91 90.88 -8.03 -0.99
CA ASP B 91 91.11 -6.60 -1.16
C ASP B 91 89.99 -5.93 -1.94
N GLU B 92 88.88 -6.62 -2.08
CA GLU B 92 87.73 -6.10 -2.80
C GLU B 92 86.46 -6.12 -1.96
N LEU B 93 86.10 -4.96 -1.43
CA LEU B 93 84.92 -4.84 -0.60
C LEU B 93 83.69 -5.13 -1.47
N ASP B 94 82.95 -6.18 -1.15
CA ASP B 94 81.77 -6.49 -1.92
C ASP B 94 80.74 -5.38 -1.71
N THR B 95 79.71 -5.32 -2.55
CA THR B 95 78.74 -4.25 -2.46
C THR B 95 77.28 -4.73 -2.40
N ASN B 96 76.36 -3.84 -2.04
CA ASN B 96 74.93 -4.19 -1.99
C ASN B 96 74.29 -3.71 -3.29
N GLY B 97 73.05 -4.13 -3.51
CA GLY B 97 72.32 -3.72 -4.71
C GLY B 97 72.47 -4.62 -5.91
N GLY B 98 73.38 -5.58 -5.85
CA GLY B 98 73.59 -6.49 -6.95
C GLY B 98 74.16 -5.90 -8.24
N THR B 99 74.68 -4.69 -8.17
CA THR B 99 75.24 -4.04 -9.36
C THR B 99 76.46 -4.72 -9.99
N GLY B 100 77.09 -5.65 -9.27
CA GLY B 100 78.26 -6.33 -9.81
C GLY B 100 79.54 -5.57 -9.54
N THR B 101 79.42 -4.45 -8.83
CA THR B 101 80.59 -3.64 -8.52
C THR B 101 81.25 -4.06 -7.22
N ALA B 102 82.50 -3.63 -7.05
CA ALA B 102 83.27 -3.89 -5.84
C ALA B 102 84.08 -2.64 -5.53
N ILE B 103 84.57 -2.52 -4.31
CA ILE B 103 85.33 -1.36 -3.93
C ILE B 103 86.71 -1.69 -3.41
N VAL B 104 87.69 -0.93 -3.88
CA VAL B 104 89.08 -1.09 -3.49
C VAL B 104 89.54 0.22 -2.87
N VAL B 105 90.17 0.11 -1.71
CA VAL B 105 90.68 1.26 -0.98
C VAL B 105 92.20 1.12 -0.94
N GLN B 106 92.91 2.21 -1.20
CA GLN B 106 94.37 2.16 -1.18
C GLN B 106 94.90 3.06 -0.06
N GLY B 107 95.92 2.55 0.65
CA GLY B 107 96.52 3.30 1.74
C GLY B 107 97.80 4.01 1.33
N ALA B 108 98.92 3.55 1.87
CA ALA B 108 100.20 4.17 1.54
C ALA B 108 100.71 3.55 0.25
N GLY B 109 99.87 3.58 -0.78
CA GLY B 109 100.25 2.99 -2.06
C GLY B 109 99.87 1.51 -2.17
N LYS B 110 99.55 0.89 -1.04
CA LYS B 110 99.19 -0.53 -1.02
C LYS B 110 97.69 -0.71 -0.70
N ASN B 111 97.06 -1.68 -1.36
CA ASN B 111 95.64 -1.94 -1.14
C ASN B 111 95.31 -2.40 0.28
N VAL B 112 94.12 -2.03 0.72
CA VAL B 112 93.64 -2.39 2.05
C VAL B 112 92.97 -3.75 1.94
N VAL B 113 93.24 -4.62 2.91
CA VAL B 113 92.62 -5.94 2.91
C VAL B 113 91.48 -5.90 3.93
N PHE B 114 90.31 -6.43 3.57
CA PHE B 114 89.18 -6.43 4.49
C PHE B 114 88.88 -7.74 5.22
N ASP B 115 89.91 -8.46 5.64
CA ASP B 115 89.72 -9.72 6.35
C ASP B 115 90.21 -9.65 7.81
N GLY B 116 90.43 -8.43 8.31
CA GLY B 116 90.87 -8.29 9.68
C GLY B 116 92.36 -8.09 9.90
N SER B 117 93.18 -8.61 8.98
CA SER B 117 94.62 -8.47 9.14
C SER B 117 95.05 -7.02 9.40
N GLU B 118 95.96 -6.85 10.35
CA GLU B 118 96.48 -5.53 10.70
C GLU B 118 96.74 -4.65 9.49
N GLY B 119 96.08 -3.49 9.46
CA GLY B 119 96.25 -2.55 8.36
C GLY B 119 97.52 -1.77 8.58
N ASP B 120 97.71 -0.71 7.81
CA ASP B 120 98.91 0.11 7.94
C ASP B 120 98.68 1.43 8.67
N ALA B 121 99.02 1.45 9.96
CA ALA B 121 98.87 2.66 10.78
C ALA B 121 99.99 3.61 10.39
N ASN B 122 100.06 3.91 9.09
CA ASN B 122 101.09 4.77 8.52
C ASN B 122 100.53 5.67 7.41
N THR B 123 99.24 5.91 7.44
CA THR B 123 98.57 6.74 6.45
C THR B 123 98.30 8.15 6.97
N LEU B 124 98.80 8.44 8.17
CA LEU B 124 98.61 9.74 8.80
C LEU B 124 99.30 10.88 8.06
N LYS B 125 98.51 11.77 7.46
CA LYS B 125 99.02 12.92 6.72
C LYS B 125 99.99 13.73 7.57
N ASP B 126 101.30 13.54 7.32
CA ASP B 126 102.35 14.24 8.05
C ASP B 126 101.92 15.65 8.45
N GLY B 127 101.88 15.91 9.75
CA GLY B 127 101.50 17.23 10.23
C GLY B 127 100.11 17.36 10.81
N GLU B 128 99.16 16.56 10.34
CA GLU B 128 97.79 16.64 10.86
C GLU B 128 97.27 15.37 11.55
N ASN B 129 96.00 15.38 11.89
CA ASN B 129 95.37 14.26 12.57
C ASN B 129 94.41 13.53 11.63
N VAL B 130 94.79 13.42 10.36
CA VAL B 130 93.93 12.76 9.39
C VAL B 130 94.58 11.60 8.65
N LEU B 131 93.86 10.48 8.58
CA LEU B 131 94.33 9.31 7.86
C LEU B 131 93.84 9.46 6.44
N HIS B 132 94.74 9.44 5.47
CA HIS B 132 94.36 9.60 4.07
C HIS B 132 94.35 8.29 3.27
N TYR B 133 93.18 7.94 2.75
CA TYR B 133 93.00 6.76 1.93
C TYR B 133 92.30 7.20 0.66
N THR B 134 92.28 6.31 -0.33
CA THR B 134 91.59 6.61 -1.59
C THR B 134 90.76 5.39 -1.94
N ALA B 135 89.59 5.63 -2.52
CA ALA B 135 88.68 4.55 -2.88
C ALA B 135 88.20 4.64 -4.32
N VAL B 136 88.01 3.49 -4.97
CA VAL B 136 87.52 3.44 -6.35
C VAL B 136 86.54 2.29 -6.54
N VAL B 137 85.67 2.45 -7.52
CA VAL B 137 84.68 1.43 -7.84
C VAL B 137 85.10 0.71 -9.12
N LYS B 138 84.94 -0.60 -9.15
CA LYS B 138 85.28 -1.37 -10.35
C LYS B 138 84.39 -2.58 -10.44
N LYS B 139 84.34 -3.19 -11.62
CA LYS B 139 83.53 -4.37 -11.82
C LYS B 139 84.07 -5.42 -10.86
N SER B 140 83.17 -6.08 -10.12
CA SER B 140 83.60 -7.12 -9.19
C SER B 140 84.49 -8.13 -9.92
N SER B 141 85.51 -8.59 -9.23
CA SER B 141 86.46 -9.56 -9.78
C SER B 141 85.98 -10.99 -9.54
N ALA B 142 84.66 -11.19 -9.53
CA ALA B 142 84.06 -12.49 -9.31
C ALA B 142 83.45 -13.07 -10.59
N VAL B 143 83.74 -14.35 -10.84
CA VAL B 143 83.26 -15.07 -12.02
C VAL B 143 81.84 -14.69 -12.45
N GLY B 144 81.73 -14.17 -13.68
CA GLY B 144 80.44 -13.78 -14.22
C GLY B 144 79.86 -12.53 -13.60
N ALA B 145 80.73 -11.71 -12.98
CA ALA B 145 80.31 -10.48 -12.32
C ALA B 145 79.23 -9.71 -13.09
N ALA B 146 79.59 -9.16 -14.25
CA ALA B 146 78.66 -8.40 -15.08
C ALA B 146 78.08 -7.15 -14.40
N VAL B 147 78.66 -6.00 -14.73
CA VAL B 147 78.20 -4.74 -14.15
C VAL B 147 76.81 -4.39 -14.63
N THR B 148 75.87 -4.35 -13.69
CA THR B 148 74.50 -4.01 -14.00
C THR B 148 74.31 -2.60 -13.47
N GLU B 149 73.23 -1.94 -13.87
CA GLU B 149 72.97 -0.58 -13.43
C GLU B 149 72.26 -0.58 -12.09
N GLY B 150 72.22 0.59 -11.44
CA GLY B 150 71.55 0.69 -10.15
C GLY B 150 72.45 1.24 -9.06
N ALA B 151 71.81 1.64 -7.95
CA ALA B 151 72.54 2.19 -6.83
C ALA B 151 73.18 1.07 -6.00
N PHE B 152 74.31 1.39 -5.39
CA PHE B 152 75.02 0.42 -4.57
C PHE B 152 75.59 1.14 -3.35
N SER B 153 76.01 0.35 -2.38
CA SER B 153 76.56 0.89 -1.15
C SER B 153 77.34 -0.22 -0.48
N ALA B 154 78.21 0.15 0.44
CA ALA B 154 79.00 -0.82 1.17
C ALA B 154 79.41 -0.19 2.49
N VAL B 155 79.57 -1.02 3.50
CA VAL B 155 79.99 -0.55 4.80
C VAL B 155 81.25 -1.28 5.22
N ALA B 156 82.27 -0.52 5.60
CA ALA B 156 83.51 -1.13 6.04
C ALA B 156 83.71 -0.79 7.51
N ASN B 157 84.24 -1.75 8.25
CA ASN B 157 84.50 -1.54 9.66
C ASN B 157 85.95 -1.10 9.85
N PHE B 158 86.14 0.07 10.47
CA PHE B 158 87.48 0.59 10.75
C PHE B 158 87.70 0.21 12.20
N ASN B 159 88.55 -0.79 12.43
CA ASN B 159 88.82 -1.27 13.77
C ASN B 159 90.11 -0.77 14.41
N LEU B 160 89.99 -0.16 15.59
CA LEU B 160 91.14 0.34 16.33
C LEU B 160 91.21 -0.48 17.62
N THR B 161 92.32 -1.17 17.84
CA THR B 161 92.50 -2.00 19.04
C THR B 161 93.65 -1.41 19.83
N TYR B 162 93.44 -1.15 21.12
CA TYR B 162 94.48 -0.52 21.93
C TYR B 162 95.22 -1.44 22.86
N GLN B 163 96.53 -1.30 22.87
CA GLN B 163 97.34 -2.12 23.73
C GLN B 163 97.47 -1.40 25.06
N ALA C 1 27.42 -58.57 38.30
CA ALA C 1 26.52 -57.62 39.03
C ALA C 1 26.46 -57.96 40.53
N VAL C 2 26.24 -59.23 40.82
CA VAL C 2 26.15 -59.69 42.21
C VAL C 2 27.53 -59.89 42.81
N SER C 3 27.75 -59.39 44.03
CA SER C 3 29.04 -59.53 44.67
C SER C 3 28.96 -59.97 46.14
N LEU C 4 30.08 -60.48 46.64
CA LEU C 4 30.21 -60.98 48.02
C LEU C 4 30.97 -59.94 48.83
N ASP C 5 30.93 -60.08 50.15
CA ASP C 5 31.59 -59.13 51.04
C ASP C 5 32.98 -59.52 51.53
N ARG C 6 33.38 -60.77 51.34
CA ARG C 6 34.71 -61.18 51.77
C ARG C 6 35.36 -62.21 50.84
N THR C 7 36.68 -62.33 50.93
CA THR C 7 37.42 -63.30 50.11
C THR C 7 37.59 -64.64 50.81
N ARG C 8 37.22 -64.71 52.07
CA ARG C 8 37.25 -65.96 52.82
C ARG C 8 36.29 -65.85 53.98
N ALA C 9 35.73 -66.97 54.40
CA ALA C 9 34.78 -66.97 55.48
C ALA C 9 35.22 -67.93 56.59
N VAL C 10 35.10 -67.47 57.83
CA VAL C 10 35.46 -68.30 58.97
C VAL C 10 34.18 -68.59 59.73
N PHE C 11 33.84 -69.86 59.87
CA PHE C 11 32.64 -70.23 60.58
C PHE C 11 32.96 -70.70 61.99
N ASP C 12 32.65 -69.86 62.97
CA ASP C 12 32.87 -70.13 64.39
C ASP C 12 31.97 -71.29 64.84
N GLY C 13 32.62 -72.40 65.17
CA GLY C 13 31.89 -73.59 65.61
C GLY C 13 31.12 -73.45 66.92
N SER C 14 31.35 -72.38 67.67
CA SER C 14 30.63 -72.21 68.93
C SER C 14 29.23 -71.70 68.64
N GLU C 15 29.02 -71.20 67.42
CA GLU C 15 27.72 -70.70 66.98
C GLU C 15 27.07 -71.71 66.04
N LYS C 16 25.77 -71.55 65.80
CA LYS C 16 25.06 -72.48 64.93
C LYS C 16 24.78 -71.91 63.54
N SER C 17 25.13 -70.65 63.34
CA SER C 17 24.93 -70.02 62.04
C SER C 17 25.61 -68.66 61.95
N MET C 18 25.77 -68.16 60.72
CA MET C 18 26.37 -66.85 60.50
C MET C 18 25.80 -66.31 59.19
N THR C 19 26.04 -65.03 58.94
CA THR C 19 25.50 -64.39 57.76
C THR C 19 26.59 -63.77 56.89
N LEU C 20 26.35 -63.75 55.58
CA LEU C 20 27.30 -63.16 54.63
C LEU C 20 26.50 -62.17 53.80
N ASP C 21 27.01 -60.96 53.68
CA ASP C 21 26.33 -59.92 52.92
C ASP C 21 26.60 -59.98 51.43
N ILE C 22 25.54 -59.87 50.63
CA ILE C 22 25.68 -59.88 49.19
C ILE C 22 25.05 -58.61 48.64
N SER C 23 25.41 -58.26 47.41
CA SER C 23 24.90 -57.04 46.80
C SER C 23 24.73 -57.11 45.28
N ASN C 24 23.76 -56.36 44.77
CA ASN C 24 23.55 -56.27 43.33
C ASN C 24 24.10 -54.90 43.00
N ASP C 25 25.30 -54.86 42.45
CA ASP C 25 25.90 -53.58 42.14
C ASP C 25 25.40 -52.95 40.84
N ASN C 26 24.41 -53.60 40.21
CA ASN C 26 23.85 -53.06 38.98
C ASN C 26 22.66 -52.20 39.36
N LYS C 27 22.62 -50.96 38.87
CA LYS C 27 21.52 -50.06 39.21
C LYS C 27 20.40 -50.00 38.18
N GLN C 28 20.35 -50.95 37.26
CA GLN C 28 19.31 -50.93 36.26
C GLN C 28 18.47 -52.19 36.17
N LEU C 29 19.08 -53.34 36.43
CA LEU C 29 18.33 -54.58 36.31
C LEU C 29 18.44 -55.52 37.49
N PRO C 30 17.39 -56.33 37.71
CA PRO C 30 17.38 -57.30 38.80
C PRO C 30 18.19 -58.52 38.38
N TYR C 31 18.88 -59.14 39.33
CA TYR C 31 19.71 -60.31 39.08
C TYR C 31 19.40 -61.36 40.14
N LEU C 32 19.45 -62.64 39.76
CA LEU C 32 19.22 -63.68 40.75
C LEU C 32 20.58 -64.09 41.30
N ALA C 33 20.59 -64.60 42.53
CA ALA C 33 21.82 -65.02 43.16
C ALA C 33 21.69 -66.43 43.76
N GLN C 34 22.56 -67.34 43.34
CA GLN C 34 22.51 -68.71 43.85
C GLN C 34 23.68 -68.89 44.80
N ALA C 35 23.45 -69.66 45.86
CA ALA C 35 24.50 -69.91 46.83
C ALA C 35 24.49 -71.37 47.21
N TRP C 36 25.67 -71.96 47.34
CA TRP C 36 25.74 -73.37 47.73
C TRP C 36 27.10 -73.68 48.34
N ILE C 37 27.20 -74.82 48.99
CA ILE C 37 28.41 -75.24 49.66
C ILE C 37 29.11 -76.39 48.94
N GLU C 38 30.44 -76.44 49.02
CA GLU C 38 31.19 -77.54 48.44
C GLU C 38 32.14 -78.06 49.51
N ASN C 39 32.44 -79.36 49.45
CA ASN C 39 33.33 -80.00 50.43
C ASN C 39 34.78 -79.66 50.09
N GLU C 40 35.74 -80.18 50.85
CA GLU C 40 37.15 -79.91 50.61
C GLU C 40 37.60 -80.21 49.19
N ASN C 41 36.93 -81.14 48.51
CA ASN C 41 37.29 -81.49 47.13
C ASN C 41 36.49 -80.67 46.14
N GLN C 42 35.89 -79.58 46.60
CA GLN C 42 35.08 -78.75 45.72
C GLN C 42 33.91 -79.50 45.09
N GLU C 43 33.34 -80.44 45.83
CA GLU C 43 32.19 -81.19 45.35
C GLU C 43 30.95 -80.66 46.09
N LYS C 44 29.92 -80.30 45.34
CA LYS C 44 28.68 -79.76 45.89
C LYS C 44 28.05 -80.64 46.97
N ILE C 45 27.69 -80.07 48.10
CA ILE C 45 27.00 -80.84 49.13
C ILE C 45 25.66 -80.16 49.40
N ILE C 46 24.60 -80.96 49.33
CA ILE C 46 23.26 -80.43 49.51
C ILE C 46 22.61 -80.76 50.85
N THR C 47 23.07 -81.81 51.51
CA THR C 47 22.45 -82.18 52.77
C THR C 47 23.28 -82.05 54.04
N GLY C 48 24.19 -81.09 54.07
CA GLY C 48 24.99 -80.90 55.27
C GLY C 48 26.43 -81.35 55.14
N PRO C 49 27.25 -81.17 56.17
CA PRO C 49 26.95 -80.59 57.48
C PRO C 49 26.81 -79.05 57.51
N VAL C 50 27.10 -78.40 56.39
CA VAL C 50 26.99 -76.96 56.31
C VAL C 50 26.03 -76.65 55.17
N ILE C 51 25.07 -75.76 55.41
CA ILE C 51 24.15 -75.43 54.35
C ILE C 51 24.01 -73.92 54.17
N ALA C 52 23.70 -73.52 52.95
CA ALA C 52 23.53 -72.12 52.63
C ALA C 52 22.07 -71.89 52.26
N THR C 53 21.45 -70.87 52.84
CA THR C 53 20.06 -70.56 52.51
C THR C 53 19.93 -69.05 52.37
N PRO C 54 19.16 -68.59 51.38
CA PRO C 54 18.43 -69.40 50.41
C PRO C 54 19.31 -69.85 49.25
N PRO C 55 19.01 -71.01 48.65
CA PRO C 55 19.84 -71.46 47.52
C PRO C 55 19.79 -70.46 46.36
N VAL C 56 18.64 -69.86 46.14
CA VAL C 56 18.49 -68.86 45.08
C VAL C 56 17.62 -67.69 45.57
N GLN C 57 17.93 -66.48 45.14
CA GLN C 57 17.13 -65.33 45.53
C GLN C 57 17.24 -64.22 44.49
N ARG C 58 16.25 -63.34 44.47
CA ARG C 58 16.22 -62.23 43.53
C ARG C 58 16.71 -60.93 44.17
N LEU C 59 17.57 -60.20 43.47
CA LEU C 59 18.06 -58.95 43.99
C LEU C 59 17.72 -57.80 43.06
N GLU C 60 16.85 -56.91 43.54
CA GLU C 60 16.44 -55.74 42.78
C GLU C 60 17.65 -54.85 42.49
N PRO C 61 17.55 -53.95 41.50
CA PRO C 61 18.70 -53.10 41.21
C PRO C 61 19.20 -52.42 42.49
N GLY C 62 20.52 -52.48 42.70
CA GLY C 62 21.13 -51.87 43.86
C GLY C 62 20.80 -52.48 45.22
N ALA C 63 20.01 -53.55 45.27
CA ALA C 63 19.65 -54.13 46.57
C ALA C 63 20.80 -54.86 47.28
N LYS C 64 20.73 -54.87 48.60
CA LYS C 64 21.70 -55.58 49.41
C LYS C 64 20.88 -56.70 50.02
N SER C 65 21.53 -57.80 50.36
CA SER C 65 20.82 -58.91 50.97
C SER C 65 21.83 -59.80 51.67
N MET C 66 21.40 -60.99 52.06
CA MET C 66 22.31 -61.86 52.75
C MET C 66 22.06 -63.34 52.48
N VAL C 67 23.08 -64.14 52.78
CA VAL C 67 22.96 -65.57 52.63
C VAL C 67 23.35 -66.08 53.99
N ARG C 68 22.57 -67.01 54.52
CA ARG C 68 22.89 -67.55 55.81
C ARG C 68 23.55 -68.92 55.73
N LEU C 69 24.58 -69.06 56.53
CA LEU C 69 25.35 -70.30 56.63
C LEU C 69 25.00 -70.94 57.97
N SER C 70 24.51 -72.17 57.95
CA SER C 70 24.18 -72.84 59.21
C SER C 70 24.59 -74.30 59.13
N THR C 71 24.49 -75.02 60.25
CA THR C 71 24.87 -76.42 60.28
C THR C 71 23.77 -77.38 60.71
N THR C 72 23.94 -78.66 60.37
CA THR C 72 22.99 -79.68 60.77
C THR C 72 23.63 -80.34 61.97
N PRO C 73 22.89 -81.15 62.72
CA PRO C 73 23.46 -81.81 63.91
C PRO C 73 24.77 -82.57 63.64
N ASP C 74 24.89 -83.15 62.44
CA ASP C 74 26.08 -83.90 62.08
C ASP C 74 27.40 -83.13 61.98
N ILE C 75 27.35 -81.81 62.09
CA ILE C 75 28.58 -81.05 62.01
C ILE C 75 29.49 -81.50 63.16
N SER C 76 28.89 -82.13 64.16
CA SER C 76 29.65 -82.60 65.32
C SER C 76 30.58 -83.75 64.99
N LYS C 77 30.33 -84.40 63.85
CA LYS C 77 31.15 -85.53 63.43
C LYS C 77 32.53 -85.05 62.99
N LEU C 78 32.62 -83.80 62.53
CA LEU C 78 33.90 -83.27 62.10
C LEU C 78 34.84 -83.20 63.29
N PRO C 79 36.14 -83.32 63.04
CA PRO C 79 37.10 -83.25 64.15
C PRO C 79 36.92 -81.92 64.89
N GLN C 80 37.11 -81.94 66.21
CA GLN C 80 36.92 -80.74 67.00
C GLN C 80 38.20 -80.07 67.49
N ASP C 81 39.35 -80.56 67.01
CA ASP C 81 40.64 -79.99 67.42
C ASP C 81 41.42 -79.41 66.25
N ARG C 82 40.74 -79.23 65.13
CA ARG C 82 41.38 -78.68 63.93
C ARG C 82 40.31 -78.19 62.98
N GLU C 83 40.67 -77.30 62.07
CA GLU C 83 39.74 -76.78 61.08
C GLU C 83 39.38 -77.80 60.00
N SER C 84 38.24 -77.61 59.38
CA SER C 84 37.78 -78.46 58.28
C SER C 84 37.55 -77.48 57.13
N LEU C 85 37.78 -77.93 55.91
CA LEU C 85 37.63 -77.05 54.77
C LEU C 85 36.37 -77.23 53.95
N PHE C 86 35.81 -76.10 53.54
CA PHE C 86 34.64 -76.08 52.67
C PHE C 86 34.80 -74.93 51.72
N TYR C 87 33.88 -74.82 50.78
CA TYR C 87 33.92 -73.73 49.83
C TYR C 87 32.53 -73.15 49.72
N PHE C 88 32.45 -71.82 49.69
CA PHE C 88 31.17 -71.16 49.55
C PHE C 88 31.11 -70.61 48.14
N ASN C 89 29.96 -70.77 47.49
CA ASN C 89 29.78 -70.30 46.12
C ASN C 89 28.62 -69.31 45.95
N LEU C 90 28.84 -68.30 45.12
CA LEU C 90 27.83 -67.31 44.82
C LEU C 90 27.84 -67.07 43.33
N ARG C 91 26.81 -67.57 42.63
CA ARG C 91 26.72 -67.39 41.20
C ARG C 91 25.50 -66.55 40.85
N GLU C 92 25.67 -65.58 39.97
CA GLU C 92 24.56 -64.72 39.57
C GLU C 92 23.91 -65.29 38.32
N ILE C 93 22.65 -64.91 38.10
CA ILE C 93 21.89 -65.34 36.94
C ILE C 93 21.41 -64.04 36.30
N PRO C 94 22.10 -63.57 35.26
CA PRO C 94 21.62 -62.32 34.66
C PRO C 94 20.28 -62.47 33.98
N PRO C 95 19.54 -61.36 33.82
CA PRO C 95 18.23 -61.43 33.17
C PRO C 95 18.40 -61.66 31.67
N ARG C 96 17.40 -62.29 31.06
CA ARG C 96 17.45 -62.59 29.61
C ARG C 96 17.70 -61.34 28.78
N SER C 97 18.55 -61.47 27.76
CA SER C 97 18.89 -60.35 26.89
C SER C 97 17.72 -59.90 26.03
N GLU C 98 17.60 -58.58 25.88
CA GLU C 98 16.53 -58.00 25.08
C GLU C 98 16.97 -57.86 23.62
N LYS C 99 18.09 -58.50 23.27
CA LYS C 99 18.62 -58.45 21.92
C LYS C 99 18.53 -59.82 21.24
N ALA C 100 19.04 -59.89 20.01
CA ALA C 100 18.99 -61.13 19.22
C ALA C 100 20.19 -62.06 19.42
N ASN C 101 21.24 -61.87 18.63
CA ASN C 101 22.44 -62.71 18.78
C ASN C 101 23.38 -62.05 19.79
N VAL C 102 23.49 -62.69 20.95
CA VAL C 102 24.29 -62.15 22.04
C VAL C 102 24.94 -63.19 22.96
N LEU C 103 26.02 -62.76 23.62
CA LEU C 103 26.73 -63.61 24.57
C LEU C 103 26.62 -62.88 25.91
N GLN C 104 26.27 -63.62 26.96
CA GLN C 104 26.14 -63.06 28.30
C GLN C 104 27.14 -63.67 29.27
N ILE C 105 27.72 -62.83 30.12
CA ILE C 105 28.67 -63.32 31.11
C ILE C 105 28.02 -63.32 32.48
N ALA C 106 28.27 -64.37 33.25
CA ALA C 106 27.72 -64.51 34.58
C ALA C 106 28.81 -64.79 35.61
N LEU C 107 29.01 -63.87 36.54
CA LEU C 107 30.03 -64.02 37.57
C LEU C 107 29.69 -65.12 38.57
N GLN C 108 30.73 -65.80 39.03
CA GLN C 108 30.60 -66.81 40.07
C GLN C 108 31.81 -66.60 40.98
N THR C 109 31.54 -66.40 42.26
CA THR C 109 32.60 -66.19 43.22
C THR C 109 32.68 -67.42 44.10
N LYS C 110 33.90 -67.93 44.30
CA LYS C 110 34.11 -69.10 45.15
C LYS C 110 35.19 -68.74 46.16
N ILE C 111 34.88 -68.90 47.44
CA ILE C 111 35.85 -68.54 48.45
C ILE C 111 35.98 -69.71 49.40
N LYS C 112 37.01 -69.69 50.22
CA LYS C 112 37.21 -70.75 51.18
C LYS C 112 36.36 -70.47 52.41
N LEU C 113 35.80 -71.54 52.96
CA LEU C 113 34.96 -71.46 54.14
C LEU C 113 35.62 -72.33 55.21
N PHE C 114 36.22 -71.73 56.21
CA PHE C 114 36.88 -72.53 57.24
C PHE C 114 35.99 -72.81 58.44
N TYR C 115 35.77 -74.08 58.75
CA TYR C 115 34.96 -74.42 59.91
C TYR C 115 35.92 -74.48 61.10
N ARG C 116 35.79 -73.53 62.03
CA ARG C 116 36.64 -73.46 63.21
C ARG C 116 35.96 -73.99 64.45
N PRO C 117 36.21 -75.26 64.81
CA PRO C 117 35.58 -75.82 66.00
C PRO C 117 35.73 -74.92 67.24
N ALA C 118 34.73 -74.97 68.12
CA ALA C 118 34.73 -74.17 69.34
C ALA C 118 36.02 -74.33 70.14
N ALA C 119 36.47 -75.57 70.29
CA ALA C 119 37.69 -75.84 71.05
C ALA C 119 38.92 -75.06 70.59
N ILE C 120 38.88 -74.54 69.36
CA ILE C 120 40.02 -73.77 68.86
C ILE C 120 39.62 -72.36 68.47
N LYS C 121 38.58 -71.84 69.13
CA LYS C 121 38.11 -70.49 68.84
C LYS C 121 39.27 -69.52 68.97
N THR C 122 39.24 -68.45 68.19
CA THR C 122 40.32 -67.50 68.19
C THR C 122 39.97 -66.07 68.62
N ARG C 123 40.96 -65.35 69.16
CA ARG C 123 40.78 -63.96 69.61
C ARG C 123 40.76 -63.06 68.38
N PRO C 124 40.04 -61.93 68.45
CA PRO C 124 39.92 -60.97 67.35
C PRO C 124 41.17 -60.65 66.54
N ASN C 125 42.33 -60.52 67.17
CA ASN C 125 43.53 -60.22 66.42
C ASN C 125 44.68 -61.20 66.69
N GLU C 126 44.30 -62.41 67.12
CA GLU C 126 45.24 -63.48 67.42
C GLU C 126 46.01 -63.90 66.17
N VAL C 127 47.31 -64.13 66.34
CA VAL C 127 48.16 -64.57 65.23
C VAL C 127 48.78 -65.91 65.57
N TRP C 128 48.51 -66.92 64.75
CA TRP C 128 49.05 -68.25 64.98
C TRP C 128 50.07 -68.61 63.91
N GLN C 129 50.10 -67.82 62.84
CA GLN C 129 51.01 -68.05 61.74
C GLN C 129 52.46 -67.87 62.17
N ASP C 130 52.66 -67.17 63.27
CA ASP C 130 54.00 -66.95 63.75
C ASP C 130 54.56 -68.22 64.37
N GLN C 131 53.81 -69.32 64.26
CA GLN C 131 54.26 -70.60 64.78
C GLN C 131 54.80 -71.44 63.63
N LEU C 132 54.67 -70.92 62.42
CA LEU C 132 55.18 -71.61 61.24
C LEU C 132 56.67 -71.86 61.40
N ILE C 133 57.14 -72.97 60.86
CA ILE C 133 58.55 -73.31 60.96
C ILE C 133 59.10 -73.59 59.58
N LEU C 134 60.36 -73.23 59.38
CA LEU C 134 61.02 -73.46 58.09
C LEU C 134 62.17 -74.45 58.29
N ASN C 135 62.20 -75.50 57.46
CA ASN C 135 63.28 -76.46 57.54
C ASN C 135 63.96 -76.50 56.17
N LYS C 136 65.25 -76.22 56.18
CA LYS C 136 66.07 -76.19 54.98
C LYS C 136 66.20 -77.59 54.41
N VAL C 137 66.07 -77.71 53.10
CA VAL C 137 66.20 -78.98 52.42
C VAL C 137 66.84 -78.71 51.07
N SER C 138 67.24 -79.76 50.38
CA SER C 138 67.88 -79.59 49.10
C SER C 138 66.93 -78.88 48.13
N GLY C 139 67.37 -77.72 47.63
CA GLY C 139 66.58 -76.97 46.67
C GLY C 139 65.55 -75.99 47.21
N GLY C 140 65.39 -75.93 48.52
CA GLY C 140 64.42 -75.01 49.06
C GLY C 140 64.08 -75.21 50.52
N TYR C 141 62.80 -75.03 50.85
CA TYR C 141 62.38 -75.19 52.23
C TYR C 141 61.14 -76.04 52.36
N ARG C 142 60.99 -76.60 53.56
CA ARG C 142 59.84 -77.40 53.90
C ARG C 142 59.14 -76.49 54.90
N ILE C 143 57.98 -75.96 54.51
CA ILE C 143 57.23 -75.09 55.39
C ILE C 143 56.36 -75.95 56.28
N GLU C 144 56.57 -75.85 57.59
CA GLU C 144 55.82 -76.62 58.57
C GLU C 144 54.75 -75.79 59.27
N ASN C 145 53.52 -76.32 59.32
CA ASN C 145 52.41 -75.65 59.98
C ASN C 145 51.93 -76.53 61.13
N PRO C 146 52.46 -76.28 62.33
CA PRO C 146 52.09 -77.05 63.52
C PRO C 146 50.81 -76.57 64.22
N THR C 147 50.04 -75.69 63.57
CA THR C 147 48.81 -75.17 64.17
C THR C 147 47.59 -75.97 63.72
N PRO C 148 46.42 -75.74 64.38
CA PRO C 148 45.20 -76.46 64.01
C PRO C 148 44.41 -75.74 62.92
N TYR C 149 44.99 -74.69 62.34
CA TYR C 149 44.30 -73.92 61.31
C TYR C 149 44.96 -74.04 59.94
N TYR C 150 44.20 -73.71 58.90
CA TYR C 150 44.73 -73.74 57.55
C TYR C 150 45.52 -72.46 57.37
N VAL C 151 46.69 -72.59 56.75
CA VAL C 151 47.54 -71.43 56.50
C VAL C 151 47.82 -71.31 55.01
N THR C 152 47.53 -70.14 54.45
CA THR C 152 47.78 -69.93 53.03
C THR C 152 48.99 -69.03 52.85
N VAL C 153 50.09 -69.63 52.38
CA VAL C 153 51.36 -68.95 52.15
C VAL C 153 51.38 -68.43 50.72
N ILE C 154 51.71 -67.16 50.56
CA ILE C 154 51.72 -66.56 49.24
C ILE C 154 53.06 -65.94 48.88
N GLY C 155 54.06 -66.09 49.74
CA GLY C 155 55.35 -65.52 49.46
C GLY C 155 56.44 -65.96 50.41
N LEU C 156 57.64 -66.11 49.88
CA LEU C 156 58.80 -66.51 50.66
C LEU C 156 60.02 -65.90 49.99
N GLY C 157 60.79 -65.10 50.73
CA GLY C 157 61.96 -64.49 50.15
C GLY C 157 63.03 -64.10 51.14
N GLY C 158 64.07 -63.44 50.63
CA GLY C 158 65.18 -63.00 51.47
C GLY C 158 64.93 -61.69 52.20
N SER C 159 64.00 -60.90 51.68
CA SER C 159 63.64 -59.63 52.30
C SER C 159 62.12 -59.48 52.29
N GLU C 160 61.61 -58.66 53.19
CA GLU C 160 60.19 -58.42 53.28
C GLU C 160 59.62 -58.07 51.91
N LYS C 161 60.33 -57.23 51.16
CA LYS C 161 59.87 -56.84 49.83
C LYS C 161 59.73 -58.05 48.90
N GLN C 162 60.70 -58.96 48.93
CA GLN C 162 60.64 -60.13 48.05
C GLN C 162 59.48 -61.06 48.42
N ALA C 163 59.18 -61.18 49.70
CA ALA C 163 58.08 -62.02 50.14
C ALA C 163 56.79 -61.43 49.57
N GLU C 164 56.66 -60.12 49.62
CA GLU C 164 55.48 -59.45 49.14
C GLU C 164 55.26 -59.52 47.63
N GLU C 165 56.27 -59.19 46.84
CA GLU C 165 56.07 -59.21 45.39
C GLU C 165 56.88 -60.17 44.58
N GLY C 166 57.58 -61.08 45.24
CA GLY C 166 58.37 -62.04 44.50
C GLY C 166 57.51 -63.15 43.91
N GLU C 167 57.91 -63.67 42.75
CA GLU C 167 57.20 -64.77 42.12
C GLU C 167 57.08 -65.89 43.12
N PHE C 168 55.88 -66.43 43.30
CA PHE C 168 55.66 -67.54 44.24
C PHE C 168 54.30 -68.16 44.02
N GLU C 169 54.26 -69.48 43.93
CA GLU C 169 52.98 -70.17 43.74
C GLU C 169 52.37 -70.36 45.12
N THR C 170 51.27 -69.66 45.38
CA THR C 170 50.62 -69.74 46.68
C THR C 170 50.26 -71.19 46.97
N VAL C 171 50.49 -71.61 48.21
CA VAL C 171 50.20 -72.97 48.63
C VAL C 171 49.53 -72.89 49.99
N MET C 172 48.54 -73.75 50.22
CA MET C 172 47.82 -73.77 51.48
C MET C 172 48.14 -75.01 52.30
N LEU C 173 48.65 -74.79 53.50
CA LEU C 173 49.00 -75.90 54.36
C LEU C 173 47.83 -76.27 55.27
N SER C 174 47.47 -77.54 55.23
CA SER C 174 46.41 -78.06 56.07
C SER C 174 46.87 -78.01 57.52
N PRO C 175 45.95 -78.19 58.46
CA PRO C 175 46.36 -78.16 59.88
C PRO C 175 47.36 -79.27 60.17
N ARG C 176 48.38 -78.96 60.97
CA ARG C 176 49.38 -79.95 61.35
C ARG C 176 50.02 -80.66 60.17
N SER C 177 50.35 -79.91 59.12
CA SER C 177 50.95 -80.50 57.93
C SER C 177 52.14 -79.66 57.44
N GLU C 178 52.73 -80.08 56.34
CA GLU C 178 53.86 -79.35 55.78
C GLU C 178 53.85 -79.42 54.26
N GLN C 179 54.64 -78.55 53.66
CA GLN C 179 54.72 -78.44 52.21
C GLN C 179 56.14 -78.04 51.82
N THR C 180 56.67 -78.65 50.76
CA THR C 180 58.01 -78.29 50.33
C THR C 180 57.91 -77.36 49.13
N VAL C 181 58.78 -76.36 49.12
CA VAL C 181 58.81 -75.37 48.05
C VAL C 181 60.23 -75.17 47.52
N LYS C 182 60.35 -74.97 46.20
CA LYS C 182 61.67 -74.74 45.64
C LYS C 182 61.95 -73.28 45.94
N SER C 183 63.16 -73.00 46.37
CA SER C 183 63.54 -71.65 46.73
C SER C 183 65.04 -71.57 46.97
N ALA C 184 65.59 -70.37 46.88
CA ALA C 184 67.01 -70.21 47.12
C ALA C 184 67.19 -70.15 48.63
N ASN C 185 68.43 -70.25 49.09
CA ASN C 185 68.69 -70.19 50.52
C ASN C 185 68.78 -68.74 50.93
N TYR C 186 68.09 -68.37 52.00
CA TYR C 186 68.09 -66.98 52.47
C TYR C 186 68.61 -66.87 53.89
N ASN C 187 69.50 -65.89 54.09
CA ASN C 187 70.09 -65.63 55.41
C ASN C 187 68.94 -65.40 56.38
N THR C 188 68.05 -64.49 56.02
CA THR C 188 66.89 -64.18 56.84
C THR C 188 65.63 -64.38 56.01
N PRO C 189 64.94 -65.51 56.24
CA PRO C 189 63.71 -65.77 55.48
C PRO C 189 62.52 -64.89 55.89
N TYR C 190 61.77 -64.47 54.88
CA TYR C 190 60.57 -63.66 55.07
C TYR C 190 59.44 -64.45 54.39
N LEU C 191 58.33 -64.64 55.11
CA LEU C 191 57.19 -65.37 54.56
C LEU C 191 55.90 -64.56 54.67
N SER C 192 55.09 -64.59 53.63
CA SER C 192 53.83 -63.86 53.62
C SER C 192 52.62 -64.80 53.48
N TYR C 193 51.60 -64.59 54.31
CA TYR C 193 50.39 -65.40 54.27
C TYR C 193 49.13 -64.51 54.27
N ILE C 194 47.97 -65.13 54.07
CA ILE C 194 46.70 -64.41 54.05
C ILE C 194 45.96 -64.72 55.34
N ASN C 195 45.59 -63.69 56.12
CA ASN C 195 44.87 -63.92 57.39
C ASN C 195 43.36 -64.00 57.18
N ASP C 196 42.59 -64.12 58.26
CA ASP C 196 41.14 -64.21 58.13
C ASP C 196 40.49 -63.02 57.43
N TYR C 197 41.10 -61.85 57.52
CA TYR C 197 40.50 -60.67 56.92
C TYR C 197 40.91 -60.40 55.49
N GLY C 198 41.77 -61.25 54.95
CA GLY C 198 42.23 -61.06 53.59
C GLY C 198 43.50 -60.23 53.58
N GLY C 199 44.04 -59.97 54.78
CA GLY C 199 45.27 -59.21 54.87
C GLY C 199 46.46 -60.08 54.50
N ARG C 200 47.59 -59.45 54.23
CA ARG C 200 48.79 -60.17 53.84
C ARG C 200 50.01 -59.80 54.68
N PRO C 201 50.02 -60.19 55.96
CA PRO C 201 51.14 -59.89 56.85
C PRO C 201 52.41 -60.56 56.37
N VAL C 202 53.54 -60.19 56.97
CA VAL C 202 54.81 -60.80 56.60
C VAL C 202 55.56 -61.15 57.86
N LEU C 203 56.04 -62.39 57.93
CA LEU C 203 56.79 -62.87 59.09
C LEU C 203 58.29 -62.87 58.79
N SER C 204 59.08 -62.68 59.83
CA SER C 204 60.53 -62.64 59.71
C SER C 204 61.12 -63.81 60.49
N PHE C 205 61.93 -64.64 59.81
CA PHE C 205 62.54 -65.80 60.47
C PHE C 205 63.99 -65.63 60.91
N ILE C 206 64.36 -66.45 61.88
CA ILE C 206 65.69 -66.51 62.46
C ILE C 206 66.16 -67.96 62.35
N CYS C 207 67.05 -68.25 61.40
CA CYS C 207 67.53 -69.61 61.20
C CYS C 207 68.70 -70.00 62.10
N ASN C 208 68.61 -71.21 62.65
CA ASN C 208 69.62 -71.77 63.52
C ASN C 208 69.89 -73.19 63.02
N GLY C 209 70.85 -73.32 62.11
CA GLY C 209 71.14 -74.63 61.55
C GLY C 209 70.28 -74.81 60.32
N SER C 210 69.46 -75.86 60.30
CA SER C 210 68.58 -76.11 59.17
C SER C 210 67.13 -75.78 59.55
N ARG C 211 66.96 -75.34 60.80
CA ARG C 211 65.65 -74.97 61.34
C ARG C 211 65.48 -73.47 61.45
N CYS C 212 64.32 -72.97 61.04
CA CYS C 212 64.07 -71.53 61.13
C CYS C 212 62.71 -71.31 61.79
N SER C 213 62.66 -70.32 62.67
CA SER C 213 61.42 -69.99 63.37
C SER C 213 61.23 -68.48 63.35
N VAL C 214 60.00 -68.03 63.61
CA VAL C 214 59.68 -66.60 63.61
C VAL C 214 60.41 -65.90 64.76
N LYS C 215 61.01 -64.75 64.47
CA LYS C 215 61.75 -64.01 65.49
C LYS C 215 60.85 -63.36 66.53
N LYS C 216 61.20 -63.54 67.80
CA LYS C 216 60.44 -62.99 68.92
C LYS C 216 60.46 -61.45 68.97
N GLU C 217 61.56 -60.86 69.04
N GLN D 8 29.84 -62.33 64.23
CA GLN D 8 30.44 -63.07 63.08
C GLN D 8 29.82 -62.61 61.76
N GLY D 9 30.67 -62.13 60.86
CA GLY D 9 30.19 -61.68 59.56
C GLY D 9 30.64 -60.27 59.26
N LYS D 10 29.95 -59.62 58.31
CA LYS D 10 30.26 -58.25 57.88
C LYS D 10 29.56 -57.23 58.78
N VAL D 11 29.03 -57.71 59.90
CA VAL D 11 28.36 -56.85 60.86
C VAL D 11 29.44 -56.30 61.81
N THR D 12 30.53 -57.06 61.95
CA THR D 12 31.65 -56.67 62.81
C THR D 12 32.32 -55.44 62.20
N PHE D 13 32.67 -54.48 63.05
CA PHE D 13 33.30 -53.24 62.59
C PHE D 13 34.46 -52.72 63.43
N ASN D 14 35.56 -52.42 62.75
CA ASN D 14 36.77 -51.89 63.37
C ASN D 14 37.79 -51.51 62.29
N ASN D 15 38.92 -50.95 62.73
CA ASN D 15 40.00 -50.53 61.84
C ASN D 15 40.28 -51.52 60.71
N THR D 16 40.42 -52.79 61.08
CA THR D 16 40.73 -53.84 60.13
C THR D 16 39.95 -53.89 58.84
N VAL D 17 40.67 -53.63 57.75
CA VAL D 17 40.12 -53.65 56.40
C VAL D 17 39.88 -55.10 56.00
N VAL D 18 38.83 -55.32 55.21
CA VAL D 18 38.51 -56.66 54.73
C VAL D 18 38.59 -56.67 53.21
N ASP D 19 39.46 -57.52 52.67
CA ASP D 19 39.66 -57.63 51.22
C ASP D 19 38.36 -58.10 50.58
N ALA D 20 37.91 -57.42 49.53
CA ALA D 20 36.67 -57.82 48.88
C ALA D 20 36.90 -58.53 47.55
N PRO D 21 36.01 -59.46 47.19
CA PRO D 21 36.13 -60.18 45.92
C PRO D 21 35.69 -59.23 44.83
N CYS D 22 35.98 -59.54 43.58
CA CYS D 22 35.58 -58.64 42.51
C CYS D 22 34.08 -58.70 42.19
N SER D 23 33.60 -57.61 41.60
CA SER D 23 32.24 -57.49 41.15
C SER D 23 32.45 -57.12 39.68
N ILE D 24 31.77 -57.79 38.77
CA ILE D 24 31.95 -57.49 37.35
C ILE D 24 30.80 -56.70 36.74
N SER D 25 31.09 -56.00 35.66
CA SER D 25 30.08 -55.21 34.95
C SER D 25 30.58 -55.00 33.52
N GLN D 26 29.68 -54.66 32.62
CA GLN D 26 30.05 -54.43 31.23
C GLN D 26 29.35 -53.20 30.68
N LYS D 27 29.47 -52.97 29.38
CA LYS D 27 28.83 -51.83 28.76
C LYS D 27 27.32 -52.04 28.73
N SER D 28 26.88 -53.28 28.58
CA SER D 28 25.44 -53.59 28.54
C SER D 28 24.89 -53.95 29.92
N ALA D 29 23.81 -53.29 30.31
CA ALA D 29 23.16 -53.52 31.60
C ALA D 29 22.90 -54.98 31.92
N ASP D 30 22.73 -55.82 30.92
CA ASP D 30 22.47 -57.22 31.19
C ASP D 30 23.67 -58.13 30.96
N GLN D 31 24.86 -57.54 31.02
CA GLN D 31 26.13 -58.27 30.84
C GLN D 31 26.04 -59.16 29.61
N SER D 32 25.74 -58.51 28.49
CA SER D 32 25.60 -59.19 27.21
C SER D 32 26.29 -58.41 26.09
N ILE D 33 26.52 -59.08 24.97
CA ILE D 33 27.15 -58.45 23.82
C ILE D 33 26.37 -58.91 22.58
N ASP D 34 25.87 -57.96 21.79
CA ASP D 34 25.09 -58.34 20.61
C ASP D 34 25.92 -58.47 19.33
N PHE D 35 25.69 -59.59 18.64
CA PHE D 35 26.39 -59.90 17.41
C PHE D 35 25.73 -59.32 16.16
N GLY D 36 24.48 -58.90 16.26
CA GLY D 36 23.80 -58.33 15.10
C GLY D 36 22.95 -59.32 14.33
N GLN D 37 23.49 -59.86 13.24
CA GLN D 37 22.78 -60.83 12.41
C GLN D 37 23.77 -61.48 11.43
N LEU D 38 23.67 -62.79 11.27
CA LEU D 38 24.59 -63.51 10.39
C LEU D 38 23.89 -64.39 9.34
N SER D 39 24.61 -64.74 8.28
CA SER D 39 24.08 -65.59 7.22
C SER D 39 24.37 -67.06 7.52
N LYS D 40 23.33 -67.90 7.43
CA LYS D 40 23.45 -69.34 7.69
C LYS D 40 24.42 -70.00 6.72
N SER D 41 24.39 -69.56 5.45
CA SER D 41 25.27 -70.12 4.43
C SER D 41 26.69 -69.60 4.64
N PHE D 42 26.82 -68.29 4.77
CA PHE D 42 28.11 -67.64 4.99
C PHE D 42 28.86 -68.38 6.08
N LEU D 43 28.15 -68.64 7.17
CA LEU D 43 28.72 -69.32 8.31
C LEU D 43 28.78 -70.84 8.12
N GLU D 44 27.99 -71.37 7.19
CA GLU D 44 27.98 -72.80 6.93
C GLU D 44 29.35 -73.26 6.43
N ALA D 45 29.99 -72.38 5.66
CA ALA D 45 31.33 -72.64 5.13
C ALA D 45 32.24 -71.56 5.71
N GLY D 46 33.13 -71.97 6.62
CA GLY D 46 34.05 -71.03 7.24
C GLY D 46 33.46 -69.72 7.73
N GLY D 47 33.37 -68.73 6.86
CA GLY D 47 32.82 -67.42 7.18
C GLY D 47 32.63 -67.11 8.66
N VAL D 48 33.49 -66.26 9.20
CA VAL D 48 33.40 -65.90 10.62
C VAL D 48 32.79 -64.52 10.82
N SER D 49 31.97 -64.40 11.86
CA SER D 49 31.31 -63.14 12.17
C SER D 49 32.29 -62.09 12.66
N LYS D 50 31.88 -60.83 12.58
CA LYS D 50 32.73 -59.73 13.04
C LYS D 50 33.10 -59.95 14.50
N PRO D 51 34.34 -59.58 14.88
CA PRO D 51 34.78 -59.75 16.27
C PRO D 51 34.15 -58.69 17.17
N MET D 52 33.63 -59.12 18.31
CA MET D 52 32.98 -58.22 19.25
C MET D 52 33.77 -58.06 20.56
N ASP D 53 33.90 -56.84 21.03
CA ASP D 53 34.62 -56.56 22.27
C ASP D 53 33.85 -57.13 23.45
N LEU D 54 34.54 -57.90 24.29
CA LEU D 54 33.93 -58.49 25.48
C LEU D 54 34.78 -57.99 26.64
N ASP D 55 34.53 -56.75 27.06
CA ASP D 55 35.27 -56.13 28.16
C ASP D 55 34.59 -56.33 29.50
N ILE D 56 35.34 -56.80 30.49
CA ILE D 56 34.81 -57.06 31.80
C ILE D 56 35.47 -56.16 32.83
N GLU D 57 34.72 -55.22 33.39
CA GLU D 57 35.26 -54.31 34.38
C GLU D 57 35.24 -54.94 35.77
N LEU D 58 36.37 -54.90 36.46
CA LEU D 58 36.48 -55.46 37.79
C LEU D 58 36.38 -54.34 38.81
N VAL D 59 35.36 -54.39 39.66
CA VAL D 59 35.18 -53.36 40.67
C VAL D 59 35.22 -53.94 42.08
N ASN D 60 35.37 -53.07 43.08
CA ASN D 60 35.42 -53.46 44.49
C ASN D 60 36.67 -54.22 44.92
N CYS D 61 37.41 -54.77 43.97
CA CYS D 61 38.58 -55.56 44.35
C CYS D 61 39.91 -54.96 44.01
N ASP D 62 40.92 -55.49 44.67
CA ASP D 62 42.31 -55.08 44.46
C ASP D 62 42.75 -55.72 43.13
N ILE D 63 42.79 -54.90 42.08
CA ILE D 63 43.17 -55.35 40.74
C ILE D 63 44.55 -56.01 40.66
N THR D 64 45.31 -55.92 41.75
CA THR D 64 46.66 -56.49 41.82
C THR D 64 46.75 -57.96 41.39
N ALA D 65 46.00 -58.82 42.07
CA ALA D 65 46.01 -60.25 41.79
C ALA D 65 45.86 -60.59 40.30
N PHE D 66 45.13 -59.76 39.57
CA PHE D 66 44.90 -60.01 38.16
C PHE D 66 46.05 -59.64 37.22
N LYS D 67 47.22 -60.21 37.51
CA LYS D 67 48.43 -60.01 36.71
C LYS D 67 48.77 -58.56 36.37
N GLY D 68 48.10 -57.61 37.01
CA GLY D 68 48.37 -56.21 36.73
C GLY D 68 48.74 -55.41 37.96
N GLY D 71 52.33 -54.92 38.35
CA GLY D 71 53.12 -56.14 38.38
C GLY D 71 52.36 -57.31 38.99
N ALA D 72 52.80 -58.53 38.70
CA ALA D 72 52.15 -59.72 39.23
C ALA D 72 53.04 -60.96 39.26
N LYS D 73 52.73 -61.84 40.22
CA LYS D 73 53.46 -63.09 40.41
C LYS D 73 52.91 -63.79 41.65
N LYS D 74 52.06 -63.07 42.39
CA LYS D 74 51.44 -63.59 43.60
C LYS D 74 50.02 -64.12 43.36
N GLY D 75 49.66 -64.31 42.09
CA GLY D 75 48.34 -64.80 41.74
C GLY D 75 47.57 -65.52 42.84
N THR D 76 46.73 -64.77 43.55
CA THR D 76 45.92 -65.32 44.63
C THR D 76 44.47 -65.45 44.18
N VAL D 77 44.23 -65.20 42.89
CA VAL D 77 42.90 -65.32 42.33
C VAL D 77 42.93 -66.09 41.00
N LYS D 78 42.20 -67.20 40.95
CA LYS D 78 42.11 -68.03 39.76
C LYS D 78 40.93 -67.57 38.90
N LEU D 79 41.14 -67.48 37.59
CA LEU D 79 40.11 -67.03 36.67
C LEU D 79 39.81 -68.19 35.72
N ALA D 80 38.56 -68.35 35.31
CA ALA D 80 38.22 -69.44 34.41
C ALA D 80 36.81 -69.36 33.85
N PHE D 81 36.65 -69.73 32.58
CA PHE D 81 35.33 -69.72 31.96
C PHE D 81 34.76 -71.13 31.94
N THR D 82 33.43 -71.21 31.98
CA THR D 82 32.72 -72.47 31.99
C THR D 82 31.46 -72.32 31.18
N GLY D 83 31.05 -73.37 30.51
CA GLY D 83 29.86 -73.30 29.71
C GLY D 83 29.69 -74.55 28.85
N PRO D 84 28.53 -74.75 28.23
CA PRO D 84 28.35 -75.93 27.39
C PRO D 84 29.36 -75.88 26.24
N ILE D 85 30.33 -76.80 26.26
CA ILE D 85 31.40 -76.86 25.25
C ILE D 85 31.21 -77.96 24.20
N VAL D 86 31.31 -77.56 22.92
CA VAL D 86 31.19 -78.48 21.79
C VAL D 86 31.97 -79.79 21.98
N ASN D 87 31.31 -80.90 21.66
CA ASN D 87 31.90 -82.23 21.80
C ASN D 87 33.33 -82.27 21.24
N GLY D 88 34.30 -82.53 22.12
CA GLY D 88 35.69 -82.61 21.71
C GLY D 88 36.38 -81.31 21.33
N HIS D 89 35.82 -80.19 21.76
CA HIS D 89 36.39 -78.88 21.44
C HIS D 89 36.13 -77.88 22.57
N SER D 90 36.82 -78.07 23.68
CA SER D 90 36.66 -77.22 24.85
C SER D 90 37.05 -75.76 24.68
N ASP D 91 37.15 -75.29 23.45
CA ASP D 91 37.47 -73.89 23.24
C ASP D 91 36.41 -73.25 22.37
N GLU D 92 35.22 -73.86 22.37
CA GLU D 92 34.09 -73.36 21.60
C GLU D 92 32.79 -73.47 22.41
N LEU D 93 32.20 -72.32 22.74
CA LEU D 93 30.96 -72.29 23.50
C LEU D 93 29.90 -72.89 22.57
N ASP D 94 29.05 -73.74 23.11
CA ASP D 94 28.05 -74.44 22.29
C ASP D 94 26.57 -74.08 22.43
N THR D 95 25.78 -74.59 21.48
CA THR D 95 24.31 -74.45 21.42
C THR D 95 23.62 -73.13 21.80
N ASN D 96 22.33 -73.26 22.12
CA ASN D 96 21.42 -72.18 22.53
C ASN D 96 21.09 -71.11 21.47
N GLY D 97 19.87 -71.21 20.91
CA GLY D 97 19.42 -70.29 19.89
C GLY D 97 18.78 -71.04 18.73
N GLY D 98 19.04 -72.35 18.67
CA GLY D 98 18.50 -73.16 17.60
C GLY D 98 19.39 -73.18 16.37
N THR D 99 20.41 -74.04 16.37
CA THR D 99 21.32 -74.12 15.24
C THR D 99 22.33 -75.26 15.37
N GLY D 100 23.57 -74.97 14.98
CA GLY D 100 24.67 -75.92 15.04
C GLY D 100 25.97 -75.11 15.05
N THR D 101 25.83 -73.84 15.38
CA THR D 101 26.95 -72.90 15.42
C THR D 101 27.72 -72.95 16.75
N ALA D 102 28.39 -71.84 17.06
CA ALA D 102 29.16 -71.74 18.29
C ALA D 102 29.88 -70.40 18.46
N ILE D 103 30.38 -70.17 19.66
CA ILE D 103 31.09 -68.94 19.98
C ILE D 103 32.49 -69.22 20.48
N VAL D 104 33.44 -68.44 19.97
CA VAL D 104 34.83 -68.57 20.38
C VAL D 104 35.28 -67.23 20.95
N VAL D 105 35.88 -67.29 22.14
CA VAL D 105 36.36 -66.09 22.80
C VAL D 105 37.88 -66.11 22.83
N GLN D 106 38.48 -65.01 22.39
CA GLN D 106 39.93 -64.89 22.36
C GLN D 106 40.44 -63.94 23.44
N GLY D 107 41.46 -64.39 24.16
CA GLY D 107 42.06 -63.57 25.20
C GLY D 107 43.21 -62.74 24.64
N ALA D 108 44.40 -62.93 25.20
CA ALA D 108 45.58 -62.19 24.73
C ALA D 108 46.12 -63.00 23.55
N GLY D 109 45.23 -63.29 22.62
CA GLY D 109 45.57 -64.08 21.46
C GLY D 109 44.99 -65.45 21.73
N LYS D 110 45.55 -66.15 22.70
CA LYS D 110 45.10 -67.49 23.08
C LYS D 110 43.58 -67.56 23.21
N ASN D 111 43.02 -68.66 22.72
CA ASN D 111 41.57 -68.89 22.77
C ASN D 111 41.11 -69.41 24.12
N VAL D 112 40.05 -68.80 24.64
CA VAL D 112 39.49 -69.19 25.92
C VAL D 112 38.87 -70.58 25.85
N VAL D 113 39.19 -71.38 26.87
CA VAL D 113 38.66 -72.73 26.99
C VAL D 113 37.56 -72.71 28.05
N PHE D 114 36.41 -73.33 27.75
CA PHE D 114 35.31 -73.32 28.69
C PHE D 114 35.08 -74.57 29.53
N ASP D 115 36.14 -75.09 30.15
CA ASP D 115 35.99 -76.26 31.00
C ASP D 115 36.57 -75.98 32.39
N GLY D 116 36.48 -74.73 32.81
CA GLY D 116 36.98 -74.35 34.12
C GLY D 116 38.49 -74.47 34.27
N SER D 117 39.22 -74.24 33.19
CA SER D 117 40.67 -74.32 33.24
C SER D 117 41.28 -72.95 33.45
N GLU D 118 42.27 -72.89 34.34
CA GLU D 118 42.97 -71.66 34.67
C GLU D 118 43.21 -70.79 33.44
N GLY D 119 42.44 -69.72 33.30
CA GLY D 119 42.57 -68.81 32.18
C GLY D 119 43.81 -67.92 32.31
N ASP D 120 44.28 -67.40 31.19
CA ASP D 120 45.48 -66.55 31.19
C ASP D 120 45.35 -65.29 32.06
N ALA D 121 44.13 -64.79 32.23
CA ALA D 121 43.91 -63.60 33.04
C ALA D 121 44.90 -62.49 32.76
N ASN D 122 45.62 -62.62 31.65
CA ASN D 122 46.62 -61.65 31.24
C ASN D 122 45.93 -60.46 30.60
N THR D 123 44.74 -60.72 30.07
CA THR D 123 43.92 -59.72 29.39
C THR D 123 43.70 -58.38 30.12
N LEU D 124 44.43 -58.16 31.21
CA LEU D 124 44.28 -56.91 31.96
C LEU D 124 44.95 -55.74 31.26
N LYS D 125 44.13 -54.83 30.70
CA LYS D 125 44.62 -53.66 29.98
C LYS D 125 45.57 -52.80 30.82
N ASP D 126 46.87 -53.11 30.74
CA ASP D 126 47.90 -52.39 31.47
C ASP D 126 47.46 -51.00 31.90
N GLY D 127 47.42 -50.79 33.21
CA GLY D 127 47.02 -49.50 33.75
C GLY D 127 45.60 -49.40 34.29
N GLU D 128 44.68 -50.21 33.78
CA GLU D 128 43.29 -50.14 34.24
C GLU D 128 42.70 -51.42 34.86
N ASN D 129 41.39 -51.38 35.09
CA ASN D 129 40.66 -52.48 35.71
C ASN D 129 39.71 -53.21 34.77
N VAL D 130 40.06 -53.30 33.50
CA VAL D 130 39.20 -53.96 32.53
C VAL D 130 39.87 -55.15 31.85
N LEU D 131 39.20 -56.31 31.88
CA LEU D 131 39.73 -57.49 31.22
C LEU D 131 39.21 -57.42 29.79
N HIS D 132 40.11 -57.53 28.82
CA HIS D 132 39.69 -57.43 27.43
C HIS D 132 39.71 -58.75 26.69
N TYR D 133 38.53 -59.13 26.17
CA TYR D 133 38.40 -60.36 25.41
C TYR D 133 37.69 -60.04 24.12
N THR D 134 37.71 -60.98 23.20
CA THR D 134 37.07 -60.82 21.90
C THR D 134 36.27 -62.07 21.60
N ALA D 135 35.06 -61.88 21.07
CA ALA D 135 34.22 -63.03 20.74
C ALA D 135 33.69 -62.96 19.32
N VAL D 136 33.52 -64.12 18.71
CA VAL D 136 32.99 -64.24 17.35
C VAL D 136 32.16 -65.51 17.23
N VAL D 137 31.29 -65.54 16.23
CA VAL D 137 30.45 -66.71 16.01
C VAL D 137 30.88 -67.42 14.72
N LYS D 138 30.81 -68.74 14.74
CA LYS D 138 31.19 -69.56 13.58
C LYS D 138 30.60 -70.98 13.68
N LYS D 139 30.54 -71.69 12.57
CA LYS D 139 30.01 -73.05 12.58
C LYS D 139 30.81 -73.88 13.58
N SER D 140 30.16 -74.85 14.19
CA SER D 140 30.83 -75.70 15.17
C SER D 140 31.77 -76.67 14.48
N SER D 141 32.92 -76.90 15.08
CA SER D 141 33.89 -77.83 14.49
C SER D 141 33.58 -79.23 15.00
N ALA D 142 32.32 -79.47 15.36
CA ALA D 142 31.93 -80.79 15.84
C ALA D 142 31.73 -81.72 14.64
N VAL D 143 32.21 -82.96 14.76
CA VAL D 143 32.09 -83.95 13.70
C VAL D 143 30.66 -84.08 13.15
N GLY D 144 30.42 -83.50 11.97
CA GLY D 144 29.11 -83.56 11.36
C GLY D 144 28.30 -82.30 11.52
N ALA D 145 28.83 -81.37 12.31
CA ALA D 145 28.15 -80.10 12.56
C ALA D 145 27.58 -79.46 11.29
N ALA D 146 26.30 -79.12 11.34
CA ALA D 146 25.62 -78.50 10.20
C ALA D 146 24.81 -77.29 10.68
N VAL D 147 25.05 -76.15 10.07
CA VAL D 147 24.36 -74.92 10.45
C VAL D 147 22.94 -74.79 9.96
N THR D 148 22.11 -74.11 10.75
CA THR D 148 20.71 -73.84 10.43
C THR D 148 20.45 -72.39 10.84
N GLU D 149 19.21 -71.93 10.71
CA GLU D 149 18.93 -70.53 11.05
C GLU D 149 18.21 -70.26 12.38
N GLY D 150 18.08 -68.98 12.71
CA GLY D 150 17.42 -68.55 13.94
C GLY D 150 18.04 -67.30 14.56
N ALA D 151 18.10 -67.26 15.89
CA ALA D 151 18.70 -66.13 16.65
C ALA D 151 19.66 -66.79 17.65
N PHE D 152 20.80 -66.16 17.92
CA PHE D 152 21.76 -66.79 18.83
C PHE D 152 21.89 -66.25 20.25
N SER D 153 21.99 -67.17 21.22
CA SER D 153 22.17 -66.81 22.63
C SER D 153 22.94 -67.89 23.37
N ALA D 154 23.83 -67.48 24.27
CA ALA D 154 24.61 -68.42 25.06
C ALA D 154 25.06 -67.73 26.33
N VAL D 155 25.26 -68.50 27.39
CA VAL D 155 25.72 -67.93 28.64
C VAL D 155 26.97 -68.62 29.13
N ALA D 156 27.98 -67.81 29.44
CA ALA D 156 29.24 -68.33 29.92
C ALA D 156 29.45 -67.89 31.37
N ASN D 157 29.94 -68.82 32.17
CA ASN D 157 30.23 -68.58 33.56
C ASN D 157 31.65 -68.05 33.71
N PHE D 158 31.78 -66.88 34.32
CA PHE D 158 33.09 -66.27 34.56
C PHE D 158 33.39 -66.59 36.03
N ASN D 159 34.23 -67.60 36.27
CA ASN D 159 34.58 -68.05 37.61
C ASN D 159 35.84 -67.43 38.23
N LEU D 160 35.69 -66.80 39.39
CA LEU D 160 36.82 -66.23 40.11
C LEU D 160 36.89 -66.97 41.44
N THR D 161 37.92 -67.80 41.60
CA THR D 161 38.11 -68.58 42.82
C THR D 161 39.25 -67.93 43.58
N TYR D 162 39.01 -67.64 44.86
CA TYR D 162 40.00 -66.97 45.70
C TYR D 162 40.71 -67.92 46.65
N GLN D 163 41.99 -67.70 46.86
CA GLN D 163 42.69 -68.56 47.80
C GLN D 163 43.03 -67.78 49.04
N ALA E 1 -39.08 73.68 -30.23
CA ALA E 1 -38.64 73.58 -28.80
C ALA E 1 -38.06 72.20 -28.48
N VAL E 2 -38.80 71.14 -28.77
CA VAL E 2 -38.35 69.78 -28.50
C VAL E 2 -37.37 69.37 -29.58
N SER E 3 -36.30 68.68 -29.19
CA SER E 3 -35.29 68.24 -30.15
C SER E 3 -34.82 66.83 -29.82
N LEU E 4 -34.29 66.15 -30.83
CA LEU E 4 -33.80 64.77 -30.73
C LEU E 4 -32.28 64.77 -30.67
N ASP E 5 -31.68 63.65 -30.27
CA ASP E 5 -30.22 63.60 -30.15
C ASP E 5 -29.42 63.05 -31.33
N ARG E 6 -30.08 62.44 -32.31
CA ARG E 6 -29.36 61.92 -33.47
C ARG E 6 -30.17 62.10 -34.75
N THR E 7 -29.49 61.99 -35.89
CA THR E 7 -30.11 62.16 -37.21
C THR E 7 -30.46 60.81 -37.82
N ARG E 8 -30.02 59.76 -37.16
CA ARG E 8 -30.32 58.40 -37.61
C ARG E 8 -30.12 57.48 -36.43
N ALA E 9 -30.89 56.41 -36.38
CA ALA E 9 -30.76 55.46 -35.29
C ALA E 9 -30.54 54.05 -35.80
N VAL E 10 -29.69 53.33 -35.08
CA VAL E 10 -29.39 51.94 -35.40
C VAL E 10 -29.90 51.09 -34.24
N PHE E 11 -30.82 50.19 -34.52
CA PHE E 11 -31.35 49.34 -33.46
C PHE E 11 -30.63 48.00 -33.50
N ASP E 12 -29.78 47.75 -32.51
CA ASP E 12 -29.03 46.51 -32.42
C ASP E 12 -29.97 45.35 -32.08
N GLY E 13 -30.13 44.45 -33.05
CA GLY E 13 -31.01 43.31 -32.87
C GLY E 13 -30.62 42.33 -31.78
N SER E 14 -29.38 42.43 -31.29
CA SER E 14 -28.96 41.52 -30.23
C SER E 14 -29.57 41.99 -28.91
N GLU E 15 -30.09 43.21 -28.88
CA GLU E 15 -30.74 43.75 -27.68
C GLU E 15 -32.25 43.80 -27.91
N LYS E 16 -33.02 44.03 -26.86
CA LYS E 16 -34.47 44.09 -26.99
C LYS E 16 -35.03 45.50 -26.92
N SER E 17 -34.16 46.47 -26.67
CA SER E 17 -34.60 47.85 -26.60
C SER E 17 -33.41 48.78 -26.60
N MET E 18 -33.70 50.07 -26.76
CA MET E 18 -32.68 51.10 -26.77
C MET E 18 -33.36 52.38 -26.36
N THR E 19 -32.58 53.40 -26.08
CA THR E 19 -33.16 54.64 -25.63
C THR E 19 -32.66 55.79 -26.49
N LEU E 20 -33.47 56.83 -26.60
CA LEU E 20 -33.16 58.02 -27.40
C LEU E 20 -33.38 59.25 -26.51
N ASP E 21 -32.40 60.15 -26.44
CA ASP E 21 -32.54 61.34 -25.60
C ASP E 21 -33.27 62.47 -26.32
N ILE E 22 -34.21 63.09 -25.62
CA ILE E 22 -34.95 64.20 -26.20
C ILE E 22 -34.84 65.36 -25.23
N SER E 23 -35.04 66.56 -25.74
CA SER E 23 -34.90 67.74 -24.91
C SER E 23 -35.88 68.86 -25.26
N ASN E 24 -36.23 69.66 -24.26
CA ASN E 24 -37.10 70.80 -24.50
C ASN E 24 -36.14 71.96 -24.34
N ASP E 25 -35.66 72.49 -25.46
CA ASP E 25 -34.72 73.59 -25.40
C ASP E 25 -35.34 74.94 -25.07
N ASN E 26 -36.66 74.96 -24.91
CA ASN E 26 -37.36 76.19 -24.57
C ASN E 26 -37.25 76.37 -23.05
N LYS E 27 -36.77 77.54 -22.64
CA LYS E 27 -36.57 77.82 -21.21
C LYS E 27 -37.74 78.49 -20.51
N GLN E 28 -38.84 78.73 -21.22
CA GLN E 28 -39.97 79.40 -20.60
C GLN E 28 -41.29 78.64 -20.55
N LEU E 29 -41.54 77.79 -21.54
CA LEU E 29 -42.81 77.08 -21.57
C LEU E 29 -42.71 75.57 -21.71
N PRO E 30 -43.75 74.84 -21.30
CA PRO E 30 -43.77 73.38 -21.38
C PRO E 30 -44.23 72.99 -22.79
N TYR E 31 -43.72 71.86 -23.28
CA TYR E 31 -44.12 71.37 -24.59
C TYR E 31 -44.40 69.87 -24.49
N LEU E 32 -45.33 69.41 -25.31
CA LEU E 32 -45.65 67.98 -25.34
C LEU E 32 -44.80 67.34 -26.42
N ALA E 33 -44.40 66.09 -26.25
CA ALA E 33 -43.61 65.41 -27.26
C ALA E 33 -44.28 64.08 -27.61
N GLN E 34 -44.58 63.90 -28.91
CA GLN E 34 -45.21 62.68 -29.41
C GLN E 34 -44.14 61.87 -30.13
N ALA E 35 -44.16 60.56 -29.91
CA ALA E 35 -43.18 59.71 -30.55
C ALA E 35 -43.89 58.49 -31.13
N TRP E 36 -43.53 58.12 -32.35
CA TRP E 36 -44.14 56.96 -33.00
C TRP E 36 -43.23 56.40 -34.08
N ILE E 37 -43.45 55.14 -34.42
CA ILE E 37 -42.67 54.47 -35.42
C ILE E 37 -43.43 54.36 -36.75
N GLU E 38 -42.70 54.30 -37.84
CA GLU E 38 -43.29 54.13 -39.16
C GLU E 38 -42.54 52.99 -39.85
N ASN E 39 -43.23 52.25 -40.70
CA ASN E 39 -42.59 51.15 -41.43
C ASN E 39 -41.80 51.73 -42.62
N GLU E 40 -41.20 50.85 -43.40
CA GLU E 40 -40.42 51.27 -44.56
C GLU E 40 -41.17 52.14 -45.58
N ASN E 41 -42.50 52.12 -45.56
CA ASN E 41 -43.27 52.93 -46.49
C ASN E 41 -43.81 54.16 -45.78
N GLN E 42 -43.19 54.48 -44.64
CA GLN E 42 -43.58 55.63 -43.84
C GLN E 42 -45.03 55.58 -43.38
N GLU E 43 -45.52 54.37 -43.12
CA GLU E 43 -46.87 54.18 -42.62
C GLU E 43 -46.74 53.98 -41.11
N LYS E 44 -47.49 54.74 -40.34
CA LYS E 44 -47.44 54.62 -38.89
C LYS E 44 -47.81 53.23 -38.41
N ILE E 45 -47.08 52.69 -37.44
CA ILE E 45 -47.41 51.39 -36.89
C ILE E 45 -47.42 51.49 -35.36
N ILE E 46 -48.44 50.91 -34.73
CA ILE E 46 -48.52 50.98 -33.28
C ILE E 46 -48.51 49.62 -32.60
N THR E 47 -48.63 48.54 -33.37
CA THR E 47 -48.65 47.21 -32.75
C THR E 47 -47.38 46.39 -32.94
N GLY E 48 -46.29 47.05 -33.32
CA GLY E 48 -45.04 46.35 -33.49
C GLY E 48 -44.62 46.22 -34.94
N PRO E 49 -43.49 45.56 -35.23
CA PRO E 49 -42.56 44.90 -34.28
C PRO E 49 -41.62 45.82 -33.49
N VAL E 50 -41.67 47.11 -33.77
CA VAL E 50 -40.85 48.07 -33.04
C VAL E 50 -41.80 49.11 -32.47
N ILE E 51 -41.66 49.39 -31.18
CA ILE E 51 -42.56 50.33 -30.55
C ILE E 51 -41.86 51.46 -29.82
N ALA E 52 -42.46 52.64 -29.86
CA ALA E 52 -41.91 53.81 -29.20
C ALA E 52 -42.77 54.17 -27.99
N THR E 53 -42.12 54.29 -26.83
CA THR E 53 -42.83 54.65 -25.61
C THR E 53 -42.07 55.76 -24.90
N PRO E 54 -42.79 56.73 -24.34
CA PRO E 54 -44.25 56.75 -24.38
C PRO E 54 -44.75 57.47 -25.64
N PRO E 55 -45.99 57.18 -26.06
CA PRO E 55 -46.49 57.87 -27.25
C PRO E 55 -46.50 59.39 -27.09
N VAL E 56 -46.80 59.88 -25.89
CA VAL E 56 -46.79 61.32 -25.66
C VAL E 56 -46.34 61.60 -24.24
N GLN E 57 -45.60 62.69 -24.04
CA GLN E 57 -45.13 63.02 -22.72
C GLN E 57 -45.00 64.52 -22.61
N ARG E 58 -45.05 65.03 -21.39
CA ARG E 58 -44.92 66.46 -21.19
C ARG E 58 -43.50 66.78 -20.73
N LEU E 59 -42.92 67.84 -21.29
CA LEU E 59 -41.57 68.27 -20.94
C LEU E 59 -41.63 69.69 -20.43
N GLU E 60 -41.26 69.89 -19.17
CA GLU E 60 -41.27 71.24 -18.63
C GLU E 60 -40.11 71.99 -19.25
N PRO E 61 -40.08 73.32 -19.12
CA PRO E 61 -39.00 74.11 -19.69
C PRO E 61 -37.62 73.55 -19.36
N GLY E 62 -36.76 73.44 -20.37
CA GLY E 62 -35.41 72.94 -20.15
C GLY E 62 -35.25 71.49 -19.80
N ALA E 63 -36.36 70.78 -19.71
CA ALA E 63 -36.34 69.37 -19.35
C ALA E 63 -35.62 68.44 -20.34
N LYS E 64 -34.96 67.43 -19.79
CA LYS E 64 -34.25 66.43 -20.58
C LYS E 64 -35.03 65.14 -20.33
N SER E 65 -35.30 64.38 -21.37
CA SER E 65 -36.05 63.15 -21.19
C SER E 65 -35.60 62.09 -22.17
N MET E 66 -36.38 61.03 -22.27
CA MET E 66 -36.05 59.94 -23.17
C MET E 66 -37.29 59.29 -23.76
N VAL E 67 -37.09 58.66 -24.91
CA VAL E 67 -38.15 57.93 -25.57
C VAL E 67 -37.52 56.55 -25.66
N ARG E 68 -38.29 55.54 -25.33
CA ARG E 68 -37.79 54.18 -25.34
C ARG E 68 -38.26 53.40 -26.58
N LEU E 69 -37.32 52.75 -27.26
CA LEU E 69 -37.62 51.94 -28.44
C LEU E 69 -37.50 50.47 -28.06
N SER E 70 -38.59 49.73 -28.17
CA SER E 70 -38.55 48.30 -27.82
C SER E 70 -39.21 47.44 -28.90
N THR E 71 -38.98 46.13 -28.81
CA THR E 71 -39.52 45.21 -29.80
C THR E 71 -40.47 44.15 -29.23
N THR E 72 -41.42 43.69 -30.04
CA THR E 72 -42.32 42.63 -29.59
C THR E 72 -41.65 41.33 -30.06
N PRO E 73 -42.14 40.19 -29.60
CA PRO E 73 -41.50 38.94 -30.03
C PRO E 73 -41.45 38.71 -31.55
N ASP E 74 -42.45 39.23 -32.27
CA ASP E 74 -42.51 39.10 -33.72
C ASP E 74 -41.37 39.76 -34.49
N ILE E 75 -40.52 40.49 -33.76
CA ILE E 75 -39.38 41.16 -34.37
C ILE E 75 -38.53 40.09 -35.04
N SER E 76 -38.69 38.84 -34.61
CA SER E 76 -37.89 37.76 -35.17
C SER E 76 -38.38 37.31 -36.54
N LYS E 77 -39.57 37.76 -36.94
CA LYS E 77 -40.12 37.41 -38.26
C LYS E 77 -39.32 38.16 -39.32
N LEU E 78 -38.76 39.33 -38.97
CA LEU E 78 -37.99 40.10 -39.93
C LEU E 78 -36.79 39.26 -40.37
N PRO E 79 -36.29 39.49 -41.59
CA PRO E 79 -35.14 38.70 -42.02
C PRO E 79 -33.96 38.97 -41.08
N GLN E 80 -33.10 37.98 -40.89
CA GLN E 80 -31.97 38.13 -39.99
C GLN E 80 -30.61 38.26 -40.67
N ASP E 81 -30.59 38.37 -41.99
CA ASP E 81 -29.32 38.51 -42.71
C ASP E 81 -29.19 39.86 -43.39
N ARG E 82 -30.06 40.79 -43.04
CA ARG E 82 -30.04 42.13 -43.62
C ARG E 82 -30.82 43.09 -42.73
N GLU E 83 -30.61 44.38 -42.93
CA GLU E 83 -31.30 45.38 -42.15
C GLU E 83 -32.73 45.52 -42.65
N SER E 84 -33.57 46.10 -41.81
CA SER E 84 -34.96 46.36 -42.15
C SER E 84 -35.11 47.85 -41.86
N LEU E 85 -35.88 48.54 -42.69
CA LEU E 85 -36.04 49.97 -42.52
C LEU E 85 -37.27 50.41 -41.74
N PHE E 86 -37.06 51.34 -40.83
CA PHE E 86 -38.14 51.92 -40.02
C PHE E 86 -37.87 53.41 -39.92
N TYR E 87 -38.85 54.17 -39.43
CA TYR E 87 -38.65 55.59 -39.26
C TYR E 87 -39.12 55.96 -37.86
N PHE E 88 -38.33 56.81 -37.20
CA PHE E 88 -38.67 57.26 -35.87
C PHE E 88 -39.14 58.70 -35.95
N ASN E 89 -40.30 58.99 -35.37
CA ASN E 89 -40.82 60.36 -35.41
C ASN E 89 -41.03 61.00 -34.04
N LEU E 90 -40.69 62.29 -33.96
CA LEU E 90 -40.84 63.08 -32.74
C LEU E 90 -41.51 64.40 -33.13
N ARG E 91 -42.75 64.58 -32.69
CA ARG E 91 -43.47 65.81 -32.99
C ARG E 91 -43.87 66.51 -31.71
N GLU E 92 -43.58 67.80 -31.64
CA GLU E 92 -43.91 68.59 -30.46
C GLU E 92 -45.28 69.21 -30.60
N ILE E 93 -45.91 69.50 -29.47
CA ILE E 93 -47.19 70.16 -29.46
C ILE E 93 -46.99 71.36 -28.54
N PRO E 94 -46.92 72.55 -29.14
CA PRO E 94 -46.71 73.78 -28.36
C PRO E 94 -47.94 74.12 -27.53
N PRO E 95 -47.75 74.83 -26.42
CA PRO E 95 -48.87 75.23 -25.55
C PRO E 95 -49.74 76.22 -26.30
N ARG E 96 -51.05 76.23 -26.02
CA ARG E 96 -51.94 77.17 -26.69
C ARG E 96 -51.41 78.57 -26.45
N SER E 97 -51.58 79.45 -27.43
CA SER E 97 -51.08 80.81 -27.30
C SER E 97 -51.98 81.76 -26.54
N GLU E 98 -51.35 82.79 -25.97
CA GLU E 98 -52.04 83.82 -25.22
C GLU E 98 -52.66 84.84 -26.19
N LYS E 99 -51.92 85.19 -27.23
CA LYS E 99 -52.38 86.15 -28.23
C LYS E 99 -53.58 85.61 -29.02
N ALA E 100 -54.57 86.47 -29.27
CA ALA E 100 -55.80 86.11 -29.98
C ALA E 100 -55.63 85.59 -31.41
N ASN E 101 -55.35 86.47 -32.37
CA ASN E 101 -55.18 86.06 -33.76
C ASN E 101 -53.73 85.62 -33.99
N VAL E 102 -53.49 84.31 -33.98
CA VAL E 102 -52.13 83.84 -34.14
C VAL E 102 -51.92 82.56 -34.96
N LEU E 103 -50.67 82.37 -35.38
CA LEU E 103 -50.24 81.21 -36.16
C LEU E 103 -49.05 80.60 -35.42
N GLN E 104 -49.10 79.32 -35.11
CA GLN E 104 -47.98 78.68 -34.42
C GLN E 104 -47.31 77.62 -35.27
N ILE E 105 -46.02 77.43 -35.05
CA ILE E 105 -45.23 76.43 -35.75
C ILE E 105 -44.87 75.30 -34.79
N ALA E 106 -45.01 74.06 -35.25
CA ALA E 106 -44.71 72.90 -34.43
C ALA E 106 -43.73 71.98 -35.16
N LEU E 107 -42.52 71.85 -34.63
CA LEU E 107 -41.49 71.01 -35.24
C LEU E 107 -41.80 69.52 -35.15
N GLN E 108 -41.44 68.81 -36.22
CA GLN E 108 -41.56 67.35 -36.30
C GLN E 108 -40.24 66.88 -36.92
N THR E 109 -39.56 65.99 -36.20
CA THR E 109 -38.29 65.46 -36.66
C THR E 109 -38.51 64.01 -37.06
N LYS E 110 -38.10 63.63 -38.26
CA LYS E 110 -38.23 62.26 -38.73
C LYS E 110 -36.86 61.73 -39.15
N ILE E 111 -36.42 60.64 -38.53
CA ILE E 111 -35.12 60.06 -38.86
C ILE E 111 -35.26 58.58 -39.22
N LYS E 112 -34.23 58.04 -39.85
CA LYS E 112 -34.26 56.63 -40.23
C LYS E 112 -33.88 55.78 -39.03
N LEU E 113 -34.56 54.66 -38.87
CA LEU E 113 -34.26 53.73 -37.79
C LEU E 113 -33.94 52.40 -38.45
N PHE E 114 -32.66 52.03 -38.41
CA PHE E 114 -32.23 50.78 -39.03
C PHE E 114 -32.22 49.61 -38.07
N TYR E 115 -33.04 48.60 -38.35
CA TYR E 115 -33.04 47.43 -37.49
C TYR E 115 -31.89 46.56 -38.03
N ARG E 116 -30.82 46.42 -37.23
CA ARG E 116 -29.66 45.63 -37.64
C ARG E 116 -29.61 44.31 -36.87
N PRO E 117 -30.10 43.21 -37.47
CA PRO E 117 -30.12 41.88 -36.84
C PRO E 117 -28.80 41.48 -36.19
N ALA E 118 -28.90 40.72 -35.11
CA ALA E 118 -27.70 40.26 -34.39
C ALA E 118 -26.67 39.60 -35.31
N ALA E 119 -27.15 38.73 -36.20
CA ALA E 119 -26.26 38.04 -37.13
C ALA E 119 -25.38 38.96 -37.97
N ILE E 120 -25.73 40.25 -38.06
CA ILE E 120 -24.91 41.16 -38.83
C ILE E 120 -24.43 42.35 -38.00
N LYS E 121 -24.31 42.11 -36.69
CA LYS E 121 -23.86 43.11 -35.72
C LYS E 121 -22.55 43.70 -36.22
N THR E 122 -22.35 45.00 -36.00
CA THR E 122 -21.13 45.64 -36.46
C THR E 122 -20.23 46.18 -35.36
N ARG E 123 -18.96 46.35 -35.71
CA ARG E 123 -17.95 46.85 -34.78
C ARG E 123 -18.02 48.38 -34.73
N PRO E 124 -17.63 48.96 -33.59
CA PRO E 124 -17.63 50.41 -33.33
C PRO E 124 -17.27 51.33 -34.50
N ASN E 125 -16.22 51.01 -35.24
CA ASN E 125 -15.84 51.87 -36.36
C ASN E 125 -15.74 51.13 -37.69
N GLU E 126 -16.45 50.01 -37.78
CA GLU E 126 -16.45 49.18 -38.96
C GLU E 126 -17.00 49.93 -40.18
N VAL E 127 -16.35 49.72 -41.33
CA VAL E 127 -16.76 50.35 -42.58
C VAL E 127 -17.09 49.27 -43.59
N TRP E 128 -18.32 49.28 -44.09
CA TRP E 128 -18.74 48.30 -45.08
C TRP E 128 -19.02 48.98 -46.41
N GLN E 129 -19.18 50.30 -46.38
CA GLN E 129 -19.46 51.07 -47.58
C GLN E 129 -18.32 51.01 -48.59
N ASP E 130 -17.14 50.64 -48.13
CA ASP E 130 -15.98 50.54 -49.01
C ASP E 130 -16.19 49.35 -49.95
N GLN E 131 -17.32 48.66 -49.77
CA GLN E 131 -17.67 47.51 -50.60
C GLN E 131 -18.52 47.90 -51.80
N LEU E 132 -18.94 49.17 -51.84
CA LEU E 132 -19.74 49.64 -52.95
C LEU E 132 -19.02 49.42 -54.27
N ILE E 133 -19.79 49.22 -55.32
CA ILE E 133 -19.23 49.01 -56.65
C ILE E 133 -19.91 49.97 -57.64
N LEU E 134 -19.14 50.45 -58.60
CA LEU E 134 -19.66 51.35 -59.62
C LEU E 134 -19.56 50.70 -60.99
N ASN E 135 -20.70 50.65 -61.69
CA ASN E 135 -20.75 50.09 -63.03
C ASN E 135 -21.11 51.23 -63.97
N LYS E 136 -20.24 51.49 -64.95
CA LYS E 136 -20.53 52.58 -65.88
C LYS E 136 -21.65 52.14 -66.80
N VAL E 137 -22.60 53.05 -67.00
CA VAL E 137 -23.73 52.79 -67.88
C VAL E 137 -23.98 54.06 -68.66
N SER E 138 -24.74 53.94 -69.75
CA SER E 138 -25.06 55.08 -70.58
C SER E 138 -25.59 56.23 -69.74
N GLY E 139 -24.90 57.36 -69.78
CA GLY E 139 -25.36 58.52 -69.04
C GLY E 139 -25.06 58.58 -67.56
N GLY E 140 -24.34 57.60 -67.03
CA GLY E 140 -24.03 57.66 -65.61
C GLY E 140 -23.46 56.41 -64.99
N TYR E 141 -23.83 56.18 -63.74
CA TYR E 141 -23.35 55.02 -63.00
C TYR E 141 -24.48 54.24 -62.34
N ARG E 142 -24.27 52.94 -62.22
CA ARG E 142 -25.22 52.09 -61.54
C ARG E 142 -24.43 51.77 -60.27
N ILE E 143 -24.90 52.31 -59.15
CA ILE E 143 -24.24 52.11 -57.88
C ILE E 143 -24.72 50.81 -57.26
N GLU E 144 -23.81 49.87 -57.03
CA GLU E 144 -24.17 48.60 -56.43
C GLU E 144 -23.79 48.54 -54.95
N ASN E 145 -24.71 48.05 -54.14
CA ASN E 145 -24.48 47.92 -52.70
C ASN E 145 -24.66 46.45 -52.35
N PRO E 146 -23.56 45.68 -52.41
CA PRO E 146 -23.59 44.25 -52.11
C PRO E 146 -23.58 43.89 -50.61
N THR E 147 -23.72 44.87 -49.74
CA THR E 147 -23.71 44.58 -48.31
C THR E 147 -25.12 44.38 -47.74
N PRO E 148 -25.20 43.91 -46.48
CA PRO E 148 -26.47 43.66 -45.78
C PRO E 148 -27.09 44.93 -45.17
N TYR E 149 -26.44 46.08 -45.34
CA TYR E 149 -26.95 47.31 -44.74
C TYR E 149 -27.42 48.35 -45.73
N TYR E 150 -28.20 49.31 -45.25
CA TYR E 150 -28.67 50.39 -46.10
C TYR E 150 -27.51 51.37 -46.27
N VAL E 151 -27.29 51.86 -47.48
CA VAL E 151 -26.22 52.81 -47.73
C VAL E 151 -26.81 54.07 -48.34
N THR E 152 -26.56 55.20 -47.70
CA THR E 152 -27.08 56.47 -48.17
C THR E 152 -25.98 57.24 -48.87
N VAL E 153 -26.10 57.38 -50.19
CA VAL E 153 -25.09 58.11 -50.95
C VAL E 153 -25.54 59.56 -51.16
N ILE E 154 -24.64 60.47 -50.83
CA ILE E 154 -24.91 61.90 -50.91
C ILE E 154 -24.04 62.65 -51.91
N GLY E 155 -23.09 61.96 -52.53
CA GLY E 155 -22.22 62.61 -53.49
C GLY E 155 -21.41 61.68 -54.37
N LEU E 156 -21.19 62.11 -55.59
CA LEU E 156 -20.41 61.35 -56.56
C LEU E 156 -19.78 62.35 -57.51
N GLY E 157 -18.45 62.33 -57.58
CA GLY E 157 -17.75 63.26 -58.47
C GLY E 157 -16.39 62.75 -58.92
N GLY E 158 -15.68 63.60 -59.66
CA GLY E 158 -14.37 63.23 -60.16
C GLY E 158 -13.26 63.54 -59.17
N SER E 159 -13.58 64.36 -58.17
CA SER E 159 -12.64 64.74 -57.14
C SER E 159 -13.33 64.72 -55.78
N GLU E 160 -12.55 64.50 -54.72
CA GLU E 160 -13.09 64.49 -53.38
C GLU E 160 -13.95 65.71 -53.10
N LYS E 161 -13.47 66.88 -53.50
CA LYS E 161 -14.22 68.12 -53.28
C LYS E 161 -15.55 68.12 -54.02
N GLN E 162 -15.59 67.56 -55.22
CA GLN E 162 -16.83 67.52 -55.99
C GLN E 162 -17.83 66.57 -55.34
N ALA E 163 -17.33 65.45 -54.81
CA ALA E 163 -18.18 64.48 -54.14
C ALA E 163 -18.85 65.15 -52.94
N GLU E 164 -18.04 65.92 -52.22
CA GLU E 164 -18.50 66.65 -51.04
C GLU E 164 -19.49 67.78 -51.27
N GLU E 165 -19.16 68.70 -52.19
CA GLU E 165 -20.03 69.84 -52.44
C GLU E 165 -20.80 69.86 -53.78
N GLY E 166 -20.50 68.90 -54.65
CA GLY E 166 -21.17 68.87 -55.94
C GLY E 166 -22.65 68.57 -55.87
N GLU E 167 -23.41 69.17 -56.78
CA GLU E 167 -24.85 68.96 -56.83
C GLU E 167 -25.08 67.46 -57.01
N PHE E 168 -25.95 66.89 -56.18
CA PHE E 168 -26.24 65.45 -56.23
C PHE E 168 -27.52 65.16 -55.48
N GLU E 169 -28.39 64.35 -56.06
CA GLU E 169 -29.63 63.99 -55.40
C GLU E 169 -29.33 62.76 -54.55
N THR E 170 -29.37 62.91 -53.23
CA THR E 170 -29.07 61.78 -52.36
C THR E 170 -30.02 60.64 -52.62
N VAL E 171 -29.48 59.43 -52.58
CA VAL E 171 -30.26 58.24 -52.82
C VAL E 171 -29.82 57.18 -51.83
N MET E 172 -30.75 56.37 -51.35
CA MET E 172 -30.41 55.33 -50.39
C MET E 172 -30.56 53.95 -51.01
N LEU E 173 -29.50 53.16 -50.90
CA LEU E 173 -29.50 51.84 -51.48
C LEU E 173 -29.87 50.80 -50.45
N SER E 174 -30.91 50.04 -50.71
CA SER E 174 -31.31 48.98 -49.80
C SER E 174 -30.26 47.91 -49.83
N PRO E 175 -30.27 47.00 -48.85
CA PRO E 175 -29.30 45.91 -48.79
C PRO E 175 -29.34 45.08 -50.06
N ARG E 176 -28.17 44.70 -50.56
CA ARG E 176 -28.08 43.90 -51.77
C ARG E 176 -28.91 44.44 -52.92
N SER E 177 -28.78 45.74 -53.19
CA SER E 177 -29.52 46.35 -54.28
C SER E 177 -28.63 47.34 -55.01
N GLU E 178 -29.21 48.02 -55.99
CA GLU E 178 -28.44 48.98 -56.76
C GLU E 178 -29.33 50.11 -57.23
N GLN E 179 -28.73 51.18 -57.72
CA GLN E 179 -29.48 52.32 -58.20
C GLN E 179 -28.68 53.08 -59.24
N THR E 180 -29.39 53.49 -60.29
CA THR E 180 -28.78 54.22 -61.39
C THR E 180 -28.80 55.73 -61.13
N VAL E 181 -27.70 56.41 -61.38
CA VAL E 181 -27.65 57.85 -61.21
C VAL E 181 -27.02 58.51 -62.44
N LYS E 182 -27.59 59.65 -62.84
CA LYS E 182 -27.10 60.41 -63.99
C LYS E 182 -25.81 61.07 -63.56
N SER E 183 -24.78 61.00 -64.41
CA SER E 183 -23.49 61.59 -64.05
C SER E 183 -22.48 61.55 -65.20
N ALA E 184 -21.46 62.40 -65.09
CA ALA E 184 -20.41 62.45 -66.10
C ALA E 184 -19.45 61.29 -65.85
N ASN E 185 -18.61 61.00 -66.82
CA ASN E 185 -17.65 59.92 -66.68
C ASN E 185 -16.44 60.48 -65.93
N TYR E 186 -16.03 59.81 -64.86
CA TYR E 186 -14.89 60.26 -64.07
C TYR E 186 -13.77 59.23 -64.10
N ASN E 187 -12.56 59.69 -64.40
CA ASN E 187 -11.42 58.78 -64.44
C ASN E 187 -11.28 58.18 -63.05
N THR E 188 -11.30 59.04 -62.05
CA THR E 188 -11.18 58.63 -60.65
C THR E 188 -12.44 59.04 -59.90
N PRO E 189 -13.39 58.12 -59.75
CA PRO E 189 -14.62 58.47 -59.02
C PRO E 189 -14.46 58.58 -57.51
N TYR E 190 -15.15 59.55 -56.93
CA TYR E 190 -15.17 59.76 -55.49
C TYR E 190 -16.65 59.76 -55.07
N LEU E 191 -16.98 58.96 -54.06
CA LEU E 191 -18.35 58.85 -53.58
C LEU E 191 -18.45 59.16 -52.10
N SER E 192 -19.50 59.89 -51.72
CA SER E 192 -19.72 60.24 -50.32
C SER E 192 -21.04 59.65 -49.79
N TYR E 193 -20.96 59.13 -48.57
CA TYR E 193 -22.12 58.54 -47.92
C TYR E 193 -22.20 58.98 -46.46
N ILE E 194 -23.34 58.72 -45.82
CA ILE E 194 -23.54 59.08 -44.43
C ILE E 194 -23.45 57.82 -43.57
N ASN E 195 -22.57 57.81 -42.58
CA ASN E 195 -22.43 56.63 -41.73
C ASN E 195 -23.39 56.67 -40.53
N ASP E 196 -23.32 55.65 -39.68
CA ASP E 196 -24.19 55.53 -38.50
C ASP E 196 -24.17 56.73 -37.56
N TYR E 197 -23.10 57.51 -37.58
CA TYR E 197 -22.98 58.66 -36.69
C TYR E 197 -23.31 60.01 -37.31
N GLY E 198 -23.70 60.01 -38.58
CA GLY E 198 -24.03 61.27 -39.22
C GLY E 198 -22.82 61.85 -39.92
N GLY E 199 -21.73 61.09 -39.91
CA GLY E 199 -20.50 61.51 -40.57
C GLY E 199 -20.63 61.33 -42.07
N ARG E 200 -19.84 62.08 -42.83
CA ARG E 200 -19.90 62.01 -44.28
C ARG E 200 -18.54 61.66 -44.92
N PRO E 201 -18.07 60.42 -44.75
CA PRO E 201 -16.79 60.02 -45.34
C PRO E 201 -16.83 60.08 -46.87
N VAL E 202 -15.66 59.89 -47.48
CA VAL E 202 -15.53 59.91 -48.92
C VAL E 202 -14.72 58.70 -49.37
N LEU E 203 -15.23 58.00 -50.38
CA LEU E 203 -14.55 56.83 -50.89
C LEU E 203 -13.88 57.19 -52.21
N SER E 204 -12.75 56.55 -52.49
CA SER E 204 -12.05 56.80 -53.75
C SER E 204 -11.99 55.51 -54.54
N PHE E 205 -12.51 55.55 -55.76
CA PHE E 205 -12.55 54.37 -56.60
C PHE E 205 -11.47 54.33 -57.67
N ILE E 206 -11.24 53.11 -58.16
CA ILE E 206 -10.30 52.84 -59.22
C ILE E 206 -11.12 52.05 -60.23
N CYS E 207 -11.20 52.54 -61.46
CA CYS E 207 -11.98 51.84 -62.47
C CYS E 207 -11.10 51.00 -63.40
N ASN E 208 -11.54 49.79 -63.66
CA ASN E 208 -10.84 48.89 -64.57
C ASN E 208 -11.90 48.42 -65.52
N GLY E 209 -11.95 49.07 -66.67
CA GLY E 209 -12.94 48.71 -67.67
C GLY E 209 -14.17 49.55 -67.42
N SER E 210 -15.29 48.88 -67.17
CA SER E 210 -16.55 49.55 -66.91
C SER E 210 -16.95 49.35 -65.43
N ARG E 211 -16.10 48.64 -64.69
CA ARG E 211 -16.36 48.37 -63.28
C ARG E 211 -15.39 49.17 -62.41
N CYS E 212 -15.90 49.72 -61.31
CA CYS E 212 -15.07 50.50 -60.40
C CYS E 212 -15.26 50.01 -58.97
N SER E 213 -14.17 49.94 -58.21
CA SER E 213 -14.24 49.52 -56.82
C SER E 213 -13.36 50.45 -55.99
N VAL E 214 -13.53 50.43 -54.67
CA VAL E 214 -12.75 51.29 -53.80
C VAL E 214 -11.29 50.85 -53.76
N LYS E 215 -10.37 51.79 -53.79
CA LYS E 215 -8.95 51.47 -53.76
C LYS E 215 -8.46 51.05 -52.38
N LYS E 216 -7.71 49.95 -52.34
CA LYS E 216 -7.17 49.40 -51.10
C LYS E 216 -6.11 50.30 -50.43
N GLU E 217 -5.12 50.66 -51.11
N GLN F 8 -30.23 57.73 -25.02
CA GLN F 8 -28.77 57.55 -24.72
C GLN F 8 -27.90 57.72 -25.96
N GLY F 9 -26.90 58.58 -25.84
CA GLY F 9 -25.99 58.78 -26.96
C GLY F 9 -25.08 57.58 -27.09
N LYS F 10 -24.71 56.99 -25.96
CA LYS F 10 -23.84 55.82 -25.92
C LYS F 10 -24.05 54.98 -24.64
N VAL F 11 -23.09 54.09 -24.37
CA VAL F 11 -23.16 53.23 -23.18
C VAL F 11 -22.22 53.70 -22.05
N THR F 12 -21.42 54.73 -22.34
CA THR F 12 -20.47 55.30 -21.39
C THR F 12 -20.03 56.69 -21.89
N PHE F 13 -19.61 56.72 -23.15
CA PHE F 13 -19.17 57.94 -23.83
C PHE F 13 -18.98 57.51 -25.29
N ASN F 14 -18.89 58.47 -26.21
CA ASN F 14 -18.72 58.12 -27.62
C ASN F 14 -17.51 58.81 -28.25
N ASN F 15 -16.46 58.02 -28.52
CA ASN F 15 -15.23 58.53 -29.15
C ASN F 15 -15.48 58.88 -30.61
N THR F 16 -16.77 59.01 -30.96
CA THR F 16 -17.19 59.34 -32.30
C THR F 16 -18.59 59.94 -32.26
N VAL F 17 -18.89 60.65 -31.16
CA VAL F 17 -20.20 61.28 -30.97
C VAL F 17 -20.81 61.74 -32.29
N VAL F 18 -22.12 61.47 -32.42
CA VAL F 18 -22.88 61.78 -33.60
C VAL F 18 -23.32 63.23 -33.71
N ASP F 19 -23.59 63.69 -34.94
CA ASP F 19 -24.05 65.06 -35.11
C ASP F 19 -25.57 65.02 -34.94
N ALA F 20 -26.15 66.17 -34.60
CA ALA F 20 -27.57 66.22 -34.28
C ALA F 20 -28.53 66.91 -35.20
N PRO F 21 -29.84 66.61 -35.04
CA PRO F 21 -30.93 67.17 -35.84
C PRO F 21 -31.06 68.61 -35.36
N CYS F 22 -31.82 69.41 -36.09
CA CYS F 22 -32.00 70.79 -35.69
C CYS F 22 -33.02 70.93 -34.59
N SER F 23 -32.97 72.08 -33.93
CA SER F 23 -33.90 72.43 -32.88
C SER F 23 -34.31 73.82 -33.36
N ILE F 24 -35.60 74.10 -33.37
CA ILE F 24 -36.07 75.38 -33.85
C ILE F 24 -36.52 76.28 -32.71
N SER F 25 -36.54 77.58 -32.98
CA SER F 25 -36.99 78.58 -32.02
C SER F 25 -37.29 79.86 -32.79
N GLN F 26 -38.19 80.69 -32.25
CA GLN F 26 -38.58 81.93 -32.89
C GLN F 26 -38.49 83.07 -31.89
N LYS F 27 -38.89 84.26 -32.30
CA LYS F 27 -38.86 85.40 -31.40
C LYS F 27 -39.73 85.04 -30.21
N SER F 28 -40.95 84.58 -30.49
CA SER F 28 -41.90 84.20 -29.45
C SER F 28 -41.54 82.85 -28.80
N ALA F 29 -41.69 82.79 -27.49
CA ALA F 29 -41.41 81.56 -26.74
C ALA F 29 -42.43 80.49 -27.10
N ASP F 30 -43.63 80.92 -27.44
CA ASP F 30 -44.67 79.97 -27.82
C ASP F 30 -44.66 79.70 -29.34
N GLN F 31 -43.53 79.98 -29.98
CA GLN F 31 -43.32 79.78 -31.42
C GLN F 31 -44.52 80.25 -32.25
N SER F 32 -44.92 81.49 -32.05
CA SER F 32 -46.05 82.05 -32.76
C SER F 32 -45.74 83.44 -33.32
N ILE F 33 -46.64 83.92 -34.19
CA ILE F 33 -46.52 85.27 -34.75
C ILE F 33 -47.91 85.88 -34.64
N ASP F 34 -47.95 87.08 -34.06
CA ASP F 34 -49.18 87.81 -33.82
C ASP F 34 -49.56 88.71 -34.98
N PHE F 35 -50.75 88.48 -35.56
CA PHE F 35 -51.21 89.29 -36.68
C PHE F 35 -51.93 90.55 -36.22
N GLY F 36 -52.25 90.60 -34.93
CA GLY F 36 -52.96 91.74 -34.38
C GLY F 36 -54.40 91.81 -34.89
N GLN F 37 -55.13 92.84 -34.48
CA GLN F 37 -56.50 92.99 -34.93
C GLN F 37 -56.53 93.35 -36.40
N LEU F 38 -57.46 92.73 -37.13
CA LEU F 38 -57.60 92.96 -38.56
C LEU F 38 -59.02 93.44 -38.85
N SER F 39 -59.20 94.12 -39.98
CA SER F 39 -60.51 94.64 -40.36
C SER F 39 -61.36 93.60 -41.09
N LYS F 40 -62.60 93.40 -40.63
CA LYS F 40 -63.49 92.46 -41.28
C LYS F 40 -63.77 93.00 -42.67
N SER F 41 -64.21 94.24 -42.74
CA SER F 41 -64.52 94.86 -44.02
C SER F 41 -63.35 94.78 -44.99
N PHE F 42 -62.14 95.05 -44.50
CA PHE F 42 -60.96 95.00 -45.35
C PHE F 42 -60.72 93.60 -45.93
N LEU F 43 -60.75 92.59 -45.07
CA LEU F 43 -60.55 91.22 -45.51
C LEU F 43 -61.70 90.74 -46.39
N GLU F 44 -62.92 91.12 -46.04
CA GLU F 44 -64.09 90.72 -46.80
C GLU F 44 -64.03 91.28 -48.23
N ALA F 45 -63.33 92.40 -48.39
CA ALA F 45 -63.18 93.05 -49.70
C ALA F 45 -62.00 92.51 -50.49
N GLY F 46 -61.40 91.42 -50.01
CA GLY F 46 -60.29 90.81 -50.71
C GLY F 46 -58.91 91.26 -50.25
N GLY F 47 -58.88 92.08 -49.20
CA GLY F 47 -57.61 92.57 -48.69
C GLY F 47 -56.71 91.51 -48.06
N VAL F 48 -55.40 91.71 -48.19
CA VAL F 48 -54.41 90.80 -47.64
C VAL F 48 -53.64 91.58 -46.59
N SER F 49 -53.57 91.07 -45.38
CA SER F 49 -52.87 91.74 -44.28
C SER F 49 -51.40 91.98 -44.60
N LYS F 50 -50.77 92.90 -43.88
CA LYS F 50 -49.36 93.19 -44.10
C LYS F 50 -48.54 91.98 -43.70
N PRO F 51 -47.62 91.56 -44.57
CA PRO F 51 -46.80 90.38 -44.26
C PRO F 51 -46.04 90.45 -42.94
N MET F 52 -46.14 89.40 -42.14
CA MET F 52 -45.46 89.31 -40.87
C MET F 52 -44.24 88.40 -41.06
N ASP F 53 -43.14 88.73 -40.43
CA ASP F 53 -41.93 87.91 -40.54
C ASP F 53 -42.15 86.61 -39.76
N LEU F 54 -41.82 85.49 -40.40
CA LEU F 54 -41.94 84.19 -39.76
C LEU F 54 -40.53 83.62 -39.87
N ASP F 55 -39.68 83.99 -38.93
CA ASP F 55 -38.30 83.53 -38.93
C ASP F 55 -38.09 82.33 -38.00
N ILE F 56 -37.45 81.29 -38.54
CA ILE F 56 -37.20 80.07 -37.81
C ILE F 56 -35.70 79.84 -37.64
N GLU F 57 -35.21 79.94 -36.42
CA GLU F 57 -33.79 79.73 -36.18
C GLU F 57 -33.49 78.25 -36.00
N LEU F 58 -32.43 77.80 -36.68
CA LEU F 58 -32.03 76.40 -36.60
C LEU F 58 -30.81 76.29 -35.70
N VAL F 59 -31.00 75.63 -34.55
CA VAL F 59 -29.96 75.45 -33.56
C VAL F 59 -29.50 73.99 -33.41
N ASN F 60 -28.30 73.81 -32.85
CA ASN F 60 -27.73 72.48 -32.61
C ASN F 60 -27.31 71.69 -33.86
N CYS F 61 -27.69 72.16 -35.04
CA CYS F 61 -27.34 71.42 -36.24
C CYS F 61 -26.40 72.17 -37.18
N ASP F 62 -26.03 71.48 -38.26
CA ASP F 62 -25.15 72.02 -39.28
C ASP F 62 -26.01 72.50 -40.45
N ILE F 63 -26.08 73.82 -40.64
CA ILE F 63 -26.88 74.36 -41.73
C ILE F 63 -26.34 73.98 -43.09
N THR F 64 -25.11 73.46 -43.13
CA THR F 64 -24.50 73.03 -44.38
C THR F 64 -25.34 71.93 -44.99
N ALA F 65 -25.96 71.13 -44.12
CA ALA F 65 -26.80 70.01 -44.54
C ALA F 65 -28.04 70.52 -45.28
N PHE F 66 -28.37 71.80 -45.07
CA PHE F 66 -29.52 72.40 -45.71
C PHE F 66 -29.08 73.00 -47.04
N LYS F 67 -29.98 72.96 -48.03
CA LYS F 67 -29.68 73.52 -49.33
C LYS F 67 -29.46 75.02 -49.13
N GLY F 68 -28.29 75.50 -49.54
CA GLY F 68 -27.98 76.91 -49.40
C GLY F 68 -27.43 77.28 -48.03
N GLY F 69 -27.12 76.28 -47.22
CA GLY F 69 -26.58 76.54 -45.90
C GLY F 69 -25.10 76.84 -45.96
N ASN F 70 -24.74 78.12 -45.86
CA ASN F 70 -23.34 78.54 -45.94
C ASN F 70 -22.79 78.05 -47.28
N GLY F 71 -23.65 78.05 -48.30
CA GLY F 71 -23.26 77.59 -49.62
C GLY F 71 -23.59 76.11 -49.74
N ALA F 72 -24.50 75.76 -50.63
CA ALA F 72 -24.88 74.36 -50.82
C ALA F 72 -25.74 74.17 -52.07
N LYS F 73 -25.32 73.23 -52.91
CA LYS F 73 -26.05 72.93 -54.14
C LYS F 73 -27.04 71.78 -53.95
N LYS F 74 -26.88 71.03 -52.87
CA LYS F 74 -27.76 69.90 -52.58
C LYS F 74 -28.31 69.92 -51.15
N GLY F 75 -29.11 68.91 -50.83
CA GLY F 75 -29.70 68.82 -49.50
C GLY F 75 -29.71 67.41 -48.94
N THR F 76 -29.42 67.30 -47.65
CA THR F 76 -29.37 66.02 -46.96
C THR F 76 -30.48 65.98 -45.91
N VAL F 77 -31.26 67.07 -45.89
CA VAL F 77 -32.37 67.26 -44.96
C VAL F 77 -33.51 67.85 -45.75
N LYS F 78 -34.70 67.25 -45.69
CA LYS F 78 -35.81 67.79 -46.44
C LYS F 78 -36.74 68.58 -45.52
N LEU F 79 -37.25 69.70 -46.02
CA LEU F 79 -38.17 70.53 -45.25
C LEU F 79 -39.57 70.40 -45.83
N ALA F 80 -40.57 70.52 -44.99
CA ALA F 80 -41.94 70.44 -45.47
C ALA F 80 -42.93 70.94 -44.43
N PHE F 81 -43.95 71.65 -44.90
CA PHE F 81 -44.96 72.16 -44.01
C PHE F 81 -46.23 71.35 -44.19
N THR F 82 -46.93 71.11 -43.10
CA THR F 82 -48.17 70.37 -43.13
C THR F 82 -49.16 71.08 -42.24
N GLY F 83 -50.44 71.02 -42.60
CA GLY F 83 -51.45 71.66 -41.80
C GLY F 83 -52.78 71.52 -42.50
N PRO F 84 -53.90 71.76 -41.81
CA PRO F 84 -55.19 71.63 -42.50
C PRO F 84 -55.38 72.75 -43.52
N ILE F 85 -55.74 72.40 -44.75
CA ILE F 85 -55.93 73.42 -45.77
C ILE F 85 -57.39 73.71 -46.08
N VAL F 86 -57.61 74.76 -46.86
CA VAL F 86 -58.96 75.12 -47.27
C VAL F 86 -59.24 74.24 -48.47
N ASN F 87 -60.44 73.67 -48.50
CA ASN F 87 -60.84 72.79 -49.58
C ASN F 87 -60.46 73.31 -50.96
N GLY F 88 -59.56 72.60 -51.65
CA GLY F 88 -59.16 73.01 -52.98
C GLY F 88 -58.01 73.99 -53.12
N HIS F 89 -57.39 74.35 -51.99
CA HIS F 89 -56.27 75.28 -52.00
C HIS F 89 -55.24 74.85 -50.97
N SER F 90 -54.33 73.99 -51.38
CA SER F 90 -53.32 73.50 -50.46
C SER F 90 -52.37 74.59 -49.98
N ASP F 91 -52.42 75.77 -50.60
CA ASP F 91 -51.53 76.85 -50.19
C ASP F 91 -52.23 77.78 -49.21
N GLU F 92 -53.44 77.40 -48.81
CA GLU F 92 -54.22 78.19 -47.86
C GLU F 92 -54.50 77.44 -46.57
N LEU F 93 -53.72 77.76 -45.54
CA LEU F 93 -53.86 77.12 -44.24
C LEU F 93 -55.19 77.53 -43.60
N ASP F 94 -56.04 76.55 -43.33
CA ASP F 94 -57.34 76.87 -42.71
C ASP F 94 -57.11 77.27 -41.26
N THR F 95 -58.03 78.06 -40.70
CA THR F 95 -57.91 78.54 -39.34
C THR F 95 -59.04 78.12 -38.41
N ASN F 96 -58.74 78.12 -37.11
CA ASN F 96 -59.71 77.77 -36.09
C ASN F 96 -60.46 79.04 -35.69
N GLY F 97 -61.69 78.89 -35.24
CA GLY F 97 -62.47 80.05 -34.82
C GLY F 97 -63.62 80.40 -35.74
N GLY F 98 -63.66 79.80 -36.92
CA GLY F 98 -64.73 80.10 -37.85
C GLY F 98 -64.85 81.59 -38.10
N THR F 99 -63.75 82.21 -38.51
CA THR F 99 -63.74 83.64 -38.80
C THR F 99 -63.74 83.85 -40.31
N GLY F 100 -63.60 82.76 -41.06
CA GLY F 100 -63.59 82.83 -42.51
C GLY F 100 -62.24 83.19 -43.09
N THR F 101 -61.22 83.22 -42.24
CA THR F 101 -59.89 83.56 -42.70
C THR F 101 -59.02 82.36 -43.04
N ALA F 102 -57.90 82.63 -43.71
CA ALA F 102 -56.94 81.61 -44.11
C ALA F 102 -55.57 82.25 -44.03
N ILE F 103 -54.51 81.43 -44.00
CA ILE F 103 -53.17 81.96 -43.90
C ILE F 103 -52.26 81.45 -45.02
N VAL F 104 -51.55 82.38 -45.65
CA VAL F 104 -50.65 82.07 -46.74
C VAL F 104 -49.24 82.43 -46.32
N VAL F 105 -48.32 81.48 -46.47
CA VAL F 105 -46.94 81.68 -46.09
C VAL F 105 -46.07 81.67 -47.35
N GLN F 106 -45.21 82.67 -47.48
CA GLN F 106 -44.34 82.77 -48.63
C GLN F 106 -42.90 82.50 -48.24
N GLY F 107 -42.18 81.83 -49.13
CA GLY F 107 -40.78 81.52 -48.91
C GLY F 107 -40.02 81.61 -50.21
N ALA F 108 -39.17 82.62 -50.34
CA ALA F 108 -38.37 82.83 -51.54
C ALA F 108 -39.25 83.08 -52.76
N GLY F 109 -40.34 83.81 -52.57
CA GLY F 109 -41.24 84.11 -53.68
C GLY F 109 -42.47 83.23 -53.82
N LYS F 110 -42.27 81.91 -53.84
CA LYS F 110 -43.39 80.99 -54.00
C LYS F 110 -44.17 80.76 -52.69
N ASN F 111 -45.44 80.38 -52.81
CA ASN F 111 -46.27 80.10 -51.65
C ASN F 111 -45.98 78.72 -51.13
N VAL F 112 -45.98 78.57 -49.81
CA VAL F 112 -45.73 77.30 -49.19
C VAL F 112 -46.97 76.44 -49.37
N VAL F 113 -46.77 75.13 -49.55
CA VAL F 113 -47.91 74.23 -49.69
C VAL F 113 -47.97 73.37 -48.43
N PHE F 114 -49.15 73.29 -47.82
CA PHE F 114 -49.32 72.52 -46.59
C PHE F 114 -49.86 71.11 -46.78
N ASP F 115 -49.48 70.47 -47.88
CA ASP F 115 -49.95 69.12 -48.13
C ASP F 115 -48.88 68.09 -47.79
N GLY F 116 -47.70 68.59 -47.43
CA GLY F 116 -46.61 67.71 -47.08
C GLY F 116 -45.57 67.63 -48.16
N SER F 117 -45.80 68.33 -49.26
CA SER F 117 -44.83 68.31 -50.35
C SER F 117 -43.46 68.66 -49.79
N GLU F 118 -42.52 67.73 -49.98
CA GLU F 118 -41.15 67.89 -49.50
C GLU F 118 -40.42 69.05 -50.16
N GLY F 119 -39.10 68.91 -50.23
CA GLY F 119 -38.27 69.95 -50.83
C GLY F 119 -37.14 70.41 -49.94
N ASP F 120 -36.15 71.07 -50.52
CA ASP F 120 -35.00 71.59 -49.79
C ASP F 120 -35.28 72.98 -49.23
N ALA F 121 -34.35 73.48 -48.44
CA ALA F 121 -34.47 74.81 -47.89
C ALA F 121 -33.93 75.70 -49.00
N ASN F 122 -34.02 77.02 -48.82
CA ASN F 122 -33.55 77.95 -49.84
C ASN F 122 -33.87 79.34 -49.32
N THR F 123 -34.75 79.37 -48.34
CA THR F 123 -35.19 80.60 -47.70
C THR F 123 -34.21 80.91 -46.57
N LEU F 124 -33.04 80.31 -46.64
CA LEU F 124 -32.01 80.49 -45.63
C LEU F 124 -31.18 81.75 -45.88
N LYS F 125 -31.30 82.71 -44.96
CA LYS F 125 -30.58 83.99 -45.05
C LYS F 125 -29.08 83.83 -45.17
N ASP F 126 -28.60 83.84 -46.40
CA ASP F 126 -27.17 83.69 -46.72
C ASP F 126 -26.25 84.17 -45.61
N GLY F 127 -25.56 83.24 -44.97
CA GLY F 127 -24.63 83.61 -43.91
C GLY F 127 -25.02 83.21 -42.50
N GLU F 128 -26.30 82.90 -42.27
CA GLU F 128 -26.72 82.52 -40.92
C GLU F 128 -27.60 81.26 -40.81
N ASN F 129 -28.15 81.05 -39.63
CA ASN F 129 -28.97 79.87 -39.37
C ASN F 129 -30.46 80.19 -39.22
N VAL F 130 -30.94 81.17 -39.97
CA VAL F 130 -32.35 81.53 -39.86
C VAL F 130 -33.11 81.38 -41.18
N LEU F 131 -34.21 80.65 -41.14
CA LEU F 131 -35.05 80.47 -42.32
C LEU F 131 -36.03 81.63 -42.29
N HIS F 132 -36.11 82.37 -43.39
CA HIS F 132 -37.02 83.50 -43.43
C HIS F 132 -38.24 83.29 -44.31
N TYR F 133 -39.41 83.37 -43.70
CA TYR F 133 -40.67 83.23 -44.42
C TYR F 133 -41.52 84.44 -44.11
N THR F 134 -42.62 84.56 -44.84
CA THR F 134 -43.54 85.67 -44.69
C THR F 134 -44.96 85.11 -44.62
N ALA F 135 -45.77 85.62 -43.70
CA ALA F 135 -47.14 85.13 -43.58
C ALA F 135 -48.15 86.26 -43.61
N VAL F 136 -49.32 85.98 -44.20
CA VAL F 136 -50.37 86.97 -44.30
C VAL F 136 -51.71 86.30 -44.10
N VAL F 137 -52.71 87.09 -43.74
CA VAL F 137 -54.04 86.60 -43.50
C VAL F 137 -54.97 87.18 -44.57
N LYS F 138 -55.90 86.37 -45.06
CA LYS F 138 -56.85 86.84 -46.07
C LYS F 138 -58.13 86.07 -45.90
N LYS F 139 -59.17 86.46 -46.64
CA LYS F 139 -60.44 85.74 -46.55
C LYS F 139 -60.22 84.37 -47.16
N SER F 140 -60.86 83.36 -46.60
CA SER F 140 -60.73 82.02 -47.13
C SER F 140 -61.25 82.00 -48.56
N SER F 141 -60.47 81.43 -49.46
CA SER F 141 -60.92 81.39 -50.85
C SER F 141 -61.80 80.15 -51.03
N ALA F 142 -62.62 79.88 -50.01
CA ALA F 142 -63.55 78.77 -50.03
C ALA F 142 -64.88 79.36 -50.46
N VAL F 143 -65.78 78.51 -50.96
CA VAL F 143 -67.08 78.97 -51.42
C VAL F 143 -68.02 79.48 -50.33
N GLY F 144 -68.50 80.71 -50.52
CA GLY F 144 -69.42 81.30 -49.56
C GLY F 144 -68.73 81.74 -48.27
N ALA F 145 -67.42 81.58 -48.21
CA ALA F 145 -66.65 81.97 -47.03
C ALA F 145 -66.93 83.43 -46.72
N ALA F 146 -67.07 83.74 -45.43
CA ALA F 146 -67.34 85.10 -45.01
C ALA F 146 -66.53 85.47 -43.76
N VAL F 147 -65.75 86.55 -43.87
CA VAL F 147 -64.94 87.01 -42.76
C VAL F 147 -65.82 87.55 -41.66
N THR F 148 -65.55 87.11 -40.43
CA THR F 148 -66.33 87.54 -39.29
C THR F 148 -65.41 87.87 -38.13
N GLU F 149 -65.78 88.87 -37.35
CA GLU F 149 -64.98 89.27 -36.21
C GLU F 149 -64.75 88.05 -35.33
N GLY F 150 -63.81 88.17 -34.41
CA GLY F 150 -63.50 87.06 -33.52
C GLY F 150 -62.06 86.65 -33.67
N ALA F 151 -61.55 85.94 -32.67
CA ALA F 151 -60.17 85.48 -32.69
C ALA F 151 -60.02 84.23 -33.56
N PHE F 152 -58.82 84.06 -34.11
CA PHE F 152 -58.52 82.92 -34.95
C PHE F 152 -57.06 82.51 -34.72
N SER F 153 -56.75 81.26 -34.99
CA SER F 153 -55.40 80.76 -34.81
C SER F 153 -55.22 79.56 -35.70
N ALA F 154 -53.97 79.19 -35.95
CA ALA F 154 -53.68 78.03 -36.78
C ALA F 154 -52.33 77.47 -36.39
N VAL F 155 -52.16 76.16 -36.62
CA VAL F 155 -50.91 75.50 -36.28
C VAL F 155 -50.36 74.78 -37.50
N ALA F 156 -49.11 75.06 -37.84
CA ALA F 156 -48.48 74.42 -38.98
C ALA F 156 -47.33 73.54 -38.50
N ASN F 157 -47.25 72.34 -39.07
CA ASN F 157 -46.20 71.41 -38.74
C ASN F 157 -44.98 71.68 -39.63
N PHE F 158 -43.84 71.93 -39.01
CA PHE F 158 -42.60 72.17 -39.74
C PHE F 158 -41.87 70.82 -39.67
N ASN F 159 -41.93 70.06 -40.75
CA ASN F 159 -41.31 68.72 -40.79
C ASN F 159 -39.89 68.69 -41.35
N LEU F 160 -38.95 68.19 -40.55
CA LEU F 160 -37.58 68.06 -40.98
C LEU F 160 -37.28 66.57 -41.02
N THR F 161 -37.06 66.05 -42.22
CA THR F 161 -36.77 64.63 -42.42
C THR F 161 -35.29 64.51 -42.79
N TYR F 162 -34.60 63.62 -42.08
CA TYR F 162 -33.16 63.43 -42.30
C TYR F 162 -32.83 62.15 -43.03
N GLN F 163 -32.21 62.28 -44.19
CA GLN F 163 -31.83 61.07 -44.91
C GLN F 163 -30.46 60.68 -44.39
N ALA G 1 -96.77 9.49 -8.42
CA ALA G 1 -96.33 9.50 -6.99
C ALA G 1 -95.72 8.16 -6.61
N VAL G 2 -96.45 7.07 -6.86
CA VAL G 2 -95.93 5.74 -6.54
C VAL G 2 -94.90 5.32 -7.59
N SER G 3 -93.84 4.65 -7.15
CA SER G 3 -92.78 4.20 -8.05
C SER G 3 -92.35 2.78 -7.74
N LEU G 4 -91.79 2.11 -8.74
CA LEU G 4 -91.32 0.73 -8.65
C LEU G 4 -89.78 0.76 -8.54
N ASP G 5 -89.17 -0.36 -8.16
CA ASP G 5 -87.73 -0.37 -7.98
C ASP G 5 -86.87 -0.89 -9.13
N ARG G 6 -87.48 -1.55 -10.12
CA ARG G 6 -86.72 -2.07 -11.25
C ARG G 6 -87.50 -1.90 -12.55
N THR G 7 -86.81 -2.04 -13.68
CA THR G 7 -87.45 -1.91 -14.99
C THR G 7 -87.76 -3.30 -15.55
N ARG G 8 -87.32 -4.34 -14.86
CA ARG G 8 -87.60 -5.70 -15.28
C ARG G 8 -87.43 -6.59 -14.08
N ALA G 9 -88.17 -7.69 -14.04
CA ALA G 9 -88.07 -8.61 -12.92
C ALA G 9 -87.75 -10.03 -13.35
N VAL G 10 -86.94 -10.72 -12.56
CA VAL G 10 -86.59 -12.10 -12.85
C VAL G 10 -87.10 -12.92 -11.67
N PHE G 11 -87.97 -13.87 -11.94
CA PHE G 11 -88.51 -14.71 -10.90
C PHE G 11 -87.75 -16.02 -10.89
N ASP G 12 -86.94 -16.22 -9.86
CA ASP G 12 -86.14 -17.43 -9.73
C ASP G 12 -87.05 -18.60 -9.38
N GLY G 13 -87.22 -19.52 -10.32
CA GLY G 13 -88.09 -20.66 -10.10
C GLY G 13 -87.69 -21.60 -8.99
N SER G 14 -86.48 -21.43 -8.46
CA SER G 14 -86.04 -22.31 -7.39
C SER G 14 -86.73 -21.86 -6.09
N GLU G 15 -87.22 -20.62 -6.10
CA GLU G 15 -87.91 -20.05 -4.94
C GLU G 15 -89.42 -20.12 -5.24
N LYS G 16 -90.23 -19.89 -4.21
CA LYS G 16 -91.67 -19.93 -4.38
C LYS G 16 -92.27 -18.53 -4.38
N SER G 17 -91.43 -17.52 -4.17
CA SER G 17 -91.89 -16.14 -4.15
C SER G 17 -90.72 -15.16 -4.19
N MET G 18 -91.05 -13.89 -4.41
CA MET G 18 -90.07 -12.81 -4.45
C MET G 18 -90.81 -11.53 -4.15
N THR G 19 -90.08 -10.46 -3.85
CA THR G 19 -90.76 -9.21 -3.57
C THR G 19 -90.21 -8.10 -4.43
N LEU G 20 -91.01 -7.04 -4.55
CA LEU G 20 -90.66 -5.85 -5.31
C LEU G 20 -90.93 -4.63 -4.43
N ASP G 21 -89.96 -3.74 -4.30
CA ASP G 21 -90.11 -2.56 -3.47
C ASP G 21 -90.85 -1.44 -4.19
N ILE G 22 -91.82 -0.83 -3.52
CA ILE G 22 -92.53 0.26 -4.12
C ILE G 22 -92.48 1.42 -3.15
N SER G 23 -92.63 2.63 -3.67
CA SER G 23 -92.57 3.82 -2.84
C SER G 23 -93.55 4.93 -3.24
N ASN G 24 -93.99 5.68 -2.24
CA ASN G 24 -94.87 6.82 -2.50
C ASN G 24 -93.92 7.99 -2.38
N ASP G 25 -93.46 8.51 -3.52
CA ASP G 25 -92.51 9.62 -3.49
C ASP G 25 -93.17 10.95 -3.17
N ASN G 26 -94.49 10.96 -3.06
CA ASN G 26 -95.22 12.18 -2.74
C ASN G 26 -95.14 12.37 -1.23
N LYS G 27 -94.77 13.56 -0.79
CA LYS G 27 -94.66 13.80 0.64
C LYS G 27 -95.82 14.53 1.31
N GLN G 28 -96.92 14.71 0.60
CA GLN G 28 -98.06 15.40 1.19
C GLN G 28 -99.34 14.59 1.23
N LEU G 29 -99.55 13.75 0.24
CA LEU G 29 -100.79 12.99 0.20
C LEU G 29 -100.63 11.50 0.09
N PRO G 30 -101.65 10.75 0.53
CA PRO G 30 -101.59 9.29 0.45
C PRO G 30 -102.03 8.84 -0.96
N TYR G 31 -101.50 7.72 -1.42
CA TYR G 31 -101.85 7.18 -2.73
C TYR G 31 -102.10 5.68 -2.64
N LEU G 32 -103.01 5.19 -3.46
CA LEU G 32 -103.29 3.76 -3.50
C LEU G 32 -102.36 3.15 -4.56
N ALA G 33 -102.03 1.89 -4.40
CA ALA G 33 -101.19 1.22 -5.38
C ALA G 33 -101.83 -0.11 -5.76
N GLN G 34 -102.14 -0.30 -7.05
CA GLN G 34 -102.73 -1.56 -7.52
C GLN G 34 -101.66 -2.35 -8.24
N ALA G 35 -101.62 -3.65 -8.00
CA ALA G 35 -100.65 -4.51 -8.66
C ALA G 35 -101.35 -5.73 -9.23
N TRP G 36 -100.93 -6.15 -10.42
CA TRP G 36 -101.52 -7.33 -11.05
C TRP G 36 -100.58 -7.91 -12.10
N ILE G 37 -100.74 -9.19 -12.37
CA ILE G 37 -99.91 -9.88 -13.35
C ILE G 37 -100.64 -10.02 -14.69
N GLU G 38 -99.88 -10.09 -15.78
CA GLU G 38 -100.43 -10.29 -17.10
C GLU G 38 -99.63 -11.42 -17.74
N ASN G 39 -100.27 -12.23 -18.57
CA ASN G 39 -99.58 -13.33 -19.25
C ASN G 39 -98.79 -12.75 -20.42
N GLU G 40 -98.10 -13.63 -21.16
CA GLU G 40 -97.29 -13.18 -22.30
C GLU G 40 -98.02 -12.36 -23.34
N ASN G 41 -99.35 -12.44 -23.37
CA ASN G 41 -100.16 -11.69 -24.32
C ASN G 41 -100.69 -10.42 -23.69
N GLN G 42 -100.15 -10.07 -22.53
CA GLN G 42 -100.58 -8.88 -21.81
C GLN G 42 -102.05 -8.96 -21.39
N GLU G 43 -102.51 -10.17 -21.07
CA GLU G 43 -103.87 -10.38 -20.58
C GLU G 43 -103.79 -10.54 -19.06
N LYS G 44 -104.58 -9.76 -18.34
CA LYS G 44 -104.59 -9.83 -16.89
C LYS G 44 -104.98 -11.20 -16.38
N ILE G 45 -104.30 -11.68 -15.34
CA ILE G 45 -104.66 -12.98 -14.78
C ILE G 45 -104.66 -12.89 -13.27
N ILE G 46 -105.69 -13.44 -12.63
CA ILE G 46 -105.74 -13.39 -11.18
C ILE G 46 -105.72 -14.76 -10.53
N THR G 47 -105.79 -15.83 -11.32
CA THR G 47 -105.81 -17.18 -10.75
C THR G 47 -104.51 -17.98 -10.88
N GLY G 48 -103.40 -17.31 -11.19
CA GLY G 48 -102.14 -18.02 -11.31
C GLY G 48 -101.63 -18.11 -12.75
N PRO G 49 -100.47 -18.75 -12.99
CA PRO G 49 -99.56 -19.39 -12.04
C PRO G 49 -98.71 -18.47 -11.16
N VAL G 50 -98.70 -17.18 -11.46
CA VAL G 50 -97.96 -16.27 -10.62
C VAL G 50 -98.92 -15.17 -10.22
N ILE G 51 -98.95 -14.86 -8.93
CA ILE G 51 -99.86 -13.86 -8.41
C ILE G 51 -99.17 -12.71 -7.70
N ALA G 52 -99.83 -11.55 -7.74
CA ALA G 52 -99.31 -10.35 -7.12
C ALA G 52 -100.22 -9.99 -5.94
N THR G 53 -99.61 -9.79 -4.78
CA THR G 53 -100.35 -9.43 -3.57
C THR G 53 -99.62 -8.32 -2.85
N PRO G 54 -100.36 -7.38 -2.28
CA PRO G 54 -101.83 -7.40 -2.34
C PRO G 54 -102.30 -6.68 -3.60
N PRO G 55 -103.52 -7.02 -4.08
CA PRO G 55 -104.01 -6.35 -5.28
C PRO G 55 -103.99 -4.82 -5.15
N VAL G 56 -104.42 -4.30 -4.01
CA VAL G 56 -104.41 -2.86 -3.79
C VAL G 56 -103.95 -2.56 -2.36
N GLN G 57 -103.19 -1.48 -2.20
CA GLN G 57 -102.74 -1.10 -0.87
C GLN G 57 -102.62 0.41 -0.80
N ARG G 58 -102.74 0.94 0.42
CA ARG G 58 -102.65 2.38 0.64
C ARG G 58 -101.26 2.76 1.15
N LEU G 59 -100.68 3.79 0.57
CA LEU G 59 -99.34 4.25 0.96
C LEU G 59 -99.39 5.70 1.41
N GLU G 60 -99.09 5.92 2.69
CA GLU G 60 -99.09 7.27 3.25
C GLU G 60 -97.92 8.05 2.62
N PRO G 61 -97.92 9.37 2.77
CA PRO G 61 -96.85 10.22 2.22
C PRO G 61 -95.47 9.67 2.55
N GLY G 62 -94.62 9.57 1.53
CA GLY G 62 -93.27 9.07 1.75
C GLY G 62 -93.13 7.63 2.20
N ALA G 63 -94.22 6.87 2.20
CA ALA G 63 -94.13 5.48 2.65
C ALA G 63 -93.42 4.53 1.69
N LYS G 64 -92.72 3.57 2.27
CA LYS G 64 -92.00 2.55 1.53
C LYS G 64 -92.79 1.27 1.78
N SER G 65 -92.97 0.44 0.76
CA SER G 65 -93.72 -0.81 0.95
C SER G 65 -93.29 -1.85 -0.07
N MET G 66 -94.04 -2.94 -0.15
CA MET G 66 -93.70 -4.00 -1.08
C MET G 66 -94.90 -4.68 -1.70
N VAL G 67 -94.66 -5.32 -2.83
CA VAL G 67 -95.65 -6.10 -3.53
C VAL G 67 -95.01 -7.48 -3.60
N ARG G 68 -95.76 -8.49 -3.21
CA ARG G 68 -95.24 -9.84 -3.19
C ARG G 68 -95.70 -10.67 -4.39
N LEU G 69 -94.72 -11.27 -5.07
CA LEU G 69 -95.00 -12.14 -6.22
C LEU G 69 -94.82 -13.58 -5.77
N SER G 70 -95.89 -14.37 -5.83
CA SER G 70 -95.81 -15.77 -5.43
C SER G 70 -96.42 -16.67 -6.51
N THR G 71 -96.24 -17.97 -6.36
CA THR G 71 -96.73 -18.91 -7.36
C THR G 71 -97.71 -19.96 -6.82
N THR G 72 -98.57 -20.48 -7.69
CA THR G 72 -99.49 -21.55 -7.30
C THR G 72 -98.79 -22.85 -7.71
N PRO G 73 -99.26 -23.99 -7.21
CA PRO G 73 -98.59 -25.25 -7.60
C PRO G 73 -98.49 -25.49 -9.11
N ASP G 74 -99.43 -24.93 -9.87
CA ASP G 74 -99.44 -25.09 -11.32
C ASP G 74 -98.27 -24.44 -12.04
N ILE G 75 -97.49 -23.64 -11.32
CA ILE G 75 -96.33 -22.99 -11.91
C ILE G 75 -95.45 -24.07 -12.51
N SER G 76 -95.59 -25.30 -12.02
CA SER G 76 -94.79 -26.42 -12.51
C SER G 76 -95.21 -26.90 -13.91
N LYS G 77 -96.38 -26.51 -14.39
CA LYS G 77 -96.83 -26.92 -15.72
C LYS G 77 -96.02 -26.16 -16.78
N LEU G 78 -95.51 -24.98 -16.43
CA LEU G 78 -94.69 -24.20 -17.35
C LEU G 78 -93.47 -25.02 -17.74
N PRO G 79 -92.91 -24.78 -18.94
CA PRO G 79 -91.73 -25.55 -19.34
C PRO G 79 -90.60 -25.26 -18.35
N GLN G 80 -89.78 -26.25 -18.08
CA GLN G 80 -88.70 -26.07 -17.12
C GLN G 80 -87.32 -25.89 -17.74
N ASP G 81 -87.24 -25.81 -19.07
CA ASP G 81 -85.95 -25.67 -19.71
C ASP G 81 -85.84 -24.35 -20.48
N ARG G 82 -86.75 -23.44 -20.20
CA ARG G 82 -86.75 -22.13 -20.84
C ARG G 82 -87.59 -21.16 -20.04
N GLU G 83 -87.35 -19.88 -20.22
CA GLU G 83 -88.10 -18.86 -19.52
C GLU G 83 -89.53 -18.75 -20.06
N SER G 84 -90.40 -18.17 -19.25
CA SER G 84 -91.78 -17.92 -19.62
C SER G 84 -91.98 -16.43 -19.39
N LEU G 85 -92.79 -15.80 -20.24
CA LEU G 85 -93.00 -14.37 -20.13
C LEU G 85 -94.28 -13.93 -19.42
N PHE G 86 -94.13 -12.96 -18.53
CA PHE G 86 -95.26 -12.37 -17.80
C PHE G 86 -94.98 -10.88 -17.73
N TYR G 87 -95.98 -10.13 -17.30
CA TYR G 87 -95.81 -8.70 -17.15
C TYR G 87 -96.33 -8.30 -15.76
N PHE G 88 -95.57 -7.45 -15.10
CA PHE G 88 -95.95 -6.96 -13.78
C PHE G 88 -96.46 -5.54 -13.94
N ASN G 89 -97.62 -5.24 -13.36
CA ASN G 89 -98.17 -3.89 -13.46
C ASN G 89 -98.41 -3.23 -12.10
N LEU G 90 -98.14 -1.93 -12.04
CA LEU G 90 -98.32 -1.14 -10.84
C LEU G 90 -98.99 0.17 -11.20
N ARG G 91 -100.25 0.32 -10.81
CA ARG G 91 -100.98 1.53 -11.11
C ARG G 91 -101.39 2.27 -9.83
N GLU G 92 -101.10 3.55 -9.78
CA GLU G 92 -101.46 4.35 -8.62
C GLU G 92 -102.85 4.95 -8.79
N ILE G 93 -103.51 5.22 -7.68
CA ILE G 93 -104.82 5.84 -7.71
C ILE G 93 -104.66 7.08 -6.83
N PRO G 94 -104.59 8.27 -7.45
CA PRO G 94 -104.43 9.48 -6.63
C PRO G 94 -105.68 9.81 -5.83
N PRO G 95 -105.54 10.56 -4.73
CA PRO G 95 -106.73 10.91 -3.95
C PRO G 95 -107.55 11.93 -4.72
N ARG G 96 -108.87 11.91 -4.58
CA ARG G 96 -109.71 12.85 -5.31
C ARG G 96 -109.29 14.29 -4.99
N SER G 97 -109.40 15.16 -5.99
CA SER G 97 -109.00 16.55 -5.82
C SER G 97 -110.04 17.39 -5.10
N GLU G 98 -109.56 18.33 -4.30
CA GLU G 98 -110.44 19.22 -3.55
C GLU G 98 -111.05 20.27 -4.49
N LYS G 99 -110.34 20.58 -5.58
CA LYS G 99 -110.80 21.57 -6.56
C LYS G 99 -112.03 21.11 -7.34
N ALA G 100 -112.56 22.00 -8.16
CA ALA G 100 -113.77 21.72 -8.93
C ALA G 100 -113.54 21.11 -10.32
N ASN G 101 -113.26 21.95 -11.31
CA ASN G 101 -113.04 21.49 -12.67
C ASN G 101 -111.57 21.09 -12.79
N VAL G 102 -111.31 19.79 -12.75
CA VAL G 102 -109.95 19.29 -12.76
C VAL G 102 -109.68 17.99 -13.52
N LEU G 103 -108.43 17.82 -13.93
CA LEU G 103 -107.98 16.63 -14.64
C LEU G 103 -106.82 16.06 -13.83
N GLN G 104 -106.86 14.77 -13.51
CA GLN G 104 -105.77 14.17 -12.75
C GLN G 104 -105.05 13.10 -13.56
N ILE G 105 -103.74 13.03 -13.37
CA ILE G 105 -102.90 12.06 -14.05
C ILE G 105 -102.50 10.94 -13.07
N ALA G 106 -102.59 9.70 -13.53
CA ALA G 106 -102.23 8.55 -12.70
C ALA G 106 -101.23 7.65 -13.42
N LEU G 107 -100.04 7.55 -12.85
CA LEU G 107 -98.97 6.76 -13.44
C LEU G 107 -99.23 5.25 -13.34
N GLN G 108 -98.90 4.53 -14.40
CA GLN G 108 -99.02 3.08 -14.43
C GLN G 108 -97.71 2.58 -15.04
N THR G 109 -97.04 1.68 -14.33
CA THR G 109 -95.78 1.15 -14.81
C THR G 109 -95.94 -0.32 -15.15
N LYS G 110 -95.46 -0.70 -16.33
CA LYS G 110 -95.53 -2.09 -16.77
C LYS G 110 -94.13 -2.55 -17.13
N ILE G 111 -93.68 -3.64 -16.51
CA ILE G 111 -92.36 -4.17 -16.77
C ILE G 111 -92.44 -5.66 -17.09
N LYS G 112 -91.39 -6.20 -17.66
CA LYS G 112 -91.39 -7.61 -17.99
C LYS G 112 -91.05 -8.42 -16.76
N LEU G 113 -91.73 -9.55 -16.62
CA LEU G 113 -91.51 -10.47 -15.52
C LEU G 113 -91.05 -11.78 -16.15
N PHE G 114 -89.79 -12.12 -15.99
CA PHE G 114 -89.25 -13.35 -16.57
C PHE G 114 -89.23 -14.49 -15.56
N TYR G 115 -89.99 -15.56 -15.82
CA TYR G 115 -89.98 -16.72 -14.95
C TYR G 115 -88.83 -17.59 -15.39
N ARG G 116 -87.79 -17.68 -14.57
CA ARG G 116 -86.59 -18.45 -14.88
C ARG G 116 -86.58 -19.76 -14.08
N PRO G 117 -87.02 -20.88 -14.69
CA PRO G 117 -87.06 -22.18 -14.02
C PRO G 117 -85.74 -22.52 -13.35
N ALA G 118 -85.82 -23.31 -12.28
CA ALA G 118 -84.62 -23.72 -11.54
C ALA G 118 -83.56 -24.37 -12.42
N ALA G 119 -83.98 -25.30 -13.28
CA ALA G 119 -83.03 -25.98 -14.15
C ALA G 119 -82.14 -25.05 -14.99
N ILE G 120 -82.53 -23.78 -15.12
CA ILE G 120 -81.70 -22.85 -15.88
C ILE G 120 -81.30 -21.65 -15.05
N LYS G 121 -81.23 -21.86 -13.74
CA LYS G 121 -80.84 -20.80 -12.81
C LYS G 121 -79.52 -20.20 -13.27
N THR G 122 -79.37 -18.90 -13.07
CA THR G 122 -78.18 -18.21 -13.51
C THR G 122 -77.29 -17.66 -12.40
N ARG G 123 -76.00 -17.50 -12.70
CA ARG G 123 -75.05 -16.96 -11.74
C ARG G 123 -75.09 -15.43 -11.74
N PRO G 124 -74.81 -14.81 -10.59
CA PRO G 124 -74.79 -13.35 -10.38
C PRO G 124 -74.41 -12.46 -11.56
N ASN G 125 -73.32 -12.77 -12.26
CA ASN G 125 -72.92 -11.94 -13.39
C ASN G 125 -72.76 -12.73 -14.68
N GLU G 126 -73.48 -13.84 -14.78
CA GLU G 126 -73.43 -14.68 -15.95
C GLU G 126 -73.92 -13.96 -17.20
N VAL G 127 -73.24 -14.21 -18.31
CA VAL G 127 -73.63 -13.59 -19.57
C VAL G 127 -73.91 -14.69 -20.56
N TRP G 128 -75.13 -14.75 -21.06
CA TRP G 128 -75.52 -15.76 -22.03
C TRP G 128 -75.74 -15.12 -23.39
N GLN G 129 -75.87 -13.80 -23.40
CA GLN G 129 -76.11 -13.04 -24.63
C GLN G 129 -74.96 -13.15 -25.63
N ASP G 130 -73.77 -13.46 -25.14
CA ASP G 130 -72.63 -13.60 -26.04
C ASP G 130 -72.76 -14.88 -26.87
N GLN G 131 -73.91 -15.54 -26.75
CA GLN G 131 -74.14 -16.74 -27.53
C GLN G 131 -74.98 -16.38 -28.75
N LEU G 132 -75.40 -15.11 -28.83
CA LEU G 132 -76.20 -14.65 -29.96
C LEU G 132 -75.45 -14.89 -31.25
N ILE G 133 -76.21 -15.14 -32.32
CA ILE G 133 -75.62 -15.38 -33.63
C ILE G 133 -76.26 -14.49 -34.67
N LEU G 134 -75.44 -13.99 -35.59
CA LEU G 134 -75.90 -13.12 -36.66
C LEU G 134 -75.74 -13.83 -38.00
N ASN G 135 -76.84 -13.92 -38.75
CA ASN G 135 -76.81 -14.53 -40.06
C ASN G 135 -77.19 -13.48 -41.09
N LYS G 136 -76.29 -13.22 -42.03
CA LYS G 136 -76.52 -12.24 -43.07
C LYS G 136 -77.61 -12.72 -44.02
N VAL G 137 -78.52 -11.81 -44.36
CA VAL G 137 -79.61 -12.10 -45.27
C VAL G 137 -79.80 -10.84 -46.12
N SER G 138 -80.61 -10.94 -47.17
CA SER G 138 -80.87 -9.80 -48.03
C SER G 138 -81.47 -8.67 -47.23
N GLY G 139 -80.84 -7.50 -47.27
CA GLY G 139 -81.35 -6.34 -46.57
C GLY G 139 -81.05 -6.21 -45.09
N GLY G 140 -80.33 -7.19 -44.53
CA GLY G 140 -80.02 -7.10 -43.11
C GLY G 140 -79.54 -8.37 -42.44
N TYR G 141 -79.94 -8.56 -41.20
CA TYR G 141 -79.51 -9.73 -40.45
C TYR G 141 -80.63 -10.46 -39.76
N ARG G 142 -80.39 -11.76 -39.56
CA ARG G 142 -81.34 -12.58 -38.83
C ARG G 142 -80.61 -12.81 -37.51
N ILE G 143 -81.15 -12.24 -36.44
CA ILE G 143 -80.56 -12.38 -35.12
C ILE G 143 -81.06 -13.66 -34.50
N GLU G 144 -80.14 -14.57 -34.20
CA GLU G 144 -80.49 -15.85 -33.62
C GLU G 144 -80.17 -15.93 -32.12
N ASN G 145 -81.16 -16.35 -31.35
CA ASN G 145 -80.98 -16.49 -29.91
C ASN G 145 -81.11 -17.96 -29.53
N PRO G 146 -79.98 -18.67 -29.50
CA PRO G 146 -79.95 -20.09 -29.15
C PRO G 146 -79.95 -20.40 -27.66
N THR G 147 -80.26 -19.41 -26.81
CA THR G 147 -80.28 -19.64 -25.37
C THR G 147 -81.69 -19.88 -24.83
N PRO G 148 -81.82 -20.27 -23.55
CA PRO G 148 -83.11 -20.52 -22.92
C PRO G 148 -83.77 -19.27 -22.34
N TYR G 149 -83.14 -18.11 -22.51
CA TYR G 149 -83.68 -16.86 -21.97
C TYR G 149 -84.15 -15.86 -23.01
N TYR G 150 -85.01 -14.93 -22.59
CA TYR G 150 -85.47 -13.89 -23.48
C TYR G 150 -84.33 -12.88 -23.61
N VAL G 151 -84.08 -12.41 -24.82
CA VAL G 151 -83.03 -11.43 -25.04
C VAL G 151 -83.62 -10.21 -25.75
N THR G 152 -83.47 -9.05 -25.12
CA THR G 152 -84.00 -7.82 -25.70
C THR G 152 -82.88 -7.04 -26.36
N VAL G 153 -82.96 -6.94 -27.69
CA VAL G 153 -81.94 -6.25 -28.47
C VAL G 153 -82.35 -4.81 -28.73
N ILE G 154 -81.47 -3.88 -28.38
CA ILE G 154 -81.78 -2.47 -28.55
C ILE G 154 -80.87 -1.74 -29.53
N GLY G 155 -79.90 -2.45 -30.09
CA GLY G 155 -79.01 -1.80 -31.04
C GLY G 155 -78.15 -2.73 -31.87
N LEU G 156 -77.90 -2.32 -33.10
CA LEU G 156 -77.08 -3.09 -34.04
C LEU G 156 -76.39 -2.12 -35.00
N GLY G 157 -75.07 -2.14 -35.02
CA GLY G 157 -74.37 -1.23 -35.90
C GLY G 157 -72.98 -1.68 -36.27
N GLY G 158 -72.25 -0.83 -36.98
CA GLY G 158 -70.90 -1.14 -37.40
C GLY G 158 -69.84 -0.80 -36.37
N SER G 159 -70.21 0.03 -35.40
CA SER G 159 -69.30 0.43 -34.34
C SER G 159 -70.04 0.45 -33.01
N GLU G 160 -69.31 0.27 -31.92
CA GLU G 160 -69.90 0.27 -30.59
C GLU G 160 -70.79 1.51 -30.45
N LYS G 161 -70.29 2.65 -30.91
CA LYS G 161 -71.04 3.89 -30.81
C LYS G 161 -72.37 3.82 -31.58
N GLN G 162 -72.35 3.18 -32.73
CA GLN G 162 -73.57 3.07 -33.53
C GLN G 162 -74.59 2.17 -32.85
N ALA G 163 -74.11 1.08 -32.25
CA ALA G 163 -74.99 0.15 -31.56
C ALA G 163 -75.69 0.87 -30.40
N GLU G 164 -74.93 1.68 -29.66
CA GLU G 164 -75.46 2.41 -28.53
C GLU G 164 -76.44 3.53 -28.87
N GLU G 165 -76.07 4.39 -29.81
CA GLU G 165 -76.90 5.54 -30.17
C GLU G 165 -77.64 5.50 -31.50
N GLY G 166 -77.38 4.47 -32.30
CA GLY G 166 -78.03 4.38 -33.59
C GLY G 166 -79.52 4.11 -33.53
N GLU G 167 -80.24 4.62 -34.53
CA GLU G 167 -81.68 4.40 -34.61
C GLU G 167 -81.87 2.90 -34.75
N PHE G 168 -82.76 2.34 -33.93
CA PHE G 168 -83.01 0.90 -33.97
C PHE G 168 -84.30 0.58 -33.23
N GLU G 169 -85.14 -0.25 -33.82
CA GLU G 169 -86.39 -0.63 -33.18
C GLU G 169 -86.12 -1.82 -32.29
N THR G 170 -86.16 -1.60 -30.98
CA THR G 170 -85.89 -2.66 -30.03
C THR G 170 -86.78 -3.86 -30.30
N VAL G 171 -86.18 -5.04 -30.23
CA VAL G 171 -86.92 -6.25 -30.48
C VAL G 171 -86.48 -7.29 -29.45
N MET G 172 -87.43 -8.08 -28.97
CA MET G 172 -87.11 -9.10 -27.97
C MET G 172 -87.24 -10.51 -28.56
N LEU G 173 -86.15 -11.26 -28.50
CA LEU G 173 -86.15 -12.61 -29.03
C LEU G 173 -86.51 -13.62 -27.96
N SER G 174 -87.55 -14.40 -28.22
CA SER G 174 -87.95 -15.41 -27.26
C SER G 174 -86.85 -16.46 -27.22
N PRO G 175 -86.88 -17.34 -26.21
CA PRO G 175 -85.87 -18.39 -26.10
C PRO G 175 -85.86 -19.27 -27.35
N ARG G 176 -84.66 -19.66 -27.77
CA ARG G 176 -84.50 -20.53 -28.94
C ARG G 176 -85.26 -20.04 -30.16
N SER G 177 -85.19 -18.74 -30.43
CA SER G 177 -85.87 -18.19 -31.60
C SER G 177 -84.99 -17.17 -32.33
N GLU G 178 -85.53 -16.62 -33.42
CA GLU G 178 -84.79 -15.66 -34.23
C GLU G 178 -85.70 -14.53 -34.68
N GLN G 179 -85.09 -13.47 -35.17
CA GLN G 179 -85.80 -12.31 -35.64
C GLN G 179 -84.95 -11.65 -36.73
N THR G 180 -85.61 -11.22 -37.79
CA THR G 180 -84.90 -10.57 -38.89
C THR G 180 -85.07 -9.07 -38.78
N VAL G 181 -83.98 -8.34 -38.98
CA VAL G 181 -84.03 -6.88 -38.91
C VAL G 181 -83.36 -6.27 -40.15
N LYS G 182 -83.89 -5.15 -40.62
CA LYS G 182 -83.29 -4.51 -41.78
C LYS G 182 -82.07 -3.76 -41.25
N SER G 183 -80.98 -3.84 -42.00
CA SER G 183 -79.75 -3.19 -41.59
C SER G 183 -78.74 -3.22 -42.71
N ALA G 184 -77.76 -2.33 -42.65
CA ALA G 184 -76.71 -2.32 -43.65
C ALA G 184 -75.75 -3.43 -43.27
N ASN G 185 -74.87 -3.80 -44.20
CA ASN G 185 -73.89 -4.84 -43.93
C ASN G 185 -72.69 -4.22 -43.23
N TYR G 186 -72.27 -4.83 -42.12
CA TYR G 186 -71.15 -4.31 -41.35
C TYR G 186 -69.98 -5.26 -41.29
N ASN G 187 -68.79 -4.70 -41.49
CA ASN G 187 -67.54 -5.45 -41.44
C ASN G 187 -67.51 -6.13 -40.08
N THR G 188 -67.66 -5.31 -39.04
CA THR G 188 -67.67 -5.77 -37.67
C THR G 188 -68.96 -5.36 -36.98
N PRO G 189 -69.90 -6.29 -36.86
CA PRO G 189 -71.18 -5.97 -36.21
C PRO G 189 -71.04 -5.81 -34.70
N TYR G 190 -71.79 -4.85 -34.17
CA TYR G 190 -71.85 -4.58 -32.74
C TYR G 190 -73.33 -4.59 -32.37
N LEU G 191 -73.67 -5.31 -31.31
CA LEU G 191 -75.07 -5.41 -30.87
C LEU G 191 -75.23 -5.05 -29.39
N SER G 192 -76.31 -4.35 -29.08
CA SER G 192 -76.56 -3.97 -27.70
C SER G 192 -77.87 -4.56 -27.18
N TYR G 193 -77.82 -5.08 -25.95
CA TYR G 193 -79.00 -5.68 -25.33
C TYR G 193 -79.15 -5.17 -23.89
N ILE G 194 -80.29 -5.47 -23.29
CA ILE G 194 -80.56 -5.07 -21.92
C ILE G 194 -80.44 -6.30 -21.05
N ASN G 195 -79.60 -6.23 -20.01
CA ASN G 195 -79.43 -7.37 -19.10
C ASN G 195 -80.46 -7.35 -17.98
N ASP G 196 -80.37 -8.30 -17.05
CA ASP G 196 -81.32 -8.39 -15.94
C ASP G 196 -81.37 -7.15 -15.04
N TYR G 197 -80.29 -6.38 -15.05
CA TYR G 197 -80.18 -5.20 -14.20
C TYR G 197 -80.56 -3.90 -14.87
N GLY G 198 -80.95 -3.98 -16.14
CA GLY G 198 -81.30 -2.76 -16.83
C GLY G 198 -80.07 -2.18 -17.48
N GLY G 199 -78.96 -2.93 -17.42
CA GLY G 199 -77.72 -2.49 -18.03
C GLY G 199 -77.81 -2.69 -19.55
N ARG G 200 -77.00 -1.95 -20.29
CA ARG G 200 -76.99 -2.04 -21.76
C ARG G 200 -75.61 -2.38 -22.33
N PRO G 201 -75.15 -3.62 -22.11
CA PRO G 201 -73.83 -4.02 -22.63
C PRO G 201 -73.80 -4.01 -24.16
N VAL G 202 -72.61 -4.13 -24.72
CA VAL G 202 -72.43 -4.15 -26.17
C VAL G 202 -71.55 -5.33 -26.56
N LEU G 203 -72.01 -6.12 -27.52
CA LEU G 203 -71.27 -7.28 -28.01
C LEU G 203 -70.56 -6.97 -29.32
N SER G 204 -69.42 -7.60 -29.52
CA SER G 204 -68.64 -7.40 -30.74
C SER G 204 -68.59 -8.71 -31.51
N PHE G 205 -69.03 -8.67 -32.77
CA PHE G 205 -69.03 -9.88 -33.58
C PHE G 205 -67.89 -9.98 -34.58
N ILE G 206 -67.62 -11.22 -34.97
CA ILE G 206 -66.60 -11.58 -35.94
C ILE G 206 -67.31 -12.42 -36.99
N CYS G 207 -67.46 -11.90 -38.20
CA CYS G 207 -68.14 -12.63 -39.26
C CYS G 207 -67.22 -13.47 -40.13
N ASN G 208 -67.66 -14.69 -40.41
CA ASN G 208 -66.91 -15.60 -41.27
C ASN G 208 -67.95 -16.15 -42.26
N GLY G 209 -67.98 -15.57 -43.45
CA GLY G 209 -68.95 -15.98 -44.44
C GLY G 209 -70.21 -15.19 -44.20
N SER G 210 -71.34 -15.85 -44.02
CA SER G 210 -72.58 -15.16 -43.79
C SER G 210 -73.04 -15.33 -42.34
N ARG G 211 -72.19 -15.98 -41.54
CA ARG G 211 -72.48 -16.22 -40.13
C ARG G 211 -71.55 -15.43 -39.22
N CYS G 212 -72.11 -14.81 -38.20
CA CYS G 212 -71.30 -14.03 -37.27
C CYS G 212 -71.51 -14.48 -35.83
N SER G 213 -70.43 -14.50 -35.07
CA SER G 213 -70.50 -14.89 -33.67
C SER G 213 -69.74 -13.87 -32.83
N VAL G 214 -70.00 -13.85 -31.53
CA VAL G 214 -69.32 -12.91 -30.65
C VAL G 214 -67.86 -13.33 -30.53
N LYS G 215 -66.95 -12.35 -30.57
CA LYS G 215 -65.52 -12.63 -30.48
C LYS G 215 -65.08 -13.03 -29.08
N LYS G 216 -64.30 -14.12 -29.01
CA LYS G 216 -63.78 -14.63 -27.75
C LYS G 216 -62.84 -13.61 -27.11
N GLU G 217 -61.95 -13.11 -27.82
N GLN H 8 -83.71 -6.45 -12.21
CA GLN H 8 -84.24 -7.36 -11.14
C GLN H 8 -83.14 -7.72 -10.17
N GLY H 9 -83.29 -7.25 -8.93
CA GLY H 9 -82.31 -7.52 -7.90
C GLY H 9 -82.75 -6.92 -6.57
N LYS H 10 -82.88 -7.74 -5.54
CA LYS H 10 -83.30 -7.25 -4.22
C LYS H 10 -82.92 -8.12 -3.01
N VAL H 11 -83.47 -9.33 -2.94
CA VAL H 11 -83.23 -10.25 -1.82
C VAL H 11 -81.78 -10.68 -1.61
N THR H 12 -81.10 -11.07 -2.69
CA THR H 12 -79.70 -11.50 -2.61
C THR H 12 -78.74 -10.36 -2.96
N PHE H 13 -77.68 -10.21 -2.17
CA PHE H 13 -76.69 -9.15 -2.39
C PHE H 13 -75.34 -9.63 -2.91
N ASN H 14 -74.65 -8.74 -3.60
CA ASN H 14 -73.33 -9.00 -4.19
C ASN H 14 -72.73 -7.71 -4.77
N ASN H 15 -73.32 -7.21 -5.85
CA ASN H 15 -72.89 -5.99 -6.52
C ASN H 15 -74.07 -5.42 -7.33
N THR H 16 -75.27 -5.91 -7.01
CA THR H 16 -76.49 -5.51 -7.70
C THR H 16 -77.08 -4.14 -7.34
N VAL H 17 -77.15 -3.30 -8.37
CA VAL H 17 -77.71 -1.97 -8.32
C VAL H 17 -78.36 -1.86 -9.69
N VAL H 18 -79.68 -1.76 -9.71
CA VAL H 18 -80.42 -1.75 -10.94
C VAL H 18 -80.92 -0.39 -11.42
N ASP H 19 -81.25 -0.32 -12.70
CA ASP H 19 -81.76 0.90 -13.32
C ASP H 19 -83.21 1.08 -12.84
N ALA H 20 -83.65 2.32 -12.66
CA ALA H 20 -85.00 2.55 -12.15
C ALA H 20 -86.02 3.15 -13.13
N PRO H 21 -87.30 2.79 -12.96
CA PRO H 21 -88.41 3.29 -13.79
C PRO H 21 -88.65 4.72 -13.34
N CYS H 22 -89.41 5.49 -14.10
CA CYS H 22 -89.66 6.86 -13.71
C CYS H 22 -90.72 6.98 -12.64
N SER H 23 -90.70 8.11 -11.96
CA SER H 23 -91.68 8.43 -10.96
C SER H 23 -92.13 9.79 -11.45
N ILE H 24 -93.42 10.04 -11.47
CA ILE H 24 -93.90 11.33 -11.95
C ILE H 24 -94.38 12.20 -10.81
N SER H 25 -94.42 13.50 -11.06
CA SER H 25 -94.90 14.47 -10.09
C SER H 25 -95.30 15.72 -10.87
N GLN H 26 -96.10 16.55 -10.22
CA GLN H 26 -96.58 17.78 -10.81
C GLN H 26 -96.54 18.91 -9.80
N LYS H 27 -96.89 20.12 -10.22
CA LYS H 27 -96.87 21.24 -9.30
C LYS H 27 -97.86 20.89 -8.16
N SER H 28 -99.02 20.37 -8.55
CA SER H 28 -100.06 19.97 -7.59
C SER H 28 -99.72 18.65 -6.90
N ALA H 29 -99.85 18.61 -5.58
CA ALA H 29 -99.54 17.39 -4.82
C ALA H 29 -100.53 16.25 -5.12
N ASP H 30 -101.70 16.59 -5.66
CA ASP H 30 -102.69 15.57 -5.97
C ASP H 30 -102.68 15.27 -7.47
N GLN H 31 -101.58 15.67 -8.14
CA GLN H 31 -101.39 15.45 -9.56
C GLN H 31 -102.64 15.81 -10.37
N SER H 32 -103.04 17.06 -10.22
CA SER H 32 -104.21 17.57 -10.91
C SER H 32 -103.94 18.97 -11.47
N ILE H 33 -104.82 19.43 -12.34
CA ILE H 33 -104.73 20.77 -12.93
C ILE H 33 -106.15 21.32 -12.86
N ASP H 34 -106.29 22.51 -12.29
CA ASP H 34 -107.59 23.14 -12.14
C ASP H 34 -107.95 24.00 -13.34
N PHE H 35 -109.14 23.77 -13.90
CA PHE H 35 -109.58 24.54 -15.04
C PHE H 35 -110.33 25.79 -14.61
N GLY H 36 -110.66 25.88 -13.33
CA GLY H 36 -111.40 27.02 -12.85
C GLY H 36 -112.82 26.93 -13.36
N GLN H 37 -113.65 27.93 -13.03
CA GLN H 37 -115.03 27.91 -13.49
C GLN H 37 -115.15 28.04 -15.00
N LEU H 38 -116.17 27.42 -15.57
CA LEU H 38 -116.36 27.46 -17.02
C LEU H 38 -117.80 27.82 -17.37
N SER H 39 -117.95 28.71 -18.34
CA SER H 39 -119.25 29.16 -18.81
C SER H 39 -120.01 28.12 -19.61
N LYS H 40 -121.08 27.58 -19.03
CA LYS H 40 -121.89 26.58 -19.74
C LYS H 40 -122.48 27.26 -20.97
N SER H 41 -122.90 28.50 -20.80
CA SER H 41 -123.48 29.29 -21.89
C SER H 41 -122.37 29.78 -22.79
N PHE H 42 -121.43 28.90 -23.07
CA PHE H 42 -120.28 29.21 -23.92
C PHE H 42 -119.78 27.91 -24.53
N LEU H 43 -119.40 26.97 -23.67
CA LEU H 43 -118.92 25.68 -24.13
C LEU H 43 -119.97 25.01 -25.01
N GLU H 44 -121.23 25.30 -24.72
CA GLU H 44 -122.34 24.73 -25.47
C GLU H 44 -122.38 25.30 -26.88
N ALA H 45 -121.95 26.56 -27.00
CA ALA H 45 -121.94 27.24 -28.29
C ALA H 45 -120.73 26.87 -29.14
N GLY H 46 -119.88 25.96 -28.64
CA GLY H 46 -118.71 25.55 -29.39
C GLY H 46 -117.41 26.14 -28.88
N GLY H 47 -117.51 26.99 -27.86
CA GLY H 47 -116.31 27.61 -27.29
C GLY H 47 -115.42 26.60 -26.58
N VAL H 48 -114.14 26.94 -26.43
CA VAL H 48 -113.18 26.06 -25.77
C VAL H 48 -112.41 26.81 -24.70
N SER H 49 -112.26 26.20 -23.53
CA SER H 49 -111.57 26.83 -22.39
C SER H 49 -110.12 27.18 -22.62
N LYS H 50 -109.58 28.01 -21.73
CA LYS H 50 -108.19 28.42 -21.82
C LYS H 50 -107.33 27.16 -21.64
N PRO H 51 -106.27 27.02 -22.44
CA PRO H 51 -105.38 25.86 -22.35
C PRO H 51 -104.56 25.90 -21.07
N MET H 52 -104.62 24.80 -20.31
CA MET H 52 -103.89 24.69 -19.06
C MET H 52 -102.62 23.85 -19.24
N ASP H 53 -101.53 24.29 -18.62
CA ASP H 53 -100.28 23.54 -18.70
C ASP H 53 -100.40 22.23 -17.95
N LEU H 54 -100.02 21.12 -18.59
CA LEU H 54 -100.07 19.81 -17.96
C LEU H 54 -98.64 19.29 -18.02
N ASP H 55 -97.82 19.74 -17.07
CA ASP H 55 -96.42 19.37 -17.00
C ASP H 55 -96.19 18.14 -16.13
N ILE H 56 -95.49 17.16 -16.67
CA ILE H 56 -95.21 15.93 -15.96
C ILE H 56 -93.72 15.77 -15.75
N GLU H 57 -93.26 15.91 -14.51
CA GLU H 57 -91.84 15.75 -14.26
C GLU H 57 -91.47 14.28 -14.06
N LEU H 58 -90.39 13.87 -14.70
CA LEU H 58 -89.90 12.50 -14.62
C LEU H 58 -88.71 12.44 -13.68
N VAL H 59 -88.86 11.72 -12.58
CA VAL H 59 -87.80 11.60 -11.59
C VAL H 59 -87.29 10.17 -11.45
N ASN H 60 -86.10 10.02 -10.87
CA ASN H 60 -85.49 8.70 -10.63
C ASN H 60 -85.01 7.90 -11.83
N CYS H 61 -85.48 8.23 -13.03
CA CYS H 61 -85.09 7.46 -14.19
C CYS H 61 -84.12 8.15 -15.14
N ASP H 62 -83.56 7.36 -16.06
CA ASP H 62 -82.65 7.87 -17.05
C ASP H 62 -83.54 8.49 -18.14
N ILE H 63 -83.62 9.81 -18.14
CA ILE H 63 -84.46 10.53 -19.09
C ILE H 63 -84.19 10.33 -20.59
N THR H 64 -82.95 10.02 -20.95
CA THR H 64 -82.62 9.83 -22.37
C THR H 64 -83.49 8.79 -23.05
N ALA H 65 -83.76 7.69 -22.35
CA ALA H 65 -84.56 6.58 -22.88
C ALA H 65 -85.85 7.01 -23.60
N PHE H 66 -86.25 8.27 -23.41
CA PHE H 66 -87.46 8.78 -24.06
C PHE H 66 -87.11 9.39 -25.42
N LYS H 67 -86.45 10.54 -25.38
CA LYS H 67 -86.03 11.26 -26.58
C LYS H 67 -85.35 12.57 -26.18
N GLY H 68 -84.63 12.53 -25.06
CA GLY H 68 -83.95 13.72 -24.58
C GLY H 68 -82.82 13.41 -23.62
N GLY H 71 -87.19 12.62 -30.92
CA GLY H 71 -86.21 13.27 -30.07
C GLY H 71 -84.85 12.60 -30.15
N ALA H 72 -84.80 11.35 -29.70
CA ALA H 72 -83.55 10.57 -29.74
C ALA H 72 -83.63 9.59 -30.91
N LYS H 73 -82.66 8.70 -31.01
CA LYS H 73 -82.66 7.72 -32.09
C LYS H 73 -83.73 6.66 -31.86
N LYS H 74 -83.44 5.73 -30.94
CA LYS H 74 -84.36 4.64 -30.60
C LYS H 74 -85.06 4.96 -29.27
N GLY H 75 -85.62 3.92 -28.65
CA GLY H 75 -86.30 4.11 -27.37
C GLY H 75 -86.68 2.83 -26.67
N THR H 76 -86.31 2.74 -25.39
CA THR H 76 -86.60 1.57 -24.60
C THR H 76 -87.83 1.75 -23.69
N VAL H 77 -88.50 2.89 -23.81
CA VAL H 77 -89.67 3.16 -22.99
C VAL H 77 -90.83 3.73 -23.80
N LYS H 78 -91.97 3.03 -23.77
CA LYS H 78 -93.16 3.48 -24.51
C LYS H 78 -94.05 4.27 -23.57
N LEU H 79 -94.60 5.36 -24.10
CA LEU H 79 -95.45 6.26 -23.34
C LEU H 79 -96.86 6.25 -23.96
N ALA H 80 -97.90 6.29 -23.13
CA ALA H 80 -99.25 6.29 -23.66
C ALA H 80 -100.29 6.71 -22.62
N PHE H 81 -101.36 7.34 -23.08
CA PHE H 81 -102.43 7.77 -22.19
C PHE H 81 -103.61 6.84 -22.37
N THR H 82 -104.34 6.62 -21.29
CA THR H 82 -105.51 5.77 -21.32
C THR H 82 -106.57 6.39 -20.44
N GLY H 83 -107.83 6.24 -20.85
CA GLY H 83 -108.91 6.81 -20.07
C GLY H 83 -110.25 6.62 -20.75
N PRO H 84 -111.36 6.87 -20.04
CA PRO H 84 -112.68 6.72 -20.64
C PRO H 84 -112.81 7.65 -21.84
N ILE H 85 -112.92 7.03 -23.00
CA ILE H 85 -113.03 7.72 -24.28
C ILE H 85 -114.48 8.03 -24.61
N VAL H 86 -114.70 9.10 -25.36
CA VAL H 86 -116.04 9.48 -25.79
C VAL H 86 -116.29 8.72 -27.08
N ASN H 87 -117.51 8.23 -27.28
CA ASN H 87 -117.85 7.49 -28.49
C ASN H 87 -117.25 8.06 -29.78
N GLY H 88 -116.43 7.27 -30.45
CA GLY H 88 -115.80 7.69 -31.69
C GLY H 88 -114.88 8.90 -31.63
N HIS H 89 -114.25 9.12 -30.47
CA HIS H 89 -113.33 10.24 -30.31
C HIS H 89 -112.27 9.90 -29.27
N SER H 90 -111.29 9.12 -29.69
CA SER H 90 -110.21 8.69 -28.81
C SER H 90 -109.33 9.84 -28.37
N ASP H 91 -109.56 11.02 -28.92
CA ASP H 91 -108.77 12.18 -28.54
C ASP H 91 -109.54 13.08 -27.58
N GLU H 92 -110.72 12.61 -27.20
CA GLU H 92 -111.59 13.32 -26.27
C GLU H 92 -111.80 12.46 -25.04
N LEU H 93 -111.22 12.88 -23.93
CA LEU H 93 -111.35 12.16 -22.67
C LEU H 93 -112.68 12.54 -22.05
N ASP H 94 -113.47 11.55 -21.64
CA ASP H 94 -114.76 11.84 -21.04
C ASP H 94 -114.60 12.29 -19.60
N THR H 95 -115.51 13.14 -19.12
CA THR H 95 -115.42 13.64 -17.76
C THR H 95 -116.48 13.07 -16.81
N ASN H 96 -116.33 13.43 -15.53
CA ASN H 96 -117.24 13.00 -14.46
C ASN H 96 -118.16 14.16 -14.09
N GLY H 97 -119.32 13.81 -13.54
CA GLY H 97 -120.29 14.83 -13.14
C GLY H 97 -121.37 15.03 -14.19
N GLY H 98 -121.41 14.12 -15.17
CA GLY H 98 -122.39 14.21 -16.24
C GLY H 98 -122.53 15.57 -16.88
N THR H 99 -121.54 16.44 -16.67
CA THR H 99 -121.55 17.79 -17.21
C THR H 99 -121.54 17.87 -18.75
N GLY H 100 -121.48 16.72 -19.42
CA GLY H 100 -121.48 16.69 -20.87
C GLY H 100 -120.22 17.25 -21.54
N THR H 101 -119.24 17.63 -20.74
CA THR H 101 -118.00 18.18 -21.29
C THR H 101 -117.00 17.07 -21.61
N ALA H 102 -115.89 17.46 -22.22
CA ALA H 102 -114.83 16.52 -22.57
C ALA H 102 -113.50 17.26 -22.46
N ILE H 103 -112.43 16.49 -22.39
CA ILE H 103 -111.09 17.06 -22.27
C ILE H 103 -110.20 16.60 -23.42
N VAL H 104 -109.46 17.56 -23.98
CA VAL H 104 -108.54 17.28 -25.07
C VAL H 104 -107.15 17.73 -24.64
N VAL H 105 -106.20 16.82 -24.73
CA VAL H 105 -104.83 17.12 -24.35
C VAL H 105 -103.97 17.15 -25.60
N GLN H 106 -103.18 18.21 -25.75
CA GLN H 106 -102.30 18.35 -26.90
C GLN H 106 -100.85 18.26 -26.46
N GLY H 107 -100.09 17.41 -27.16
CA GLY H 107 -98.69 17.24 -26.86
C GLY H 107 -97.86 17.52 -28.09
N ALA H 108 -97.12 18.62 -28.07
CA ALA H 108 -96.27 19.02 -29.18
C ALA H 108 -97.10 19.16 -30.46
N GLY H 109 -98.20 19.89 -30.37
CA GLY H 109 -99.05 20.09 -31.53
C GLY H 109 -100.09 19.01 -31.72
N LYS H 110 -99.66 17.75 -31.82
CA LYS H 110 -100.58 16.63 -32.01
C LYS H 110 -101.48 16.43 -30.79
N ASN H 111 -102.68 15.90 -31.03
CA ASN H 111 -103.63 15.63 -29.98
C ASN H 111 -103.39 14.27 -29.36
N VAL H 112 -103.52 14.19 -28.04
CA VAL H 112 -103.31 12.93 -27.34
C VAL H 112 -104.50 11.99 -27.58
N VAL H 113 -104.19 10.72 -27.76
CA VAL H 113 -105.21 9.68 -27.95
C VAL H 113 -105.29 8.92 -26.63
N PHE H 114 -106.49 8.48 -26.23
CA PHE H 114 -106.61 7.78 -24.97
C PHE H 114 -106.93 6.30 -25.02
N ASP H 115 -106.48 5.61 -26.07
CA ASP H 115 -106.73 4.19 -26.19
C ASP H 115 -105.44 3.38 -26.00
N GLY H 116 -104.48 3.98 -25.31
CA GLY H 116 -103.24 3.28 -25.04
C GLY H 116 -102.22 3.21 -26.15
N SER H 117 -102.59 3.64 -27.36
CA SER H 117 -101.65 3.60 -28.47
C SER H 117 -100.45 4.48 -28.17
N GLU H 118 -99.30 4.12 -28.73
CA GLU H 118 -98.07 4.89 -28.49
C GLU H 118 -98.25 6.37 -28.77
N GLY H 119 -97.72 7.19 -27.86
CA GLY H 119 -97.79 8.63 -28.00
C GLY H 119 -96.41 9.22 -28.19
N ASP H 120 -96.35 10.38 -28.87
CA ASP H 120 -95.07 11.05 -29.13
C ASP H 120 -94.26 11.28 -27.85
N ALA H 121 -93.35 10.35 -27.57
CA ALA H 121 -92.48 10.45 -26.41
C ALA H 121 -91.31 11.36 -26.81
N ASN H 122 -91.59 12.66 -26.88
CA ASN H 122 -90.59 13.65 -27.26
C ASN H 122 -91.00 15.02 -26.76
N THR H 123 -92.29 15.16 -26.48
CA THR H 123 -92.88 16.40 -25.99
C THR H 123 -92.07 16.96 -24.81
N LEU H 124 -90.99 16.24 -24.48
CA LEU H 124 -90.10 16.61 -23.40
C LEU H 124 -89.23 17.79 -23.78
N LYS H 125 -89.63 18.98 -23.31
CA LYS H 125 -88.88 20.20 -23.60
C LYS H 125 -87.47 19.99 -23.04
N ASP H 126 -86.54 19.67 -23.94
CA ASP H 126 -85.17 19.39 -23.56
C ASP H 126 -84.53 20.44 -22.66
N GLY H 127 -83.37 20.09 -22.12
CA GLY H 127 -82.67 20.97 -21.21
C GLY H 127 -83.15 20.59 -19.82
N GLU H 128 -84.17 19.73 -19.78
CA GLU H 128 -84.74 19.28 -18.53
C GLU H 128 -85.44 17.91 -18.65
N ASN H 129 -86.15 17.54 -17.60
CA ASN H 129 -86.84 16.25 -17.54
C ASN H 129 -88.34 16.42 -17.35
N VAL H 130 -88.93 17.38 -18.03
CA VAL H 130 -90.36 17.60 -17.89
C VAL H 130 -91.11 17.47 -19.21
N LEU H 131 -92.17 16.66 -19.20
CA LEU H 131 -92.99 16.48 -20.39
C LEU H 131 -94.00 17.61 -20.38
N HIS H 132 -94.08 18.34 -21.48
CA HIS H 132 -95.02 19.44 -21.55
C HIS H 132 -96.23 19.14 -22.43
N TYR H 133 -97.41 19.22 -21.82
CA TYR H 133 -98.66 18.97 -22.53
C TYR H 133 -99.58 20.14 -22.29
N THR H 134 -100.69 20.17 -23.02
CA THR H 134 -101.67 21.23 -22.88
C THR H 134 -103.05 20.61 -22.87
N ALA H 135 -103.94 21.10 -22.00
CA ALA H 135 -105.28 20.55 -21.95
C ALA H 135 -106.35 21.62 -21.90
N VAL H 136 -107.49 21.33 -22.53
CA VAL H 136 -108.60 22.26 -22.56
C VAL H 136 -109.92 21.51 -22.41
N VAL H 137 -110.96 22.24 -22.05
CA VAL H 137 -112.29 21.67 -21.89
C VAL H 137 -113.18 22.18 -23.00
N LYS H 138 -114.05 21.30 -23.50
CA LYS H 138 -114.97 21.66 -24.56
C LYS H 138 -116.17 20.72 -24.53
N LYS H 139 -117.28 21.12 -25.14
CA LYS H 139 -118.46 20.28 -25.16
C LYS H 139 -118.08 18.95 -25.77
N SER H 140 -118.58 17.87 -25.20
CA SER H 140 -118.29 16.55 -25.74
C SER H 140 -118.87 16.50 -27.14
N SER H 141 -118.07 16.07 -28.11
CA SER H 141 -118.56 15.98 -29.48
C SER H 141 -119.25 14.64 -29.64
N ALA H 142 -119.97 14.23 -28.60
CA ALA H 142 -120.70 12.97 -28.59
C ALA H 142 -122.13 13.21 -29.10
N VAL H 143 -122.60 12.32 -29.97
CA VAL H 143 -123.94 12.41 -30.54
C VAL H 143 -125.03 12.78 -29.53
N GLY H 144 -125.57 13.99 -29.69
CA GLY H 144 -126.60 14.48 -28.81
C GLY H 144 -126.16 14.62 -27.36
N ALA H 145 -125.40 15.67 -27.07
CA ALA H 145 -124.91 15.92 -25.72
C ALA H 145 -125.14 17.38 -25.35
N ALA H 146 -125.37 17.64 -24.07
CA ALA H 146 -125.61 19.00 -23.62
C ALA H 146 -124.69 19.38 -22.48
N VAL H 147 -124.07 20.54 -22.59
CA VAL H 147 -123.16 21.02 -21.56
C VAL H 147 -123.93 21.56 -20.37
N THR H 148 -124.31 20.65 -19.47
CA THR H 148 -125.02 20.99 -18.26
C THR H 148 -123.99 21.20 -17.15
N GLU H 149 -123.17 22.23 -17.30
CA GLU H 149 -122.11 22.55 -16.36
C GLU H 149 -122.53 22.54 -14.88
N GLY H 150 -121.52 22.63 -14.01
CA GLY H 150 -121.75 22.63 -12.58
C GLY H 150 -120.43 22.35 -11.87
N ALA H 151 -119.79 21.24 -12.26
CA ALA H 151 -118.51 20.81 -11.72
C ALA H 151 -118.13 19.49 -12.38
N PHE H 152 -116.85 19.33 -12.71
CA PHE H 152 -116.43 18.09 -13.37
C PHE H 152 -115.00 17.69 -13.02
N SER H 153 -114.63 16.49 -13.43
CA SER H 153 -113.30 15.96 -13.19
C SER H 153 -113.11 14.67 -13.96
N ALA H 154 -111.87 14.30 -14.21
CA ALA H 154 -111.59 13.07 -14.93
C ALA H 154 -110.20 12.59 -14.59
N VAL H 155 -109.96 11.31 -14.80
CA VAL H 155 -108.67 10.71 -14.52
C VAL H 155 -108.11 10.05 -15.76
N ALA H 156 -106.84 10.35 -16.06
CA ALA H 156 -106.20 9.74 -17.21
C ALA H 156 -105.02 8.95 -16.70
N ASN H 157 -104.79 7.78 -17.28
CA ASN H 157 -103.66 6.98 -16.87
C ASN H 157 -102.47 7.28 -17.78
N PHE H 158 -101.34 7.57 -17.16
CA PHE H 158 -100.11 7.84 -17.89
C PHE H 158 -99.33 6.53 -17.81
N ASN H 159 -99.31 5.80 -18.93
CA ASN H 159 -98.66 4.51 -19.01
C ASN H 159 -97.24 4.51 -19.50
N LEU H 160 -96.33 3.98 -18.68
CA LEU H 160 -94.94 3.87 -19.08
C LEU H 160 -94.65 2.37 -19.12
N THR H 161 -94.39 1.85 -20.32
CA THR H 161 -94.11 0.45 -20.50
C THR H 161 -92.62 0.32 -20.84
N TYR H 162 -91.93 -0.54 -20.10
CA TYR H 162 -90.50 -0.75 -20.28
C TYR H 162 -90.23 -2.07 -20.97
N GLN H 163 -89.19 -2.10 -21.77
CA GLN H 163 -88.82 -3.33 -22.44
C GLN H 163 -87.40 -3.64 -22.04
S SO4 I . 118.40 -18.74 27.18
O1 SO4 I . 118.32 -17.90 28.39
O2 SO4 I . 119.42 -19.79 27.41
O3 SO4 I . 117.11 -19.39 26.90
O4 SO4 I . 118.76 -17.90 26.03
S SO4 J . 98.13 -16.53 30.77
O1 SO4 J . 96.95 -15.64 30.73
O2 SO4 J . 98.76 -16.42 32.09
O3 SO4 J . 97.72 -17.91 30.51
O4 SO4 J . 99.09 -16.12 29.72
S SO4 K . 80.51 -9.85 14.01
O1 SO4 K . 80.80 -9.00 15.18
O2 SO4 K . 81.73 -9.97 13.19
O3 SO4 K . 80.09 -11.19 14.49
O4 SO4 K . 79.42 -9.25 13.22
S SO4 L . 83.94 -14.99 17.67
O1 SO4 L . 84.52 -13.79 18.30
O2 SO4 L . 84.96 -16.04 17.59
O3 SO4 L . 82.79 -15.47 18.47
O4 SO4 L . 83.47 -14.64 16.31
S SO4 M . 79.68 -18.26 25.66
O1 SO4 M . 79.28 -17.31 26.72
O2 SO4 M . 81.05 -18.76 25.91
O3 SO4 M . 78.75 -19.42 25.66
O4 SO4 M . 79.63 -17.59 24.35
S SO4 N . 64.55 -84.29 53.33
O1 SO4 N . 64.59 -83.40 54.51
O2 SO4 N . 65.55 -85.37 53.52
O3 SO4 N . 63.22 -84.88 53.16
O4 SO4 N . 64.87 -83.51 52.12
S SO4 O . 43.86 -82.67 55.19
O1 SO4 O . 42.92 -81.58 55.46
O2 SO4 O . 44.40 -83.17 56.46
O3 SO4 O . 43.15 -83.76 54.48
O4 SO4 O . 44.95 -82.17 54.34
S SO4 P . 25.96 -76.54 37.84
O1 SO4 P . 24.89 -75.51 37.89
O2 SO4 P . 27.18 -76.02 38.46
O3 SO4 P . 25.50 -77.74 38.56
O4 SO4 P . 26.23 -76.88 36.43
S SO4 Q . -51.10 63.39 -38.56
O1 SO4 Q . -51.12 64.78 -38.07
O2 SO4 Q . -50.45 62.52 -37.56
O3 SO4 Q . -52.49 62.94 -38.78
O4 SO4 Q . -50.35 63.32 -39.84
S SO4 R . -90.72 -5.89 -26.60
O1 SO4 R . -91.86 -4.93 -26.55
O2 SO4 R . -89.48 -5.20 -26.17
O3 SO4 R . -91.00 -7.01 -25.69
O4 SO4 R . -90.57 -6.40 -27.98
S SO4 S . -107.35 -7.46 -20.06
O1 SO4 S . -106.11 -6.68 -19.97
O2 SO4 S . -107.08 -8.87 -19.74
O3 SO4 S . -108.36 -6.92 -19.13
O4 SO4 S . -107.87 -7.37 -21.45
S SO4 T . -105.41 -1.12 -18.92
O1 SO4 T . -105.06 0.31 -18.77
O2 SO4 T . -104.28 -1.96 -18.47
O3 SO4 T . -106.61 -1.42 -18.12
O4 SO4 T . -105.69 -1.41 -20.34
S SO4 U . -75.25 -3.08 -47.72
O1 SO4 U . -74.57 -2.43 -46.58
O2 SO4 U . -74.24 -3.66 -48.62
O3 SO4 U . -76.14 -4.14 -47.23
O4 SO4 U . -76.07 -2.07 -48.43
#